data_8CLC
#
_entry.id   8CLC
#
_cell.length_a   106.530
_cell.length_b   160.480
_cell.length_c   181.240
_cell.angle_alpha   90.00
_cell.angle_beta   90.00
_cell.angle_gamma   90.00
#
_symmetry.space_group_name_H-M   'P 21 21 21'
#
loop_
_entity.id
_entity.type
_entity.pdbx_description
1 polymer 'Tubulin alpha-1B chain'
2 polymer 'Tubulin beta-2B chain'
3 polymer Stathmin-4
4 polymer 'Tubulin-Tyrosine Ligase'
5 non-polymer "GUANOSINE-5'-TRIPHOSPHATE"
6 non-polymer 'MAGNESIUM ION'
7 non-polymer 'CALCIUM ION'
8 non-polymer "GUANOSINE-5'-DIPHOSPHATE"
9 non-polymer 'PHOSPHOMETHYLPHOSPHONIC ACID ADENYLATE ESTER'
10 water water
#
loop_
_entity_poly.entity_id
_entity_poly.type
_entity_poly.pdbx_seq_one_letter_code
_entity_poly.pdbx_strand_id
1 'polypeptide(L)'
;MRECISIHVGQAGVQIGNACWELYCLEHGIQPDGQMPSDKTIGGGDDSFNTFFSETGAGKHVPRAVFVDLEPTVIDEVRT
GTYRQLFHPEQLITGKEDAANNYARGHYTIGKEIIDLVLDRIRKLADQCTGLQGFLVFHSFGGGTGSGFTSLLMERLSVD
YGKKSKLEFSIYPAPQVSTAVVEPYNSILTTHTTLEHSDCAFMVDNEAIYDICRRNLDIERPTYTNLNRLISQIVSSITA
SLRFDGALNVDLTEFQTNLVPYPRIHFPLATYAPVISAEKAYHEQLSVAEITNACFEPANQMVKCDPRHGKYMACCLLYR
GDVVPKDVNAAIATIKTKRSIQFVDWCPTGFKVGINYQPPTVVPGGDLAKVQRAVCMLSNTTAIAEAWARLDHKFDLMYA
KRAFVHWYVGEGMEEGEFSEAREDMAALEKDYEEVGVDSV
;
A,C
2 'polypeptide(L)'
;REIVHIQAGQCGNQIGAKFWEVISDEHGIDPTGSYHGDSDLQLERINVYYNEATGNKYVPRAILVDLEPGTMDSVRSGPF
GQIFRPDNFVFGQSGAGNNWAKGHYTEGAELVDSVLDVVRKESESCDCLQGFQLTHSLGGGTGSGMGTLLISKIREEYPD
RIMNTFSVMPSPKVSDTVVEPYNATLSVHQLVENTDETYCIDNEALYDICFRTLKLTTPTYGDLNHLVSATMSGVTTCLR
FPGQLNADLRKLAVNMVPFPRLHFFMPGFAPLTSRGSQQYRALTVPELTQQMFDSKNMMAACDPRHGRYLTVAAIFRGRM
SMKEVDEQMLNVQNKNSSYFVEWIPNNVKTAVCDIPPRGLKMSATFIGNSTAIQELFKRISEQFTAMFRRKAFLHWYTGE
GMDEMEFTEAESNMNDLVSEYQQYQDATAD
;
B,D
3 'polypeptide(L)'
;MEVIELNKCTSGQSFEVILKPPSDPSLEEIQKKLEAAEERRKYQEAELLKHLAEKREHEREVIQKAIEENNNFIKMAKEK
LAQKMESNKENREAHLAAMLERLQEKDKHAEEVRKNKELKEEA
;
E
4 'polypeptide(L)'
;MYTFVVRDENSSVYAEVSRLLLATGQWKRLRKDNPRFNLMLGERNRLPFGRLGHEPGLVQLVNYYRGADKLCRKASLVKL
IKTSPELSESCTWFPESYVIYPTDEREVFLAAYNRRREGREGNVWIAKSSAGAISSEASELLDFIDEQGQVHVIQKYLEK
PLLLEPGHRKFDIRSWVLVDHLYNIYLYREGVLRTSSEPYNSADKTCHLTNHCIQYEEGNEMFFEEFNQYLMDALNTTLE
NSILLQIKHIIRSCLMCIEPAISTKHLHYQSFQLFGFDFMVDEELKVWLIEVNGAPACAQKLYAELCQGIVDVAISSVFP
LATSIFIKLHHH
;
F
#
loop_
_chem_comp.id
_chem_comp.type
_chem_comp.name
_chem_comp.formula
ACP non-polymer 'PHOSPHOMETHYLPHOSPHONIC ACID ADENYLATE ESTER' 'C11 H18 N5 O12 P3'
CA non-polymer 'CALCIUM ION' 'Ca 2'
GDP RNA linking GUANOSINE-5'-DIPHOSPHATE 'C10 H15 N5 O11 P2'
GTP non-polymer GUANOSINE-5'-TRIPHOSPHATE 'C10 H16 N5 O14 P3'
MG non-polymer 'MAGNESIUM ION' 'Mg 2'
#
# COMPACT_ATOMS: atom_id res chain seq x y z
N MET A 1 42.74 40.50 -45.50
CA MET A 1 42.62 39.68 -44.30
C MET A 1 41.15 39.53 -43.93
N ARG A 2 40.77 38.32 -43.49
CA ARG A 2 39.38 38.01 -43.17
C ARG A 2 39.34 37.21 -41.88
N GLU A 3 38.52 37.67 -40.93
CA GLU A 3 38.49 37.08 -39.59
C GLU A 3 37.43 35.99 -39.47
N CYS A 4 37.71 35.02 -38.61
CA CYS A 4 36.79 33.93 -38.31
C CYS A 4 36.42 33.96 -36.84
N ILE A 5 35.14 33.78 -36.55
CA ILE A 5 34.61 33.77 -35.20
C ILE A 5 34.21 32.34 -34.85
N SER A 6 34.70 31.85 -33.72
CA SER A 6 34.39 30.50 -33.25
C SER A 6 33.31 30.57 -32.17
N ILE A 7 32.33 29.68 -32.26
CA ILE A 7 31.24 29.58 -31.30
C ILE A 7 31.23 28.17 -30.73
N HIS A 8 31.21 28.06 -29.41
CA HIS A 8 31.25 26.78 -28.72
C HIS A 8 29.98 26.64 -27.89
N VAL A 9 29.18 25.63 -28.21
CA VAL A 9 27.86 25.44 -27.61
C VAL A 9 27.85 24.12 -26.86
N GLY A 10 27.29 24.12 -25.65
CA GLY A 10 27.18 22.92 -24.85
C GLY A 10 28.50 22.53 -24.21
N GLN A 11 28.43 21.48 -23.38
CA GLN A 11 29.61 21.00 -22.69
C GLN A 11 30.67 20.51 -23.67
N ALA A 12 30.25 19.70 -24.65
CA ALA A 12 31.20 19.15 -25.61
C ALA A 12 31.86 20.25 -26.43
N GLY A 13 31.10 21.25 -26.86
CA GLY A 13 31.67 22.34 -27.63
C GLY A 13 32.61 23.20 -26.80
N VAL A 14 32.29 23.42 -25.53
CA VAL A 14 33.14 24.25 -24.68
C VAL A 14 34.45 23.52 -24.37
N GLN A 15 34.36 22.26 -23.95
CA GLN A 15 35.56 21.53 -23.56
C GLN A 15 36.45 21.23 -24.77
N ILE A 16 35.85 20.97 -25.93
CA ILE A 16 36.64 20.84 -27.15
C ILE A 16 37.20 22.20 -27.55
N GLY A 17 36.41 23.26 -27.39
CA GLY A 17 36.92 24.59 -27.66
C GLY A 17 38.05 24.99 -26.74
N ASN A 18 38.03 24.52 -25.49
CA ASN A 18 39.14 24.78 -24.58
C ASN A 18 40.41 24.09 -25.04
N ALA A 19 40.30 22.84 -25.52
CA ALA A 19 41.47 22.11 -25.98
C ALA A 19 42.02 22.69 -27.27
N CYS A 20 41.16 23.20 -28.15
CA CYS A 20 41.63 23.75 -29.43
C CYS A 20 42.37 25.07 -29.22
N TRP A 21 41.81 25.97 -28.39
CA TRP A 21 42.43 27.26 -28.19
C TRP A 21 43.74 27.15 -27.42
N GLU A 22 43.86 26.15 -26.54
CA GLU A 22 45.15 25.86 -25.92
C GLU A 22 46.17 25.43 -26.97
N LEU A 23 45.74 24.65 -27.96
CA LEU A 23 46.64 24.19 -28.99
C LEU A 23 47.02 25.32 -29.94
N TYR A 24 46.07 26.20 -30.27
CA TYR A 24 46.37 27.34 -31.14
C TYR A 24 47.47 28.21 -30.54
N CYS A 25 47.41 28.44 -29.22
CA CYS A 25 48.42 29.26 -28.57
C CYS A 25 49.79 28.59 -28.61
N LEU A 26 49.82 27.27 -28.43
CA LEU A 26 51.09 26.55 -28.47
C LEU A 26 51.69 26.56 -29.87
N GLU A 27 50.86 26.52 -30.90
CA GLU A 27 51.35 26.51 -32.27
C GLU A 27 51.84 27.89 -32.69
N HIS A 28 51.12 28.94 -32.31
CA HIS A 28 51.49 30.30 -32.64
C HIS A 28 52.42 30.94 -31.60
N GLY A 29 52.76 30.22 -30.54
CA GLY A 29 53.62 30.79 -29.52
C GLY A 29 52.96 31.86 -28.68
N ILE A 30 51.65 31.78 -28.49
CA ILE A 30 50.91 32.74 -27.68
C ILE A 30 50.91 32.26 -26.24
N GLN A 31 51.30 33.14 -25.32
CA GLN A 31 51.38 32.80 -23.91
C GLN A 31 49.99 32.84 -23.27
N PRO A 32 49.81 32.15 -22.14
CA PRO A 32 48.48 32.14 -21.50
C PRO A 32 47.99 33.51 -21.06
N ASP A 33 48.88 34.49 -20.86
CA ASP A 33 48.49 35.83 -20.48
C ASP A 33 48.19 36.71 -21.69
N GLY A 34 48.04 36.13 -22.88
CA GLY A 34 47.72 36.89 -24.06
C GLY A 34 48.90 37.47 -24.80
N GLN A 35 50.09 37.47 -24.21
CA GLN A 35 51.25 38.06 -24.84
C GLN A 35 51.82 37.13 -25.91
N MET A 36 52.38 37.74 -26.95
CA MET A 36 52.98 37.01 -28.07
C MET A 36 54.33 37.66 -28.39
N PRO A 37 55.43 37.10 -27.88
CA PRO A 37 56.74 37.74 -28.10
C PRO A 37 57.17 37.75 -29.55
N SER A 38 56.80 36.73 -30.33
CA SER A 38 57.20 36.66 -31.73
C SER A 38 56.49 37.69 -32.59
N ASP A 39 55.43 38.31 -32.09
CA ASP A 39 54.68 39.31 -32.86
C ASP A 39 55.36 40.67 -32.72
N LYS A 40 55.68 41.28 -33.86
CA LYS A 40 56.35 42.57 -33.87
C LYS A 40 55.42 43.75 -34.09
N THR A 41 54.21 43.52 -34.61
CA THR A 41 53.22 44.57 -34.78
C THR A 41 52.35 44.60 -33.53
N ILE A 42 52.67 45.51 -32.62
CA ILE A 42 52.00 45.57 -31.32
C ILE A 42 50.66 46.28 -31.49
N GLY A 43 49.59 45.62 -31.04
CA GLY A 43 48.27 46.23 -31.02
C GLY A 43 47.52 46.21 -32.34
N GLY A 44 48.03 45.51 -33.35
CA GLY A 44 47.36 45.45 -34.63
C GLY A 44 48.22 44.70 -35.64
N GLY A 45 47.65 44.52 -36.82
CA GLY A 45 48.33 43.81 -37.88
C GLY A 45 47.35 43.05 -38.75
N ASP A 46 47.88 42.50 -39.84
CA ASP A 46 47.11 41.75 -40.81
C ASP A 46 47.77 40.41 -41.12
N ASP A 47 48.28 39.76 -40.08
CA ASP A 47 48.96 38.48 -40.25
C ASP A 47 47.94 37.35 -40.38
N SER A 48 48.44 36.13 -40.56
CA SER A 48 47.56 34.98 -40.75
C SER A 48 46.88 34.57 -39.45
N PHE A 49 47.61 34.64 -38.33
CA PHE A 49 46.99 34.29 -37.05
C PHE A 49 45.97 35.32 -36.60
N ASN A 50 45.92 36.50 -37.23
CA ASN A 50 44.93 37.51 -36.88
C ASN A 50 43.52 37.12 -37.32
N THR A 51 43.38 36.13 -38.19
CA THR A 51 42.04 35.64 -38.53
C THR A 51 41.37 34.96 -37.34
N PHE A 52 42.15 34.48 -36.36
CA PHE A 52 41.62 33.83 -35.18
C PHE A 52 41.90 34.57 -33.89
N PHE A 53 42.83 35.53 -33.88
CA PHE A 53 43.20 36.26 -32.69
C PHE A 53 43.12 37.77 -32.95
N SER A 54 42.57 38.50 -31.99
CA SER A 54 42.53 39.95 -32.02
C SER A 54 43.47 40.49 -30.96
N GLU A 55 43.98 41.70 -31.19
CA GLU A 55 45.02 42.28 -30.36
C GLU A 55 44.55 43.56 -29.71
N THR A 56 44.83 43.70 -28.41
CA THR A 56 44.53 44.89 -27.65
C THR A 56 45.70 45.86 -27.72
N GLY A 57 45.55 47.03 -27.11
CA GLY A 57 46.61 48.02 -27.12
C GLY A 57 47.85 47.57 -26.37
N ALA A 58 47.68 46.70 -25.38
CA ALA A 58 48.79 46.20 -24.58
C ALA A 58 49.45 44.95 -25.18
N GLY A 59 49.27 44.72 -26.49
CA GLY A 59 49.87 43.57 -27.12
C GLY A 59 49.25 42.24 -26.72
N LYS A 60 48.07 42.26 -26.12
CA LYS A 60 47.41 41.03 -25.67
C LYS A 60 46.58 40.46 -26.82
N HIS A 61 46.78 39.17 -27.09
CA HIS A 61 46.11 38.49 -28.21
C HIS A 61 44.89 37.74 -27.67
N VAL A 62 43.72 38.16 -28.12
CA VAL A 62 42.44 37.65 -27.62
C VAL A 62 41.84 36.73 -28.66
N PRO A 63 41.40 35.52 -28.30
CA PRO A 63 40.73 34.65 -29.27
C PRO A 63 39.40 35.23 -29.71
N ARG A 64 39.13 35.17 -31.01
CA ARG A 64 37.83 35.57 -31.56
C ARG A 64 36.85 34.41 -31.36
N ALA A 65 36.47 34.21 -30.10
CA ALA A 65 35.66 33.07 -29.70
C ALA A 65 34.52 33.51 -28.79
N VAL A 66 33.45 32.72 -28.81
CA VAL A 66 32.30 32.89 -27.93
C VAL A 66 31.95 31.54 -27.34
N PHE A 67 31.86 31.47 -26.01
CA PHE A 67 31.51 30.26 -25.29
C PHE A 67 30.10 30.40 -24.73
N VAL A 68 29.23 29.46 -25.07
CA VAL A 68 27.84 29.49 -24.63
C VAL A 68 27.49 28.14 -24.02
N ASP A 69 26.95 28.16 -22.80
CA ASP A 69 26.44 26.96 -22.16
C ASP A 69 25.31 27.37 -21.23
N LEU A 70 24.28 26.51 -21.15
CA LEU A 70 23.12 26.79 -20.33
C LEU A 70 23.33 26.45 -18.86
N GLU A 71 24.53 26.00 -18.51
CA GLU A 71 24.87 25.67 -17.11
C GLU A 71 26.27 26.24 -16.86
N PRO A 72 26.61 26.76 -15.68
CA PRO A 72 27.89 27.46 -15.51
C PRO A 72 29.06 26.56 -15.11
N THR A 73 28.84 25.28 -14.85
CA THR A 73 29.92 24.44 -14.35
C THR A 73 31.01 24.24 -15.39
N VAL A 74 30.64 24.02 -16.66
CA VAL A 74 31.64 23.77 -17.68
C VAL A 74 32.36 25.05 -18.08
N ILE A 75 31.65 26.18 -18.07
CA ILE A 75 32.29 27.45 -18.43
C ILE A 75 33.28 27.88 -17.34
N ASP A 76 32.97 27.56 -16.08
CA ASP A 76 33.88 27.92 -14.98
C ASP A 76 35.24 27.26 -15.15
N GLU A 77 35.30 26.13 -15.86
CA GLU A 77 36.58 25.51 -16.15
C GLU A 77 37.46 26.43 -16.99
N VAL A 78 36.85 27.14 -17.96
CA VAL A 78 37.59 28.09 -18.77
C VAL A 78 37.91 29.35 -17.96
N ARG A 79 36.98 29.77 -17.10
CA ARG A 79 37.14 31.01 -16.35
C ARG A 79 38.22 30.91 -15.28
N THR A 80 38.52 29.71 -14.80
CA THR A 80 39.56 29.51 -13.79
C THR A 80 40.66 28.56 -14.26
N GLY A 81 40.73 28.30 -15.57
CA GLY A 81 41.70 27.39 -16.12
C GLY A 81 43.07 27.99 -16.27
N THR A 82 43.90 27.32 -17.07
CA THR A 82 45.26 27.81 -17.32
C THR A 82 45.25 29.06 -18.18
N TYR A 83 44.34 29.13 -19.15
CA TYR A 83 44.20 30.30 -20.03
C TYR A 83 43.03 31.18 -19.62
N ARG A 84 42.85 31.36 -18.31
CA ARG A 84 41.73 32.14 -17.81
C ARG A 84 41.85 33.61 -18.22
N GLN A 85 43.08 34.14 -18.24
CA GLN A 85 43.29 35.53 -18.62
C GLN A 85 43.20 35.75 -20.12
N LEU A 86 43.13 34.68 -20.92
CA LEU A 86 43.08 34.83 -22.37
C LEU A 86 41.76 35.45 -22.82
N PHE A 87 40.67 35.18 -22.10
CA PHE A 87 39.34 35.56 -22.53
C PHE A 87 38.80 36.71 -21.69
N HIS A 88 37.94 37.51 -22.29
CA HIS A 88 37.20 38.52 -21.57
C HIS A 88 35.97 37.90 -20.90
N PRO A 89 35.51 38.47 -19.80
CA PRO A 89 34.29 37.93 -19.15
C PRO A 89 33.07 37.95 -20.06
N GLU A 90 33.07 38.79 -21.10
CA GLU A 90 31.92 38.91 -21.99
C GLU A 90 31.90 37.84 -23.07
N GLN A 91 33.00 37.11 -23.27
CA GLN A 91 33.05 36.01 -24.23
C GLN A 91 32.46 34.72 -23.67
N LEU A 92 32.11 34.69 -22.39
CA LEU A 92 31.60 33.49 -21.73
C LEU A 92 30.18 33.76 -21.27
N ILE A 93 29.23 32.95 -21.74
CA ILE A 93 27.82 33.10 -21.42
C ILE A 93 27.34 31.83 -20.74
N THR A 94 26.83 31.97 -19.53
CA THR A 94 26.31 30.85 -18.76
C THR A 94 24.84 31.06 -18.45
N GLY A 95 24.07 29.97 -18.53
CA GLY A 95 22.70 29.96 -18.05
C GLY A 95 22.61 29.41 -16.64
N LYS A 96 21.38 29.23 -16.17
CA LYS A 96 21.12 28.67 -14.86
C LYS A 96 20.63 27.23 -14.92
N GLU A 97 19.80 26.90 -15.91
CA GLU A 97 19.25 25.57 -16.08
C GLU A 97 19.63 25.06 -17.47
N ASP A 98 20.14 23.83 -17.54
CA ASP A 98 20.51 23.27 -18.83
C ASP A 98 19.26 22.70 -19.52
N ALA A 99 19.48 22.08 -20.68
CA ALA A 99 18.38 21.57 -21.49
C ALA A 99 17.98 20.14 -21.14
N ALA A 100 18.65 19.52 -20.16
CA ALA A 100 18.29 18.19 -19.68
C ALA A 100 18.27 17.15 -20.79
N ASN A 101 19.25 17.25 -21.70
CA ASN A 101 19.36 16.34 -22.85
C ASN A 101 18.08 16.33 -23.69
N ASN A 102 17.37 17.46 -23.71
CA ASN A 102 16.10 17.60 -24.42
C ASN A 102 16.30 18.65 -25.51
N TYR A 103 16.19 18.22 -26.76
CA TYR A 103 16.31 19.16 -27.88
C TYR A 103 15.26 20.25 -27.78
N ALA A 104 14.02 19.87 -27.42
CA ALA A 104 12.95 20.86 -27.31
C ALA A 104 13.24 21.89 -26.23
N ARG A 105 13.91 21.48 -25.16
CA ARG A 105 14.19 22.41 -24.07
C ARG A 105 15.26 23.43 -24.46
N GLY A 106 16.28 23.00 -25.19
CA GLY A 106 17.34 23.91 -25.61
C GLY A 106 16.96 24.79 -26.78
N HIS A 107 16.02 24.36 -27.61
CA HIS A 107 15.62 25.12 -28.79
C HIS A 107 14.47 26.09 -28.51
N TYR A 108 13.43 25.62 -27.84
CA TYR A 108 12.20 26.39 -27.67
C TYR A 108 12.09 27.06 -26.31
N THR A 109 12.42 26.36 -25.23
CA THR A 109 12.20 26.90 -23.87
C THR A 109 13.36 27.79 -23.44
N ILE A 110 14.53 27.19 -23.18
CA ILE A 110 15.67 27.97 -22.71
C ILE A 110 16.26 28.81 -23.84
N GLY A 111 16.20 28.31 -25.08
CA GLY A 111 16.78 29.04 -26.18
C GLY A 111 16.08 30.35 -26.49
N LYS A 112 14.77 30.42 -26.21
CA LYS A 112 14.02 31.64 -26.49
C LYS A 112 14.48 32.81 -25.63
N GLU A 113 14.90 32.53 -24.39
CA GLU A 113 15.22 33.58 -23.42
C GLU A 113 16.72 33.89 -23.37
N ILE A 114 17.51 33.37 -24.30
CA ILE A 114 18.96 33.57 -24.24
C ILE A 114 19.53 33.81 -25.64
N ILE A 115 18.69 33.67 -26.66
CA ILE A 115 19.18 33.78 -28.04
C ILE A 115 19.63 35.21 -28.33
N ASP A 116 18.93 36.21 -27.79
CA ASP A 116 19.29 37.59 -28.09
C ASP A 116 20.55 38.02 -27.36
N LEU A 117 20.80 37.47 -26.17
CA LEU A 117 22.04 37.77 -25.46
C LEU A 117 23.24 37.21 -26.21
N VAL A 118 23.14 35.97 -26.69
CA VAL A 118 24.25 35.35 -27.40
C VAL A 118 24.56 36.10 -28.69
N LEU A 119 23.52 36.52 -29.42
CA LEU A 119 23.74 37.28 -30.64
C LEU A 119 24.33 38.65 -30.35
N ASP A 120 23.99 39.24 -29.20
CA ASP A 120 24.57 40.53 -28.84
C ASP A 120 26.07 40.40 -28.57
N ARG A 121 26.49 39.35 -27.88
CA ARG A 121 27.91 39.12 -27.66
C ARG A 121 28.62 38.73 -28.95
N ILE A 122 27.89 38.13 -29.89
CA ILE A 122 28.48 37.79 -31.19
C ILE A 122 28.69 39.05 -32.02
N ARG A 123 27.68 39.93 -32.05
CA ARG A 123 27.79 41.16 -32.84
C ARG A 123 28.91 42.06 -32.34
N LYS A 124 29.25 41.98 -31.06
CA LYS A 124 30.32 42.80 -30.53
C LYS A 124 31.67 42.38 -31.08
N LEU A 125 31.84 41.09 -31.38
CA LEU A 125 33.06 40.62 -32.03
C LEU A 125 33.03 40.88 -33.53
N ALA A 126 31.84 40.80 -34.15
CA ALA A 126 31.74 41.02 -35.58
C ALA A 126 32.04 42.48 -35.94
N ASP A 127 31.64 43.41 -35.07
CA ASP A 127 31.94 44.82 -35.31
C ASP A 127 33.44 45.11 -35.24
N GLN A 128 34.20 44.24 -34.60
CA GLN A 128 35.66 44.36 -34.56
C GLN A 128 36.34 43.70 -35.76
N CYS A 129 35.56 43.28 -36.75
CA CYS A 129 36.08 42.57 -37.91
C CYS A 129 36.01 43.47 -39.13
N THR A 130 37.14 43.60 -39.84
CA THR A 130 37.17 44.39 -41.08
C THR A 130 36.58 43.62 -42.25
N GLY A 131 36.69 42.29 -42.24
CA GLY A 131 36.14 41.47 -43.30
C GLY A 131 35.78 40.08 -42.82
N LEU A 132 34.81 39.99 -41.92
CA LEU A 132 34.38 38.70 -41.37
C LEU A 132 33.94 37.76 -42.48
N GLN A 133 34.53 36.56 -42.51
CA GLN A 133 34.21 35.59 -43.54
C GLN A 133 33.18 34.56 -43.12
N GLY A 134 33.10 34.24 -41.83
CA GLY A 134 32.10 33.28 -41.39
C GLY A 134 32.35 32.82 -39.96
N PHE A 135 31.69 31.73 -39.60
CA PHE A 135 31.72 31.20 -38.24
C PHE A 135 32.06 29.72 -38.26
N LEU A 136 32.63 29.26 -37.14
CA LEU A 136 32.86 27.85 -36.88
C LEU A 136 32.14 27.50 -35.58
N VAL A 137 31.22 26.53 -35.65
CA VAL A 137 30.35 26.19 -34.54
C VAL A 137 30.72 24.81 -34.03
N PHE A 138 31.04 24.73 -32.74
CA PHE A 138 31.43 23.48 -32.09
C PHE A 138 30.30 23.04 -31.16
N HIS A 139 29.77 21.85 -31.38
CA HIS A 139 28.63 21.38 -30.61
C HIS A 139 28.53 19.86 -30.76
N SER A 140 27.77 19.26 -29.85
CA SER A 140 27.49 17.83 -29.89
C SER A 140 26.10 17.58 -30.49
N PHE A 141 25.86 16.32 -30.83
CA PHE A 141 24.58 15.91 -31.41
C PHE A 141 23.56 15.53 -30.34
N GLY A 142 24.00 14.89 -29.26
CA GLY A 142 23.09 14.30 -28.31
C GLY A 142 22.68 15.21 -27.16
N GLY A 143 23.48 16.21 -26.86
CA GLY A 143 23.16 17.12 -25.78
C GLY A 143 21.96 17.99 -26.10
N GLY A 144 21.25 18.41 -25.05
CA GLY A 144 20.12 19.28 -25.26
C GLY A 144 20.52 20.67 -25.72
N THR A 145 21.57 21.23 -25.11
CA THR A 145 22.07 22.53 -25.55
C THR A 145 22.83 22.41 -26.87
N GLY A 146 23.68 21.38 -27.00
CA GLY A 146 24.48 21.24 -28.19
C GLY A 146 23.68 20.99 -29.44
N SER A 147 22.47 20.43 -29.30
CA SER A 147 21.59 20.18 -30.44
C SER A 147 20.45 21.18 -30.52
N GLY A 148 19.77 21.43 -29.41
CA GLY A 148 18.64 22.33 -29.39
C GLY A 148 19.00 23.78 -29.64
N PHE A 149 19.91 24.31 -28.82
CA PHE A 149 20.26 25.73 -28.92
C PHE A 149 21.10 26.01 -30.16
N THR A 150 21.97 25.07 -30.56
CA THR A 150 22.77 25.27 -31.76
C THR A 150 21.88 25.44 -32.99
N SER A 151 20.83 24.62 -33.09
CA SER A 151 19.92 24.72 -34.23
C SER A 151 19.29 26.10 -34.33
N LEU A 152 18.92 26.69 -33.20
CA LEU A 152 18.36 28.03 -33.23
C LEU A 152 19.40 29.08 -33.57
N LEU A 153 20.65 28.87 -33.15
CA LEU A 153 21.71 29.84 -33.44
C LEU A 153 22.01 29.90 -34.93
N MET A 154 22.07 28.75 -35.60
CA MET A 154 22.34 28.74 -37.04
C MET A 154 21.18 29.34 -37.82
N GLU A 155 19.94 29.13 -37.35
CA GLU A 155 18.80 29.74 -38.00
C GLU A 155 18.86 31.27 -37.91
N ARG A 156 19.34 31.77 -36.78
CA ARG A 156 19.44 33.22 -36.59
C ARG A 156 20.69 33.79 -37.26
N LEU A 157 21.79 33.02 -37.26
CA LEU A 157 23.01 33.48 -37.91
C LEU A 157 22.81 33.66 -39.42
N SER A 158 21.97 32.80 -40.03
CA SER A 158 21.66 32.96 -41.44
C SER A 158 20.89 34.25 -41.71
N VAL A 159 20.17 34.75 -40.71
CA VAL A 159 19.42 35.99 -40.88
C VAL A 159 20.29 37.20 -40.62
N ASP A 160 20.99 37.22 -39.49
CA ASP A 160 21.77 38.43 -39.12
C ASP A 160 23.07 38.52 -39.94
N TYR A 161 23.63 37.37 -40.35
CA TYR A 161 24.87 37.37 -41.12
C TYR A 161 24.68 36.53 -42.39
N GLY A 162 23.80 36.99 -43.26
CA GLY A 162 23.63 36.34 -44.54
C GLY A 162 24.89 36.44 -45.39
N LYS A 163 24.98 35.52 -46.35
CA LYS A 163 26.10 35.38 -47.30
C LYS A 163 27.40 34.99 -46.61
N LYS A 164 27.42 34.84 -45.29
CA LYS A 164 28.61 34.38 -44.58
C LYS A 164 28.60 32.87 -44.47
N SER A 165 29.80 32.29 -44.42
CA SER A 165 29.92 30.84 -44.34
C SER A 165 29.75 30.37 -42.89
N LYS A 166 29.27 29.13 -42.75
CA LYS A 166 29.09 28.52 -41.44
C LYS A 166 29.61 27.09 -41.49
N LEU A 167 30.61 26.80 -40.67
CA LEU A 167 31.22 25.48 -40.62
C LEU A 167 30.94 24.82 -39.27
N GLU A 168 30.59 23.55 -39.30
CA GLU A 168 30.25 22.80 -38.10
C GLU A 168 31.37 21.83 -37.73
N PHE A 169 31.60 21.70 -36.42
CA PHE A 169 32.39 20.61 -35.86
C PHE A 169 31.47 19.87 -34.89
N SER A 170 30.94 18.74 -35.34
CA SER A 170 29.90 18.03 -34.60
C SER A 170 30.46 16.77 -33.96
N ILE A 171 29.80 16.33 -32.89
CA ILE A 171 30.20 15.13 -32.16
C ILE A 171 29.07 14.11 -32.32
N TYR A 172 29.32 13.09 -33.14
CA TYR A 172 28.31 12.04 -33.38
C TYR A 172 28.16 11.20 -32.11
N PRO A 173 26.92 10.83 -31.74
CA PRO A 173 26.68 10.12 -30.49
C PRO A 173 27.22 8.68 -30.43
N ALA A 174 27.89 8.33 -29.33
CA ALA A 174 28.43 6.97 -29.14
C ALA A 174 28.05 6.45 -27.75
N PRO A 175 27.51 5.24 -27.64
CA PRO A 175 27.02 4.71 -26.36
C PRO A 175 28.05 4.46 -25.24
N GLN A 176 29.33 4.35 -25.61
CA GLN A 176 30.38 4.06 -24.61
C GLN A 176 30.60 5.28 -23.70
N VAL A 177 30.23 6.47 -24.20
CA VAL A 177 30.42 7.72 -23.42
C VAL A 177 29.13 8.53 -23.41
N SER A 178 28.04 7.95 -23.87
CA SER A 178 26.73 8.67 -23.92
C SER A 178 26.14 8.76 -22.52
N THR A 179 25.33 9.79 -22.28
CA THR A 179 24.77 10.02 -20.93
C THR A 179 23.23 10.01 -21.03
N ALA A 180 22.71 9.88 -22.24
CA ALA A 180 21.25 9.93 -22.43
C ALA A 180 20.84 8.89 -23.48
N VAL A 181 19.61 8.41 -23.37
CA VAL A 181 19.11 7.37 -24.33
C VAL A 181 18.38 8.09 -25.45
N VAL A 182 18.16 9.39 -25.32
CA VAL A 182 17.35 10.15 -26.30
C VAL A 182 18.28 10.88 -27.27
N GLU A 183 19.58 10.64 -27.15
CA GLU A 183 20.57 11.29 -28.05
C GLU A 183 20.20 11.03 -29.52
N PRO A 184 19.83 9.81 -29.93
CA PRO A 184 19.40 9.58 -31.31
C PRO A 184 18.36 10.59 -31.80
N TYR A 185 17.34 10.87 -30.99
CA TYR A 185 16.27 11.83 -31.35
C TYR A 185 16.87 13.22 -31.56
N ASN A 186 17.52 13.74 -30.52
CA ASN A 186 18.14 15.08 -30.58
C ASN A 186 19.05 15.20 -31.81
N SER A 187 19.76 14.13 -32.16
CA SER A 187 20.71 14.15 -33.29
C SER A 187 19.97 14.40 -34.60
N ILE A 188 18.96 13.60 -34.89
CA ILE A 188 18.17 13.74 -36.14
C ILE A 188 17.53 15.12 -36.18
N LEU A 189 17.02 15.60 -35.04
CA LEU A 189 16.30 16.89 -35.01
C LEU A 189 17.24 18.04 -35.41
N THR A 190 18.43 18.11 -34.79
CA THR A 190 19.36 19.23 -35.08
C THR A 190 19.88 19.11 -36.51
N THR A 191 20.06 17.89 -37.00
CA THR A 191 20.63 17.70 -38.35
C THR A 191 19.65 18.25 -39.38
N HIS A 192 18.36 18.05 -39.18
CA HIS A 192 17.35 18.48 -40.17
C HIS A 192 17.15 20.00 -40.12
N THR A 193 17.31 20.58 -38.95
CA THR A 193 17.03 22.02 -38.79
C THR A 193 18.28 22.85 -39.08
N THR A 194 19.41 22.19 -39.37
CA THR A 194 20.68 22.93 -39.62
C THR A 194 21.19 22.60 -41.02
N LEU A 195 20.65 21.57 -41.66
CA LEU A 195 21.16 21.12 -42.98
C LEU A 195 21.21 22.29 -43.97
N GLU A 196 20.35 23.28 -43.81
CA GLU A 196 20.28 24.39 -44.80
C GLU A 196 21.00 25.62 -44.26
N HIS A 197 21.55 25.53 -43.06
CA HIS A 197 22.24 26.69 -42.43
C HIS A 197 23.71 26.33 -42.21
N SER A 198 24.13 25.18 -42.75
CA SER A 198 25.56 24.80 -42.65
C SER A 198 26.11 24.54 -44.05
N ASP A 199 27.34 24.97 -44.30
CA ASP A 199 27.97 24.80 -45.64
C ASP A 199 28.89 23.59 -45.60
N CYS A 200 29.50 23.30 -44.44
CA CYS A 200 30.38 22.12 -44.28
C CYS A 200 30.32 21.69 -42.82
N ALA A 201 30.20 20.38 -42.60
CA ALA A 201 30.16 19.86 -41.21
C ALA A 201 31.17 18.73 -41.05
N PHE A 202 32.08 18.89 -40.09
CA PHE A 202 33.07 17.83 -39.79
C PHE A 202 32.51 17.01 -38.62
N MET A 203 32.04 15.80 -38.91
CA MET A 203 31.43 14.93 -37.87
C MET A 203 32.52 14.09 -37.21
N VAL A 204 32.53 14.05 -35.87
CA VAL A 204 33.51 13.21 -35.14
C VAL A 204 32.74 12.21 -34.29
N ASP A 205 32.82 10.92 -34.63
CA ASP A 205 32.17 9.87 -33.83
C ASP A 205 33.04 9.58 -32.60
N ASN A 206 32.44 9.66 -31.41
CA ASN A 206 33.19 9.43 -30.16
C ASN A 206 33.58 7.96 -30.10
N GLU A 207 32.92 7.12 -30.88
CA GLU A 207 33.26 5.69 -30.95
C GLU A 207 34.62 5.56 -31.62
N ALA A 208 34.84 6.32 -32.70
CA ALA A 208 36.13 6.20 -33.37
C ALA A 208 37.26 6.79 -32.52
N ILE A 209 37.04 7.97 -31.94
CA ILE A 209 38.05 8.59 -31.09
C ILE A 209 38.34 7.70 -29.88
N TYR A 210 37.30 7.05 -29.35
CA TYR A 210 37.48 6.17 -28.20
C TYR A 210 38.40 5.01 -28.54
N ASP A 211 38.18 4.37 -29.69
CA ASP A 211 38.98 3.20 -30.05
C ASP A 211 40.39 3.58 -30.46
N ILE A 212 40.57 4.74 -31.09
CA ILE A 212 41.91 5.20 -31.44
C ILE A 212 42.73 5.45 -30.18
N CYS A 213 42.11 6.01 -29.15
CA CYS A 213 42.80 6.19 -27.88
C CYS A 213 43.14 4.87 -27.23
N ARG A 214 42.30 3.85 -27.40
CA ARG A 214 42.56 2.57 -26.77
C ARG A 214 43.61 1.76 -27.52
N ARG A 215 43.55 1.73 -28.85
CA ARG A 215 44.46 0.91 -29.63
C ARG A 215 45.80 1.61 -29.83
N ASN A 216 45.79 2.82 -30.38
CA ASN A 216 47.03 3.48 -30.78
C ASN A 216 47.76 4.15 -29.62
N LEU A 217 47.05 4.50 -28.54
CA LEU A 217 47.63 5.28 -27.46
C LEU A 217 47.67 4.54 -26.13
N ASP A 218 47.14 3.31 -26.06
CA ASP A 218 47.25 2.45 -24.89
C ASP A 218 46.58 3.03 -23.65
N ILE A 219 45.54 3.84 -23.82
CA ILE A 219 44.69 4.23 -22.70
C ILE A 219 43.63 3.15 -22.50
N GLU A 220 43.58 2.57 -21.29
CA GLU A 220 42.62 1.52 -21.00
C GLU A 220 41.20 2.06 -21.02
N ARG A 221 40.94 3.14 -20.32
CA ARG A 221 39.59 3.74 -20.33
C ARG A 221 39.70 5.23 -20.62
N PRO A 222 39.62 5.66 -21.89
CA PRO A 222 39.76 7.07 -22.27
C PRO A 222 38.66 7.92 -21.66
N THR A 223 39.03 9.13 -21.24
CA THR A 223 38.11 10.11 -20.72
C THR A 223 37.94 11.23 -21.75
N TYR A 224 37.14 12.24 -21.39
CA TYR A 224 36.93 13.37 -22.28
C TYR A 224 38.23 14.12 -22.55
N THR A 225 39.13 14.18 -21.56
CA THR A 225 40.41 14.84 -21.76
C THR A 225 41.23 14.13 -22.83
N ASN A 226 41.21 12.79 -22.83
CA ASN A 226 41.91 12.04 -23.86
C ASN A 226 41.27 12.25 -25.23
N LEU A 227 39.95 12.15 -25.30
CA LEU A 227 39.25 12.32 -26.56
C LEU A 227 39.44 13.74 -27.11
N ASN A 228 39.31 14.75 -26.25
CA ASN A 228 39.35 16.13 -26.73
C ASN A 228 40.75 16.52 -27.22
N ARG A 229 41.80 16.00 -26.58
CA ARG A 229 43.15 16.31 -27.04
C ARG A 229 43.43 15.70 -28.41
N LEU A 230 42.86 14.53 -28.70
CA LEU A 230 43.00 13.96 -30.03
C LEU A 230 42.14 14.70 -31.04
N ILE A 231 40.92 15.09 -30.63
CA ILE A 231 40.03 15.80 -31.54
C ILE A 231 40.59 17.17 -31.91
N SER A 232 41.19 17.86 -30.93
CA SER A 232 41.76 19.17 -31.21
C SER A 232 42.92 19.09 -32.20
N GLN A 233 43.62 17.95 -32.23
CA GLN A 233 44.68 17.77 -33.23
C GLN A 233 44.10 17.71 -34.64
N ILE A 234 42.93 17.10 -34.81
CA ILE A 234 42.28 17.08 -36.11
C ILE A 234 41.71 18.45 -36.44
N VAL A 235 41.07 19.10 -35.47
CA VAL A 235 40.53 20.44 -35.69
C VAL A 235 41.65 21.42 -36.01
N SER A 236 42.81 21.25 -35.38
CA SER A 236 43.93 22.14 -35.62
C SER A 236 44.42 22.05 -37.07
N SER A 237 44.63 20.82 -37.55
CA SER A 237 45.13 20.64 -38.91
C SER A 237 44.10 20.97 -39.98
N ILE A 238 42.81 21.02 -39.61
CA ILE A 238 41.80 21.45 -40.56
C ILE A 238 41.76 22.97 -40.66
N THR A 239 41.92 23.66 -39.52
CA THR A 239 41.88 25.11 -39.49
C THR A 239 43.25 25.76 -39.65
N ALA A 240 44.32 24.96 -39.79
CA ALA A 240 45.66 25.51 -39.95
C ALA A 240 45.83 26.33 -41.21
N SER A 241 45.02 26.07 -42.24
CA SER A 241 45.11 26.85 -43.46
C SER A 241 44.56 28.26 -43.27
N LEU A 242 43.65 28.45 -42.32
CA LEU A 242 43.15 29.79 -42.02
C LEU A 242 44.12 30.58 -41.16
N ARG A 243 44.91 29.89 -40.32
CA ARG A 243 45.78 30.55 -39.36
C ARG A 243 47.22 30.71 -39.84
N PHE A 244 47.60 30.05 -40.94
CA PHE A 244 48.94 30.13 -41.47
C PHE A 244 48.90 30.56 -42.93
N ASP A 245 50.02 31.11 -43.39
CA ASP A 245 50.13 31.50 -44.78
C ASP A 245 50.07 30.26 -45.68
N GLY A 246 49.35 30.38 -46.79
CA GLY A 246 49.21 29.27 -47.70
C GLY A 246 48.33 29.64 -48.87
N ALA A 247 47.92 28.61 -49.62
CA ALA A 247 47.07 28.80 -50.78
C ALA A 247 45.87 27.86 -50.82
N LEU A 248 45.87 26.77 -50.06
CA LEU A 248 44.77 25.81 -50.07
C LEU A 248 43.87 26.07 -48.86
N ASN A 249 42.59 26.30 -49.12
CA ASN A 249 41.59 26.57 -48.06
C ASN A 249 41.99 27.78 -47.23
N VAL A 250 42.33 28.88 -47.91
CA VAL A 250 42.71 30.10 -47.20
C VAL A 250 41.51 30.81 -46.59
N ASP A 251 40.30 30.56 -47.08
CA ASP A 251 39.10 31.15 -46.53
C ASP A 251 38.00 30.09 -46.50
N LEU A 252 36.95 30.38 -45.71
CA LEU A 252 35.92 29.38 -45.46
C LEU A 252 35.13 29.02 -46.72
N THR A 253 35.04 29.95 -47.68
CA THR A 253 34.37 29.64 -48.94
C THR A 253 35.08 28.51 -49.68
N GLU A 254 36.41 28.45 -49.58
CA GLU A 254 37.16 27.43 -50.30
C GLU A 254 36.88 26.03 -49.76
N PHE A 255 36.51 25.92 -48.48
CA PHE A 255 36.14 24.62 -47.93
C PHE A 255 34.95 24.03 -48.66
N GLN A 256 33.88 24.81 -48.82
CA GLN A 256 32.70 24.35 -49.53
C GLN A 256 32.98 24.18 -51.02
N THR A 257 33.87 25.00 -51.58
CA THR A 257 34.19 24.88 -52.99
C THR A 257 35.02 23.61 -53.26
N ASN A 258 35.98 23.31 -52.40
CA ASN A 258 36.87 22.18 -52.65
C ASN A 258 36.25 20.85 -52.24
N LEU A 259 35.40 20.83 -51.21
CA LEU A 259 34.92 19.58 -50.64
C LEU A 259 33.42 19.34 -50.82
N VAL A 260 32.64 20.35 -51.17
CA VAL A 260 31.19 20.22 -51.22
C VAL A 260 30.67 20.52 -52.62
N PRO A 261 30.55 19.52 -53.49
CA PRO A 261 29.92 19.78 -54.79
C PRO A 261 28.41 19.92 -54.70
N TYR A 262 27.76 19.05 -53.94
CA TYR A 262 26.29 19.15 -53.72
C TYR A 262 26.07 19.71 -52.32
N PRO A 263 25.22 20.74 -52.11
CA PRO A 263 25.11 21.40 -50.80
C PRO A 263 24.62 20.49 -49.68
N ARG A 264 23.63 19.64 -49.95
CA ARG A 264 23.11 18.77 -48.89
C ARG A 264 24.13 17.74 -48.45
N ILE A 265 25.03 17.33 -49.33
CA ILE A 265 26.08 16.36 -48.97
C ILE A 265 27.32 17.18 -48.64
N HIS A 266 27.35 17.69 -47.41
CA HIS A 266 28.45 18.52 -46.94
C HIS A 266 29.04 17.94 -45.65
N PHE A 267 29.19 16.62 -45.60
CA PHE A 267 29.74 15.92 -44.43
C PHE A 267 30.98 15.17 -44.88
N PRO A 268 32.12 15.85 -45.00
CA PRO A 268 33.35 15.17 -45.43
C PRO A 268 33.96 14.34 -44.31
N LEU A 269 34.49 13.18 -44.68
CA LEU A 269 35.14 12.29 -43.74
C LEU A 269 36.57 12.74 -43.49
N ALA A 270 36.99 12.70 -42.23
CA ALA A 270 38.33 13.11 -41.83
C ALA A 270 39.12 11.88 -41.40
N THR A 271 40.36 11.78 -41.86
CA THR A 271 41.27 10.70 -41.49
C THR A 271 42.61 11.31 -41.11
N TYR A 272 43.16 10.90 -39.97
CA TYR A 272 44.38 11.47 -39.44
C TYR A 272 45.40 10.38 -39.16
N ALA A 273 46.66 10.67 -39.47
CA ALA A 273 47.77 9.75 -39.24
C ALA A 273 49.05 10.55 -39.19
N PRO A 274 50.03 10.14 -38.37
CA PRO A 274 50.03 8.97 -37.48
C PRO A 274 49.64 9.31 -36.03
N VAL A 275 49.03 8.37 -35.33
CA VAL A 275 48.68 8.52 -33.93
C VAL A 275 49.60 7.59 -33.14
N ILE A 276 50.65 8.15 -32.55
CA ILE A 276 51.66 7.38 -31.83
C ILE A 276 51.61 7.76 -30.36
N SER A 277 51.78 6.78 -29.49
CA SER A 277 51.79 7.03 -28.03
C SER A 277 53.13 7.63 -27.60
N ALA A 278 53.09 8.53 -26.63
CA ALA A 278 54.32 9.19 -26.15
C ALA A 278 55.18 8.18 -25.37
N GLU A 279 54.54 7.34 -24.56
CA GLU A 279 55.28 6.34 -23.74
C GLU A 279 56.10 5.43 -24.65
N LYS A 280 55.78 5.38 -25.95
CA LYS A 280 56.59 4.58 -26.91
C LYS A 280 57.94 5.26 -27.10
N ALA A 281 58.90 5.00 -26.21
CA ALA A 281 60.26 5.57 -26.35
C ALA A 281 60.76 5.27 -27.75
N TYR A 282 60.81 3.99 -28.13
CA TYR A 282 61.18 3.65 -29.52
C TYR A 282 60.36 4.58 -30.42
N HIS A 283 61.00 5.23 -31.38
CA HIS A 283 60.23 6.22 -32.17
C HIS A 283 60.49 6.06 -33.66
N GLU A 284 59.86 5.07 -34.29
CA GLU A 284 59.98 4.96 -35.73
C GLU A 284 59.46 6.24 -36.39
N GLN A 285 59.90 6.47 -37.63
CA GLN A 285 59.46 7.63 -38.39
C GLN A 285 58.88 7.14 -39.71
N LEU A 286 57.57 7.29 -39.87
CA LEU A 286 56.89 6.84 -41.07
C LEU A 286 57.15 7.81 -42.23
N SER A 287 57.40 7.24 -43.40
CA SER A 287 57.54 8.05 -44.60
C SER A 287 56.19 8.65 -44.98
N VAL A 288 56.24 9.61 -45.91
CA VAL A 288 54.99 10.24 -46.39
C VAL A 288 54.15 9.15 -47.05
N ALA A 289 54.79 8.16 -47.65
CA ALA A 289 54.07 7.08 -48.34
C ALA A 289 53.36 6.21 -47.30
N GLU A 290 53.96 6.07 -46.13
CA GLU A 290 53.34 5.24 -45.10
C GLU A 290 52.15 5.95 -44.45
N ILE A 291 52.29 7.24 -44.14
CA ILE A 291 51.21 7.96 -43.49
C ILE A 291 50.08 8.27 -44.48
N THR A 292 50.41 8.38 -45.77
CA THR A 292 49.36 8.56 -46.77
C THR A 292 48.57 7.27 -46.97
N ASN A 293 49.25 6.13 -46.89
CA ASN A 293 48.55 4.85 -46.97
C ASN A 293 47.64 4.65 -45.76
N ALA A 294 48.06 5.13 -44.59
CA ALA A 294 47.24 5.03 -43.40
C ALA A 294 45.99 5.88 -43.48
N CYS A 295 45.95 6.85 -44.38
CA CYS A 295 44.75 7.65 -44.59
C CYS A 295 43.61 6.86 -45.22
N PHE A 296 43.90 5.67 -45.75
CA PHE A 296 42.88 4.80 -46.33
C PHE A 296 42.60 3.59 -45.45
N GLU A 297 43.08 3.60 -44.21
CA GLU A 297 42.75 2.55 -43.25
C GLU A 297 41.54 2.98 -42.44
N PRO A 298 40.50 2.15 -42.34
CA PRO A 298 39.31 2.53 -41.56
C PRO A 298 39.60 2.77 -40.08
N ALA A 299 40.68 2.22 -39.55
CA ALA A 299 41.00 2.37 -38.14
C ALA A 299 41.45 3.78 -37.77
N ASN A 300 41.76 4.62 -38.75
CA ASN A 300 42.24 5.98 -38.50
C ASN A 300 41.21 7.05 -38.84
N GLN A 301 40.02 6.67 -39.30
CA GLN A 301 39.01 7.65 -39.68
C GLN A 301 38.26 8.15 -38.45
N MET A 302 37.71 9.36 -38.58
CA MET A 302 36.94 9.95 -37.50
C MET A 302 35.55 9.32 -37.37
N VAL A 303 35.07 8.65 -38.41
CA VAL A 303 33.81 7.91 -38.39
C VAL A 303 34.08 6.53 -38.96
N LYS A 304 33.67 5.49 -38.24
CA LYS A 304 33.93 4.12 -38.66
C LYS A 304 33.01 3.76 -39.83
N CYS A 305 33.57 3.69 -41.03
CA CYS A 305 32.83 3.29 -42.22
C CYS A 305 33.82 2.75 -43.24
N ASP A 306 33.29 2.22 -44.34
CA ASP A 306 34.11 1.57 -45.36
C ASP A 306 34.08 2.38 -46.65
N PRO A 307 35.08 3.22 -46.91
CA PRO A 307 35.09 3.99 -48.18
C PRO A 307 35.33 3.13 -49.41
N ARG A 308 35.70 1.85 -49.24
CA ARG A 308 35.88 0.98 -50.41
C ARG A 308 34.57 0.73 -51.13
N HIS A 309 33.44 0.75 -50.40
CA HIS A 309 32.13 0.50 -50.97
C HIS A 309 31.31 1.79 -51.06
N GLY A 310 31.98 2.88 -51.40
CA GLY A 310 31.33 4.15 -51.66
C GLY A 310 31.99 4.85 -52.83
N LYS A 311 31.62 6.11 -53.07
CA LYS A 311 32.21 6.89 -54.14
C LYS A 311 32.75 8.21 -53.60
N TYR A 312 33.86 8.65 -54.17
CA TYR A 312 34.46 9.92 -53.80
C TYR A 312 33.96 11.04 -54.69
N MET A 313 33.76 12.21 -54.10
CA MET A 313 33.44 13.42 -54.85
C MET A 313 34.49 14.50 -54.73
N ALA A 314 35.30 14.49 -53.67
CA ALA A 314 36.36 15.46 -53.47
C ALA A 314 37.37 14.85 -52.52
N CYS A 315 38.62 15.30 -52.62
CA CYS A 315 39.69 14.71 -51.83
C CYS A 315 40.75 15.76 -51.57
N CYS A 316 41.14 15.91 -50.30
N CYS A 316 41.15 15.90 -50.29
CA CYS A 316 42.10 16.93 -49.90
CA CYS A 316 42.10 16.92 -49.88
C CYS A 316 43.09 16.31 -48.92
C CYS A 316 43.10 16.31 -48.91
N LEU A 317 44.37 16.33 -49.30
CA LEU A 317 45.45 15.82 -48.46
C LEU A 317 46.18 17.00 -47.82
N LEU A 318 46.15 17.07 -46.50
CA LEU A 318 46.75 18.17 -45.75
C LEU A 318 47.95 17.63 -44.97
N TYR A 319 49.15 17.85 -45.52
CA TYR A 319 50.37 17.42 -44.87
C TYR A 319 50.91 18.50 -43.94
N ARG A 320 51.65 18.08 -42.93
CA ARG A 320 52.14 18.99 -41.91
C ARG A 320 53.48 18.48 -41.40
N GLY A 321 54.57 19.15 -41.81
CA GLY A 321 55.88 18.78 -41.33
C GLY A 321 56.92 18.59 -42.43
N ASP A 322 57.88 17.69 -42.20
CA ASP A 322 58.96 17.42 -43.15
C ASP A 322 58.41 16.59 -44.30
N VAL A 323 57.75 17.29 -45.23
CA VAL A 323 57.10 16.65 -46.38
C VAL A 323 57.48 17.43 -47.63
N VAL A 324 58.09 16.76 -48.60
CA VAL A 324 58.40 17.38 -49.88
C VAL A 324 57.37 16.93 -50.90
N PRO A 325 57.03 17.77 -51.89
CA PRO A 325 55.99 17.38 -52.86
C PRO A 325 56.40 16.21 -53.75
N LYS A 326 57.71 15.97 -53.92
CA LYS A 326 58.13 14.85 -54.74
C LYS A 326 57.72 13.52 -54.13
N ASP A 327 57.75 13.43 -52.80
CA ASP A 327 57.33 12.21 -52.11
C ASP A 327 55.82 12.03 -52.09
N VAL A 328 55.06 13.12 -52.22
CA VAL A 328 53.61 13.04 -52.09
C VAL A 328 53.01 12.33 -53.31
N ASN A 329 53.20 12.89 -54.49
CA ASN A 329 52.62 12.29 -55.70
C ASN A 329 53.21 10.92 -56.00
N ALA A 330 54.40 10.62 -55.48
CA ALA A 330 54.94 9.26 -55.58
C ALA A 330 54.10 8.29 -54.75
N ALA A 331 53.66 8.72 -53.57
CA ALA A 331 52.77 7.90 -52.76
C ALA A 331 51.41 7.76 -53.42
N ILE A 332 50.89 8.85 -54.01
CA ILE A 332 49.61 8.81 -54.68
C ILE A 332 49.65 7.86 -55.87
N ALA A 333 50.81 7.76 -56.54
CA ALA A 333 50.93 6.80 -57.64
C ALA A 333 50.89 5.36 -57.12
N THR A 334 51.52 5.10 -55.97
CA THR A 334 51.51 3.76 -55.42
C THR A 334 50.16 3.41 -54.80
N ILE A 335 49.46 4.41 -54.27
CA ILE A 335 48.18 4.15 -53.63
C ILE A 335 47.08 3.94 -54.65
N LYS A 336 47.24 4.49 -55.86
CA LYS A 336 46.26 4.29 -56.92
C LYS A 336 46.05 2.81 -57.20
N THR A 337 47.15 2.05 -57.34
CA THR A 337 47.11 0.66 -57.72
C THR A 337 46.91 -0.30 -56.56
N LYS A 338 46.95 0.18 -55.32
CA LYS A 338 46.83 -0.69 -54.15
C LYS A 338 45.54 -0.49 -53.36
N ARG A 339 44.71 0.49 -53.72
CA ARG A 339 43.52 0.80 -52.96
C ARG A 339 42.30 0.81 -53.90
N SER A 340 41.12 0.82 -53.29
CA SER A 340 39.86 0.87 -54.02
C SER A 340 39.35 2.30 -53.97
N ILE A 341 39.82 3.13 -54.89
CA ILE A 341 39.44 4.53 -54.96
C ILE A 341 38.57 4.69 -56.21
N GLN A 342 37.29 4.99 -56.00
CA GLN A 342 36.33 5.19 -57.08
C GLN A 342 35.67 6.54 -56.90
N PHE A 343 35.94 7.46 -57.82
CA PHE A 343 35.27 8.75 -57.83
C PHE A 343 33.99 8.67 -58.65
N VAL A 344 33.11 9.65 -58.43
CA VAL A 344 31.92 9.76 -59.27
C VAL A 344 32.35 10.22 -60.66
N ASP A 345 31.55 9.85 -61.66
CA ASP A 345 31.94 10.10 -63.04
C ASP A 345 31.86 11.57 -63.43
N TRP A 346 31.15 12.39 -62.66
CA TRP A 346 31.06 13.82 -62.93
C TRP A 346 32.08 14.63 -62.15
N CYS A 347 33.12 13.99 -61.63
CA CYS A 347 34.19 14.64 -60.89
C CYS A 347 35.53 14.13 -61.40
N PRO A 348 36.58 14.95 -61.30
CA PRO A 348 37.91 14.48 -61.70
C PRO A 348 38.54 13.64 -60.60
N THR A 349 39.06 12.48 -60.98
CA THR A 349 39.78 11.63 -60.04
C THR A 349 41.12 12.27 -59.71
N GLY A 350 41.16 13.06 -58.64
CA GLY A 350 42.38 13.77 -58.29
C GLY A 350 42.42 14.09 -56.82
N PHE A 351 43.51 14.72 -56.41
CA PHE A 351 43.76 15.06 -55.01
C PHE A 351 44.29 16.48 -54.93
N LYS A 352 43.74 17.26 -54.00
CA LYS A 352 44.26 18.58 -53.68
C LYS A 352 45.19 18.45 -52.47
N VAL A 353 46.47 18.76 -52.66
CA VAL A 353 47.50 18.55 -51.65
C VAL A 353 47.88 19.89 -51.05
N GLY A 354 47.95 19.92 -49.72
CA GLY A 354 48.43 21.09 -49.00
C GLY A 354 49.52 20.73 -48.02
N ILE A 355 50.65 21.42 -48.10
CA ILE A 355 51.81 21.15 -47.25
C ILE A 355 52.08 22.37 -46.40
N ASN A 356 52.16 22.17 -45.09
CA ASN A 356 52.58 23.20 -44.14
C ASN A 356 53.88 22.73 -43.48
N TYR A 357 54.96 23.47 -43.72
CA TYR A 357 56.27 23.03 -43.27
C TYR A 357 56.40 22.96 -41.76
N GLN A 358 55.60 23.72 -41.02
CA GLN A 358 55.65 23.64 -39.57
C GLN A 358 55.04 22.32 -39.11
N PRO A 359 55.75 21.54 -38.29
CA PRO A 359 55.24 20.24 -37.89
C PRO A 359 54.17 20.38 -36.81
N PRO A 360 53.38 19.34 -36.56
CA PRO A 360 52.35 19.43 -35.52
C PRO A 360 52.97 19.68 -34.16
N THR A 361 52.16 20.24 -33.25
CA THR A 361 52.59 20.50 -31.88
C THR A 361 51.74 19.67 -30.93
N VAL A 362 52.39 19.11 -29.91
CA VAL A 362 51.73 18.29 -28.90
C VAL A 362 51.75 19.05 -27.57
N VAL A 363 50.64 18.98 -26.85
CA VAL A 363 50.56 19.64 -25.54
C VAL A 363 51.50 18.94 -24.57
N PRO A 364 52.35 19.66 -23.84
CA PRO A 364 53.20 19.00 -22.84
C PRO A 364 52.37 18.31 -21.77
N GLY A 365 52.61 17.00 -21.61
CA GLY A 365 51.83 16.18 -20.71
C GLY A 365 50.68 15.45 -21.35
N GLY A 366 50.52 15.54 -22.67
CA GLY A 366 49.47 14.83 -23.36
C GLY A 366 49.84 13.39 -23.65
N ASP A 367 48.92 12.70 -24.33
CA ASP A 367 49.12 11.30 -24.69
C ASP A 367 49.70 11.13 -26.08
N LEU A 368 49.78 12.19 -26.88
CA LEU A 368 50.30 12.12 -28.22
C LEU A 368 51.79 12.45 -28.24
N ALA A 369 52.50 11.85 -29.18
CA ALA A 369 53.94 12.01 -29.29
C ALA A 369 54.31 12.97 -30.42
N LYS A 370 55.53 13.49 -30.34
CA LYS A 370 56.03 14.43 -31.33
C LYS A 370 56.42 13.68 -32.60
N VAL A 371 55.92 14.15 -33.74
CA VAL A 371 56.21 13.54 -35.03
C VAL A 371 56.83 14.58 -35.95
N GLN A 372 57.48 14.09 -37.01
CA GLN A 372 58.09 14.97 -37.99
C GLN A 372 57.19 15.24 -39.19
N ARG A 373 56.14 14.45 -39.38
CA ARG A 373 55.21 14.67 -40.47
C ARG A 373 53.88 13.99 -40.15
N ALA A 374 52.78 14.61 -40.56
CA ALA A 374 51.46 14.07 -40.32
C ALA A 374 50.54 14.50 -41.46
N VAL A 375 49.48 13.72 -41.68
CA VAL A 375 48.52 13.98 -42.74
C VAL A 375 47.12 14.03 -42.14
N CYS A 376 46.31 14.96 -42.61
CA CYS A 376 44.88 15.00 -42.34
C CYS A 376 44.15 14.95 -43.67
N MET A 377 43.38 13.89 -43.89
CA MET A 377 42.71 13.63 -45.15
C MET A 377 41.24 14.02 -45.04
N LEU A 378 40.82 15.00 -45.84
CA LEU A 378 39.43 15.42 -45.92
C LEU A 378 38.87 14.92 -47.24
N SER A 379 37.99 13.91 -47.17
CA SER A 379 37.38 13.32 -48.35
C SER A 379 35.88 13.29 -48.19
N ASN A 380 35.17 13.67 -49.25
CA ASN A 380 33.71 13.63 -49.28
C ASN A 380 33.30 12.35 -50.00
N THR A 381 33.09 11.29 -49.23
CA THR A 381 32.71 9.99 -49.75
C THR A 381 31.29 9.64 -49.31
N THR A 382 30.58 8.90 -50.17
CA THR A 382 29.24 8.45 -49.83
C THR A 382 29.23 7.41 -48.72
N ALA A 383 30.39 6.87 -48.35
CA ALA A 383 30.45 5.86 -47.30
C ALA A 383 30.05 6.42 -45.94
N ILE A 384 30.12 7.74 -45.75
CA ILE A 384 29.70 8.34 -44.49
C ILE A 384 28.20 8.22 -44.26
N ALA A 385 27.44 7.84 -45.29
CA ALA A 385 26.01 7.63 -45.10
C ALA A 385 25.70 6.50 -44.13
N GLU A 386 26.68 5.63 -43.86
CA GLU A 386 26.48 4.59 -42.86
C GLU A 386 26.17 5.19 -41.49
N ALA A 387 26.81 6.31 -41.15
CA ALA A 387 26.52 6.95 -39.85
C ALA A 387 25.08 7.42 -39.82
N TRP A 388 24.58 7.94 -40.96
CA TRP A 388 23.18 8.34 -40.98
C TRP A 388 22.24 7.14 -40.91
N ALA A 389 22.66 6.00 -41.47
CA ALA A 389 21.80 4.82 -41.46
C ALA A 389 21.69 4.23 -40.06
N ARG A 390 22.81 4.18 -39.32
CA ARG A 390 22.77 3.71 -37.94
C ARG A 390 21.91 4.62 -37.08
N LEU A 391 22.04 5.94 -37.27
CA LEU A 391 21.28 6.89 -36.47
C LEU A 391 19.79 6.80 -36.77
N ASP A 392 19.44 6.68 -38.05
CA ASP A 392 18.03 6.61 -38.43
C ASP A 392 17.36 5.36 -37.90
N HIS A 393 18.11 4.25 -37.80
CA HIS A 393 17.53 3.00 -37.31
C HIS A 393 17.19 3.10 -35.83
N LYS A 394 18.10 3.67 -35.03
CA LYS A 394 17.82 3.85 -33.61
C LYS A 394 16.66 4.82 -33.40
N PHE A 395 16.55 5.83 -34.27
CA PHE A 395 15.40 6.73 -34.22
C PHE A 395 14.11 5.98 -34.51
N ASP A 396 14.14 5.04 -35.47
CA ASP A 396 12.92 4.34 -35.85
C ASP A 396 12.46 3.38 -34.76
N LEU A 397 13.39 2.76 -34.05
CA LEU A 397 13.01 1.83 -32.99
C LEU A 397 12.28 2.54 -31.86
N MET A 398 12.77 3.69 -31.44
CA MET A 398 12.17 4.42 -30.32
C MET A 398 10.90 5.14 -30.73
N TYR A 399 10.91 5.80 -31.90
CA TYR A 399 9.76 6.58 -32.32
C TYR A 399 8.57 5.71 -32.71
N ALA A 400 8.80 4.44 -33.05
CA ALA A 400 7.69 3.55 -33.36
C ALA A 400 6.79 3.34 -32.15
N LYS A 401 7.35 3.41 -30.95
CA LYS A 401 6.59 3.28 -29.72
C LYS A 401 6.32 4.61 -29.04
N ARG A 402 6.72 5.72 -29.67
CA ARG A 402 6.55 7.07 -29.12
C ARG A 402 7.24 7.22 -27.77
N ALA A 403 8.31 6.45 -27.55
CA ALA A 403 9.02 6.49 -26.28
C ALA A 403 9.75 7.82 -26.12
N PHE A 404 9.66 8.39 -24.92
CA PHE A 404 10.29 9.64 -24.51
C PHE A 404 9.77 10.85 -25.28
N VAL A 405 8.76 10.69 -26.13
CA VAL A 405 8.27 11.80 -26.94
C VAL A 405 7.59 12.85 -26.06
N HIS A 406 6.97 12.42 -24.96
CA HIS A 406 6.23 13.36 -24.11
C HIS A 406 7.15 14.41 -23.49
N TRP A 407 8.44 14.10 -23.33
CA TRP A 407 9.37 15.11 -22.84
C TRP A 407 9.53 16.26 -23.84
N TYR A 408 9.43 15.96 -25.14
CA TYR A 408 9.58 16.99 -26.16
C TYR A 408 8.26 17.75 -26.36
N VAL A 409 7.14 17.03 -26.37
CA VAL A 409 5.84 17.67 -26.58
C VAL A 409 5.51 18.60 -25.43
N GLY A 410 5.78 18.17 -24.20
CA GLY A 410 5.55 19.01 -23.03
C GLY A 410 6.40 20.26 -22.97
N GLU A 411 7.35 20.41 -23.88
CA GLU A 411 8.24 21.56 -23.92
C GLU A 411 7.87 22.56 -25.01
N GLY A 412 6.80 22.29 -25.77
CA GLY A 412 6.32 23.20 -26.80
C GLY A 412 6.39 22.63 -28.20
N MET A 413 7.26 21.66 -28.45
CA MET A 413 7.36 21.06 -29.77
C MET A 413 6.15 20.18 -30.06
N GLU A 414 5.69 20.18 -31.30
CA GLU A 414 4.61 19.29 -31.74
C GLU A 414 5.19 18.02 -32.33
N GLU A 415 4.43 16.93 -32.19
CA GLU A 415 4.92 15.61 -32.60
C GLU A 415 5.24 15.57 -34.09
N GLY A 416 4.57 16.40 -34.89
CA GLY A 416 4.81 16.42 -36.32
C GLY A 416 6.22 16.81 -36.71
N GLU A 417 6.93 17.52 -35.83
CA GLU A 417 8.32 17.89 -36.11
C GLU A 417 9.21 16.66 -36.18
N PHE A 418 8.88 15.62 -35.40
CA PHE A 418 9.68 14.40 -35.42
C PHE A 418 9.68 13.74 -36.79
N SER A 419 8.48 13.45 -37.31
CA SER A 419 8.38 12.82 -38.62
C SER A 419 8.86 13.75 -39.73
N GLU A 420 8.73 15.06 -39.53
CA GLU A 420 9.26 16.01 -40.50
C GLU A 420 10.78 15.94 -40.55
N ALA A 421 11.43 15.80 -39.38
CA ALA A 421 12.88 15.64 -39.34
C ALA A 421 13.30 14.29 -39.90
N ARG A 422 12.53 13.24 -39.60
CA ARG A 422 12.87 11.91 -40.07
C ARG A 422 12.73 11.80 -41.59
N GLU A 423 11.74 12.49 -42.16
CA GLU A 423 11.57 12.49 -43.60
C GLU A 423 12.75 13.16 -44.29
N ASP A 424 13.32 14.19 -43.66
CA ASP A 424 14.50 14.84 -44.24
C ASP A 424 15.69 13.88 -44.26
N MET A 425 15.86 13.10 -43.19
CA MET A 425 16.96 12.14 -43.15
C MET A 425 16.77 11.04 -44.18
N ALA A 426 15.52 10.60 -44.38
CA ALA A 426 15.24 9.62 -45.43
C ALA A 426 15.58 10.18 -46.80
N ALA A 427 15.38 11.49 -47.00
CA ALA A 427 15.78 12.11 -48.25
C ALA A 427 17.31 12.23 -48.34
N LEU A 428 17.95 12.57 -47.22
CA LEU A 428 19.41 12.66 -47.21
C LEU A 428 20.05 11.30 -47.46
N GLU A 429 19.47 10.25 -46.88
CA GLU A 429 20.01 8.91 -47.09
C GLU A 429 19.87 8.46 -48.54
N LYS A 430 18.81 8.90 -49.22
CA LYS A 430 18.63 8.58 -50.63
C LYS A 430 19.47 9.48 -51.53
N ASP A 431 19.85 10.67 -51.06
CA ASP A 431 20.76 11.50 -51.83
C ASP A 431 22.13 10.83 -51.97
N TYR A 432 22.61 10.21 -50.90
CA TYR A 432 23.86 9.45 -50.97
C TYR A 432 23.71 8.25 -51.89
N GLU A 433 22.53 7.61 -51.87
CA GLU A 433 22.32 6.42 -52.69
C GLU A 433 22.34 6.74 -54.17
N GLU A 434 21.85 7.91 -54.57
CA GLU A 434 21.83 8.27 -55.99
C GLU A 434 23.22 8.62 -56.51
N VAL A 435 24.07 9.20 -55.66
CA VAL A 435 25.39 9.63 -56.10
C VAL A 435 26.35 8.45 -56.19
N GLY A 436 26.22 7.48 -55.29
CA GLY A 436 27.19 6.41 -55.20
C GLY A 436 26.80 5.09 -55.85
N VAL A 437 25.62 4.57 -55.50
CA VAL A 437 25.25 3.23 -55.91
C VAL A 437 24.93 3.21 -57.41
N ASP A 438 25.24 2.07 -58.04
CA ASP A 438 24.92 1.85 -59.45
C ASP A 438 23.97 0.67 -59.59
N SER A 439 23.88 0.11 -60.79
CA SER A 439 23.01 -1.04 -61.03
C SER A 439 23.63 -2.32 -60.49
N ARG B 1 20.46 22.10 -8.77
CA ARG B 1 21.13 22.46 -7.52
C ARG B 1 20.36 21.98 -6.30
N GLU B 2 19.52 22.86 -5.75
CA GLU B 2 18.89 22.62 -4.46
C GLU B 2 17.71 21.65 -4.57
N ILE B 3 17.58 20.79 -3.55
CA ILE B 3 16.47 19.87 -3.43
C ILE B 3 15.87 20.01 -2.03
N VAL B 4 14.55 20.18 -1.97
CA VAL B 4 13.87 20.31 -0.65
C VAL B 4 13.33 18.93 -0.25
N HIS B 5 13.75 18.45 0.92
CA HIS B 5 13.32 17.11 1.39
C HIS B 5 12.16 17.24 2.36
N ILE B 6 11.21 16.33 2.22
CA ILE B 6 10.05 16.30 3.12
C ILE B 6 9.85 14.86 3.59
N GLN B 7 9.64 14.69 4.89
CA GLN B 7 9.32 13.39 5.47
C GLN B 7 8.03 13.53 6.28
N ALA B 8 7.04 12.71 5.95
CA ALA B 8 5.72 12.80 6.57
C ALA B 8 5.32 11.44 7.12
N GLY B 9 4.78 11.45 8.34
CA GLY B 9 4.32 10.23 8.97
C GLY B 9 5.39 9.51 9.75
N GLN B 10 4.98 8.41 10.38
CA GLN B 10 5.91 7.61 11.17
C GLN B 10 6.99 7.00 10.28
N CYS B 11 6.57 6.21 9.29
CA CYS B 11 7.54 5.57 8.40
C CYS B 11 8.36 6.60 7.64
N GLY B 12 7.73 7.67 7.18
CA GLY B 12 8.46 8.68 6.42
C GLY B 12 9.53 9.38 7.24
N ASN B 13 9.21 9.68 8.51
CA ASN B 13 10.19 10.34 9.36
C ASN B 13 11.26 9.39 9.86
N GLN B 14 10.94 8.12 10.08
CA GLN B 14 11.93 7.17 10.57
C GLN B 14 12.95 6.83 9.50
N ILE B 15 12.50 6.58 8.27
CA ILE B 15 13.45 6.34 7.18
C ILE B 15 14.09 7.66 6.75
N GLY B 16 13.42 8.79 6.95
CA GLY B 16 14.00 10.06 6.57
C GLY B 16 15.14 10.47 7.48
N ALA B 17 15.00 10.20 8.78
CA ALA B 17 16.08 10.47 9.72
C ALA B 17 17.27 9.55 9.46
N LYS B 18 17.01 8.30 9.10
CA LYS B 18 18.09 7.39 8.76
C LYS B 18 18.83 7.84 7.51
N PHE B 19 18.10 8.43 6.55
CA PHE B 19 18.74 8.92 5.34
C PHE B 19 19.66 10.09 5.63
N TRP B 20 19.25 11.00 6.51
CA TRP B 20 20.08 12.17 6.80
C TRP B 20 21.30 11.79 7.62
N GLU B 21 21.15 10.82 8.53
CA GLU B 21 22.29 10.39 9.34
C GLU B 21 23.31 9.64 8.50
N VAL B 22 22.87 8.92 7.47
CA VAL B 22 23.80 8.17 6.63
C VAL B 22 24.56 9.09 5.69
N ILE B 23 23.86 10.00 5.02
CA ILE B 23 24.53 10.88 4.07
C ILE B 23 25.34 11.96 4.76
N SER B 24 24.98 12.33 6.00
CA SER B 24 25.82 13.25 6.75
C SER B 24 27.16 12.61 7.09
N ASP B 25 27.17 11.32 7.40
CA ASP B 25 28.42 10.61 7.64
C ASP B 25 29.25 10.50 6.37
N GLU B 26 28.60 10.43 5.20
CA GLU B 26 29.32 10.34 3.95
C GLU B 26 29.92 11.67 3.53
N HIS B 27 29.30 12.78 3.90
CA HIS B 27 29.78 14.11 3.56
C HIS B 27 30.59 14.75 4.68
N GLY B 28 30.95 13.99 5.71
CA GLY B 28 31.74 14.52 6.80
C GLY B 28 31.02 15.54 7.66
N ILE B 29 29.75 15.30 7.96
CA ILE B 29 28.94 16.20 8.78
C ILE B 29 28.60 15.47 10.08
N ASP B 30 28.98 16.06 11.20
CA ASP B 30 28.68 15.50 12.52
C ASP B 30 27.32 15.99 12.99
N PRO B 31 26.79 15.38 14.08
CA PRO B 31 25.46 15.79 14.56
C PRO B 31 25.28 17.29 14.79
N THR B 32 26.36 18.03 15.04
CA THR B 32 26.25 19.46 15.25
C THR B 32 26.27 20.26 13.94
N GLY B 33 26.57 19.62 12.82
CA GLY B 33 26.54 20.30 11.54
C GLY B 33 27.87 20.85 11.06
N SER B 34 28.98 20.43 11.67
CA SER B 34 30.29 20.91 11.26
C SER B 34 30.93 19.94 10.26
N TYR B 35 31.74 20.49 9.37
CA TYR B 35 32.48 19.66 8.43
C TYR B 35 33.69 19.06 9.12
N HIS B 36 33.90 17.75 8.99
CA HIS B 36 35.05 17.08 9.63
C HIS B 36 35.58 15.97 8.73
N GLY B 37 35.42 16.12 7.42
CA GLY B 37 35.91 15.14 6.48
C GLY B 37 37.22 15.59 5.82
N ASP B 38 37.85 14.62 5.14
CA ASP B 38 39.16 14.85 4.53
C ASP B 38 39.11 15.12 3.04
N SER B 39 38.11 14.60 2.34
CA SER B 39 38.03 14.73 0.89
C SER B 39 37.22 15.96 0.50
N ASP B 40 37.66 16.63 -0.56
CA ASP B 40 36.95 17.80 -1.08
C ASP B 40 35.74 17.44 -1.93
N LEU B 41 35.63 16.19 -2.37
CA LEU B 41 34.43 15.75 -3.07
C LEU B 41 33.18 15.76 -2.19
N GLN B 42 33.36 15.88 -0.87
CA GLN B 42 32.21 15.87 0.04
C GLN B 42 31.48 17.22 0.04
N LEU B 43 32.18 18.31 -0.22
CA LEU B 43 31.58 19.64 -0.23
C LEU B 43 31.33 20.16 -1.65
N GLU B 44 31.64 19.38 -2.68
CA GLU B 44 31.47 19.86 -4.05
C GLU B 44 29.99 20.13 -4.35
N ARG B 45 29.12 19.20 -3.98
CA ARG B 45 27.68 19.34 -4.16
C ARG B 45 26.96 19.25 -2.82
N ILE B 46 27.56 19.84 -1.78
CA ILE B 46 26.97 19.79 -0.45
C ILE B 46 25.68 20.60 -0.37
N ASN B 47 25.46 21.53 -1.30
CA ASN B 47 24.31 22.42 -1.26
C ASN B 47 23.07 21.82 -1.92
N VAL B 48 23.16 20.62 -2.48
CA VAL B 48 21.97 20.02 -3.07
C VAL B 48 21.01 19.54 -1.99
N TYR B 49 21.52 19.26 -0.79
CA TYR B 49 20.71 18.80 0.32
C TYR B 49 20.88 19.62 1.58
N TYR B 50 22.02 20.27 1.78
CA TYR B 50 22.31 21.03 2.98
C TYR B 50 22.33 22.53 2.68
N ASN B 51 21.79 23.32 3.59
CA ASN B 51 21.93 24.76 3.56
C ASN B 51 23.09 25.17 4.45
N GLU B 52 23.88 26.13 3.98
CA GLU B 52 25.08 26.56 4.69
C GLU B 52 24.71 27.68 5.66
N ALA B 53 24.58 27.34 6.93
CA ALA B 53 24.33 28.33 7.97
C ALA B 53 25.61 29.09 8.30
N THR B 54 25.46 30.36 8.67
CA THR B 54 26.61 31.19 8.99
C THR B 54 27.40 30.61 10.16
N GLY B 55 28.66 30.28 9.91
CA GLY B 55 29.49 29.67 10.92
C GLY B 55 29.97 28.28 10.50
N ASN B 56 30.08 28.06 9.19
CA ASN B 56 30.51 26.79 8.62
C ASN B 56 29.60 25.63 9.06
N LYS B 57 28.35 25.95 9.38
CA LYS B 57 27.37 24.95 9.79
C LYS B 57 26.52 24.56 8.60
N TYR B 58 26.15 23.29 8.53
CA TYR B 58 25.35 22.75 7.43
C TYR B 58 24.06 22.18 8.01
N VAL B 59 22.94 22.85 7.74
CA VAL B 59 21.62 22.42 8.17
C VAL B 59 20.92 21.77 6.98
N PRO B 60 20.29 20.61 7.15
CA PRO B 60 19.65 19.95 6.02
C PRO B 60 18.41 20.71 5.56
N ARG B 61 18.16 20.65 4.26
CA ARG B 61 16.95 21.22 3.67
C ARG B 61 15.82 20.19 3.79
N ALA B 62 15.46 19.90 5.03
CA ALA B 62 14.48 18.88 5.37
C ALA B 62 13.31 19.48 6.11
N ILE B 63 12.12 18.94 5.87
CA ILE B 63 10.89 19.38 6.50
C ILE B 63 10.22 18.16 7.09
N LEU B 64 10.00 18.18 8.41
CA LEU B 64 9.44 17.05 9.14
C LEU B 64 7.98 17.33 9.44
N VAL B 65 7.09 16.44 8.98
CA VAL B 65 5.65 16.63 9.08
C VAL B 65 5.04 15.36 9.67
N ASP B 66 4.06 15.53 10.55
CA ASP B 66 3.31 14.42 11.12
C ASP B 66 2.06 14.98 11.79
N LEU B 67 1.07 14.11 11.96
CA LEU B 67 -0.18 14.49 12.60
C LEU B 67 -0.19 14.21 14.10
N GLU B 68 0.90 13.70 14.64
CA GLU B 68 1.03 13.45 16.07
C GLU B 68 2.48 13.70 16.47
N PRO B 69 2.73 14.12 17.71
CA PRO B 69 4.09 14.48 18.12
C PRO B 69 4.97 13.28 18.49
N GLY B 70 4.47 12.06 18.35
CA GLY B 70 5.20 10.88 18.77
C GLY B 70 6.55 10.71 18.12
N THR B 71 6.56 10.37 16.82
CA THR B 71 7.83 10.14 16.13
C THR B 71 8.66 11.41 16.04
N MET B 72 8.02 12.58 16.08
CA MET B 72 8.76 13.84 16.02
C MET B 72 9.73 13.96 17.19
N ASP B 73 9.24 13.77 18.42
CA ASP B 73 10.12 13.81 19.57
C ASP B 73 11.11 12.65 19.58
N SER B 74 10.79 11.54 18.91
CA SER B 74 11.73 10.43 18.83
C SER B 74 12.89 10.73 17.90
N VAL B 75 12.64 11.47 16.82
CA VAL B 75 13.72 11.85 15.92
C VAL B 75 14.61 12.90 16.56
N ARG B 76 14.03 13.85 17.28
CA ARG B 76 14.80 14.88 17.95
C ARG B 76 15.66 14.32 19.08
N SER B 77 15.28 13.18 19.66
CA SER B 77 16.01 12.58 20.76
C SER B 77 17.10 11.62 20.31
N GLY B 78 17.17 11.28 19.03
CA GLY B 78 18.16 10.35 18.54
C GLY B 78 19.41 11.03 18.03
N PRO B 79 20.27 10.27 17.37
CA PRO B 79 21.48 10.85 16.79
C PRO B 79 21.16 11.67 15.55
N PHE B 80 21.99 12.70 15.33
CA PHE B 80 21.71 13.70 14.30
C PHE B 80 20.31 14.28 14.48
N GLY B 81 19.95 14.59 15.72
CA GLY B 81 18.65 15.14 16.02
C GLY B 81 18.67 16.66 16.07
N GLN B 82 19.77 17.21 16.58
CA GLN B 82 19.93 18.66 16.69
C GLN B 82 20.43 19.31 15.41
N ILE B 83 20.71 18.52 14.37
CA ILE B 83 21.18 19.10 13.11
C ILE B 83 20.01 19.70 12.34
N PHE B 84 18.80 19.17 12.54
CA PHE B 84 17.62 19.68 11.85
C PHE B 84 17.25 21.06 12.36
N ARG B 85 16.75 21.90 11.46
CA ARG B 85 16.28 23.22 11.85
C ARG B 85 15.05 23.09 12.73
N PRO B 86 14.98 23.79 13.86
CA PRO B 86 13.82 23.63 14.76
C PRO B 86 12.53 24.17 14.18
N ASP B 87 12.61 25.15 13.26
CA ASP B 87 11.41 25.74 12.68
C ASP B 87 10.77 24.87 11.62
N ASN B 88 11.41 23.78 11.21
CA ASN B 88 10.89 22.91 10.17
C ASN B 88 10.16 21.69 10.73
N PHE B 89 9.90 21.66 12.03
CA PHE B 89 9.07 20.63 12.64
C PHE B 89 7.63 21.12 12.66
N VAL B 90 6.76 20.48 11.88
CA VAL B 90 5.34 20.84 11.80
C VAL B 90 4.54 19.60 12.18
N PHE B 91 3.94 19.62 13.37
CA PHE B 91 3.15 18.49 13.84
C PHE B 91 1.83 18.97 14.43
N GLY B 92 0.83 18.08 14.37
CA GLY B 92 -0.41 18.24 15.10
C GLY B 92 -0.47 17.32 16.31
N GLN B 93 -1.68 17.21 16.85
CA GLN B 93 -1.90 16.39 18.04
C GLN B 93 -2.98 15.34 17.86
N SER B 94 -3.79 15.41 16.80
CA SER B 94 -4.92 14.50 16.66
C SER B 94 -4.49 13.14 16.11
N GLY B 95 -3.57 13.12 15.15
CA GLY B 95 -3.18 11.89 14.49
C GLY B 95 -4.12 11.54 13.35
N ALA B 96 -3.68 10.57 12.54
CA ALA B 96 -4.44 10.12 11.38
C ALA B 96 -5.12 8.77 11.59
N GLY B 97 -4.73 8.01 12.60
CA GLY B 97 -5.36 6.73 12.88
C GLY B 97 -5.26 5.72 11.75
N ASN B 98 -4.16 5.76 10.99
CA ASN B 98 -3.95 4.87 9.85
C ASN B 98 -5.06 5.00 8.82
N ASN B 99 -5.70 6.17 8.75
CA ASN B 99 -6.81 6.42 7.85
C ASN B 99 -6.37 7.40 6.77
N TRP B 100 -6.46 6.96 5.51
CA TRP B 100 -6.08 7.82 4.39
C TRP B 100 -6.99 9.05 4.30
N ALA B 101 -8.28 8.87 4.59
CA ALA B 101 -9.21 9.98 4.52
C ALA B 101 -8.88 11.06 5.55
N LYS B 102 -8.46 10.64 6.75
CA LYS B 102 -8.09 11.61 7.78
C LYS B 102 -6.84 12.38 7.40
N GLY B 103 -5.88 11.72 6.76
CA GLY B 103 -4.66 12.40 6.38
C GLY B 103 -4.85 13.35 5.21
N HIS B 104 -5.76 13.00 4.30
CA HIS B 104 -5.89 13.80 3.05
C HIS B 104 -7.00 14.84 3.08
N TYR B 105 -8.11 14.58 3.78
CA TYR B 105 -9.26 15.51 3.67
C TYR B 105 -9.69 16.10 5.00
N THR B 106 -9.40 15.44 6.12
CA THR B 106 -9.97 15.90 7.41
C THR B 106 -8.90 16.44 8.37
N GLU B 107 -7.94 15.62 8.79
CA GLU B 107 -7.02 16.13 9.81
C GLU B 107 -5.83 16.83 9.17
N GLY B 108 -5.36 16.33 8.02
CA GLY B 108 -4.25 16.98 7.35
C GLY B 108 -4.60 18.32 6.74
N ALA B 109 -5.89 18.58 6.50
CA ALA B 109 -6.29 19.86 5.93
C ALA B 109 -6.00 21.02 6.87
N GLU B 110 -6.07 20.77 8.19
CA GLU B 110 -5.81 21.84 9.16
C GLU B 110 -4.34 22.23 9.21
N LEU B 111 -3.44 21.30 8.90
CA LEU B 111 -2.01 21.53 9.02
C LEU B 111 -1.31 21.71 7.68
N VAL B 112 -2.02 21.55 6.56
CA VAL B 112 -1.37 21.56 5.25
C VAL B 112 -0.82 22.95 4.92
N ASP B 113 -1.45 24.01 5.43
CA ASP B 113 -0.96 25.35 5.15
C ASP B 113 0.28 25.69 5.97
N SER B 114 0.36 25.19 7.21
CA SER B 114 1.57 25.39 8.01
C SER B 114 2.77 24.72 7.36
N VAL B 115 2.57 23.57 6.70
CA VAL B 115 3.65 22.90 6.01
C VAL B 115 4.08 23.69 4.78
N LEU B 116 3.11 24.22 4.04
CA LEU B 116 3.43 24.96 2.82
C LEU B 116 4.19 26.25 3.12
N ASP B 117 4.00 26.82 4.31
CA ASP B 117 4.75 28.01 4.68
C ASP B 117 6.23 27.71 4.83
N VAL B 118 6.56 26.55 5.40
CA VAL B 118 7.96 26.16 5.52
C VAL B 118 8.52 25.76 4.16
N VAL B 119 7.70 25.13 3.32
CA VAL B 119 8.12 24.79 1.97
C VAL B 119 8.46 26.05 1.18
N ARG B 120 7.62 27.06 1.28
CA ARG B 120 7.89 28.33 0.58
C ARG B 120 9.14 28.98 1.20
N LYS B 121 9.23 28.99 2.53
CA LYS B 121 10.37 29.63 3.17
C LYS B 121 11.68 28.97 2.79
N GLU B 122 11.68 27.66 2.54
CA GLU B 122 12.89 26.98 2.12
C GLU B 122 13.14 27.15 0.63
N SER B 123 12.08 27.18 -0.18
CA SER B 123 12.24 27.34 -1.63
C SER B 123 12.65 28.76 -1.98
N GLU B 124 12.21 29.75 -1.20
CA GLU B 124 12.59 31.14 -1.48
C GLU B 124 14.09 31.35 -1.31
N SER B 125 14.73 30.58 -0.42
CA SER B 125 16.16 30.68 -0.19
C SER B 125 16.97 29.73 -1.06
N CYS B 126 16.41 29.28 -2.17
CA CYS B 126 17.08 28.34 -3.08
C CYS B 126 17.60 29.10 -4.29
N ASP B 127 18.87 28.89 -4.63
CA ASP B 127 19.45 29.56 -5.79
C ASP B 127 18.92 28.97 -7.09
N CYS B 128 18.81 27.64 -7.17
CA CYS B 128 18.37 26.96 -8.38
C CYS B 128 17.70 25.64 -7.95
N LEU B 129 16.46 25.75 -7.50
CA LEU B 129 15.72 24.59 -7.02
C LEU B 129 15.36 23.65 -8.17
N GLN B 130 15.73 22.38 -8.03
CA GLN B 130 15.33 21.37 -9.01
C GLN B 130 13.93 20.83 -8.71
N GLY B 131 13.69 20.46 -7.46
CA GLY B 131 12.40 19.89 -7.10
C GLY B 131 12.41 19.42 -5.65
N PHE B 132 11.53 18.46 -5.38
CA PHE B 132 11.27 18.00 -4.03
C PHE B 132 11.35 16.48 -3.98
N GLN B 133 11.84 15.97 -2.85
CA GLN B 133 11.83 14.54 -2.56
C GLN B 133 11.07 14.29 -1.28
N LEU B 134 10.25 13.24 -1.28
CA LEU B 134 9.36 12.93 -0.17
C LEU B 134 9.54 11.48 0.25
N THR B 135 9.63 11.25 1.56
CA THR B 135 9.67 9.91 2.13
C THR B 135 8.39 9.68 2.93
N HIS B 136 7.73 8.57 2.67
CA HIS B 136 6.45 8.26 3.30
C HIS B 136 6.12 6.80 3.05
N SER B 137 5.11 6.32 3.76
CA SER B 137 4.51 5.02 3.50
C SER B 137 3.15 5.21 2.87
N LEU B 138 2.71 4.19 2.12
CA LEU B 138 1.42 4.22 1.45
C LEU B 138 0.32 3.50 2.22
N GLY B 139 0.67 2.74 3.26
CA GLY B 139 -0.31 1.95 3.98
C GLY B 139 -0.87 2.62 5.22
N GLY B 140 -0.28 3.74 5.61
CA GLY B 140 -0.71 4.47 6.79
C GLY B 140 -1.71 5.56 6.47
N GLY B 141 -1.73 6.58 7.32
CA GLY B 141 -2.67 7.67 7.17
C GLY B 141 -2.03 9.00 6.86
N THR B 142 -1.03 9.40 7.66
CA THR B 142 -0.39 10.69 7.49
C THR B 142 0.47 10.72 6.23
N GLY B 143 1.53 9.91 6.22
CA GLY B 143 2.42 9.89 5.06
C GLY B 143 1.72 9.51 3.77
N SER B 144 0.63 8.73 3.87
CA SER B 144 -0.14 8.32 2.71
C SER B 144 -1.19 9.38 2.33
N GLY B 145 -2.07 9.72 3.26
CA GLY B 145 -3.11 10.68 2.96
C GLY B 145 -2.59 12.11 2.85
N MET B 146 -1.88 12.57 3.88
CA MET B 146 -1.36 13.93 3.86
C MET B 146 -0.15 14.07 2.95
N GLY B 147 0.61 12.99 2.76
CA GLY B 147 1.74 13.05 1.84
C GLY B 147 1.31 13.34 0.43
N THR B 148 0.33 12.59 -0.08
CA THR B 148 -0.21 12.83 -1.41
C THR B 148 -0.96 14.16 -1.47
N LEU B 149 -1.45 14.66 -0.34
CA LEU B 149 -2.05 16.00 -0.33
C LEU B 149 -0.98 17.07 -0.48
N LEU B 150 0.18 16.89 0.17
CA LEU B 150 1.27 17.85 0.03
C LEU B 150 1.81 17.86 -1.40
N ILE B 151 1.93 16.68 -2.01
CA ILE B 151 2.40 16.60 -3.39
C ILE B 151 1.49 17.40 -4.31
N SER B 152 0.17 17.26 -4.12
CA SER B 152 -0.78 17.98 -4.96
C SER B 152 -0.70 19.49 -4.72
N LYS B 153 -0.52 19.90 -3.46
CA LYS B 153 -0.43 21.33 -3.15
C LYS B 153 0.87 21.92 -3.68
N ILE B 154 1.98 21.18 -3.55
CA ILE B 154 3.26 21.71 -3.98
C ILE B 154 3.34 21.79 -5.50
N ARG B 155 2.82 20.78 -6.19
CA ARG B 155 2.77 20.82 -7.65
C ARG B 155 1.95 22.00 -8.14
N GLU B 156 0.96 22.44 -7.36
CA GLU B 156 0.16 23.59 -7.75
C GLU B 156 1.00 24.87 -7.77
N GLU B 157 1.94 25.00 -6.83
CA GLU B 157 2.76 26.20 -6.74
C GLU B 157 4.06 26.08 -7.50
N TYR B 158 4.60 24.87 -7.66
CA TYR B 158 5.82 24.64 -8.42
C TYR B 158 5.54 23.59 -9.50
N PRO B 159 4.79 23.97 -10.55
CA PRO B 159 4.39 22.97 -11.54
C PRO B 159 5.54 22.44 -12.38
N ASP B 160 6.58 23.24 -12.61
CA ASP B 160 7.68 22.85 -13.47
C ASP B 160 8.84 22.20 -12.73
N ARG B 161 8.72 22.00 -11.42
CA ARG B 161 9.76 21.32 -10.66
C ARG B 161 9.50 19.82 -10.64
N ILE B 162 10.56 19.06 -10.33
CA ILE B 162 10.50 17.60 -10.36
C ILE B 162 9.98 17.10 -9.03
N MET B 163 8.95 16.25 -9.08
CA MET B 163 8.37 15.63 -7.89
C MET B 163 8.89 14.21 -7.78
N ASN B 164 9.67 13.94 -6.74
CA ASN B 164 10.28 12.64 -6.51
C ASN B 164 9.89 12.14 -5.13
N THR B 165 9.57 10.84 -5.03
CA THR B 165 9.15 10.27 -3.76
C THR B 165 9.81 8.92 -3.54
N PHE B 166 10.05 8.60 -2.27
CA PHE B 166 10.43 7.27 -1.81
C PHE B 166 9.21 6.70 -1.10
N SER B 167 8.44 5.87 -1.79
CA SER B 167 7.18 5.36 -1.29
C SER B 167 7.34 3.91 -0.84
N VAL B 168 6.89 3.62 0.37
CA VAL B 168 7.02 2.29 0.97
C VAL B 168 5.70 1.56 0.82
N MET B 169 5.73 0.40 0.15
CA MET B 169 4.53 -0.39 -0.08
C MET B 169 4.19 -1.24 1.15
N PRO B 170 2.91 -1.43 1.45
CA PRO B 170 2.53 -2.27 2.58
C PRO B 170 2.55 -3.74 2.21
N SER B 171 2.76 -4.57 3.24
CA SER B 171 2.81 -6.01 3.08
C SER B 171 2.21 -6.69 4.29
N PRO B 172 1.44 -7.77 4.10
CA PRO B 172 0.87 -8.48 5.25
C PRO B 172 1.93 -9.07 6.17
N LYS B 173 3.15 -9.26 5.68
CA LYS B 173 4.21 -9.87 6.50
C LYS B 173 4.67 -8.85 7.54
N VAL B 174 4.58 -7.56 7.23
CA VAL B 174 4.91 -6.48 8.20
C VAL B 174 3.71 -5.53 8.19
N SER B 175 2.60 -5.94 8.80
CA SER B 175 1.36 -5.12 8.70
C SER B 175 0.99 -4.43 10.00
N ASP B 176 0.54 -3.19 9.91
CA ASP B 176 0.02 -2.50 11.09
C ASP B 176 -1.49 -2.70 11.23
N THR B 177 -2.25 -2.26 10.23
CA THR B 177 -3.70 -2.41 10.21
C THR B 177 -4.14 -3.18 8.98
N VAL B 178 -5.41 -3.58 8.99
CA VAL B 178 -5.96 -4.35 7.88
C VAL B 178 -6.32 -3.47 6.68
N VAL B 179 -6.47 -2.16 6.88
CA VAL B 179 -6.96 -1.27 5.83
C VAL B 179 -5.79 -0.74 5.00
N GLU B 180 -4.62 -1.35 5.14
CA GLU B 180 -3.46 -0.91 4.38
C GLU B 180 -3.66 -0.98 2.86
N PRO B 181 -4.28 -2.02 2.29
CA PRO B 181 -4.55 -1.97 0.84
C PRO B 181 -5.45 -0.83 0.43
N TYR B 182 -6.36 -0.39 1.30
CA TYR B 182 -7.20 0.76 0.98
C TYR B 182 -6.36 2.02 0.86
N ASN B 183 -5.52 2.29 1.86
CA ASN B 183 -4.69 3.49 1.84
C ASN B 183 -3.69 3.44 0.68
N ALA B 184 -3.18 2.26 0.36
CA ALA B 184 -2.18 2.14 -0.69
C ALA B 184 -2.79 2.40 -2.07
N THR B 185 -3.93 1.78 -2.35
CA THR B 185 -4.56 1.97 -3.66
C THR B 185 -4.96 3.43 -3.88
N LEU B 186 -5.39 4.11 -2.82
CA LEU B 186 -5.74 5.52 -2.94
C LEU B 186 -4.51 6.38 -3.16
N SER B 187 -3.37 6.00 -2.58
CA SER B 187 -2.16 6.82 -2.71
C SER B 187 -1.51 6.67 -4.08
N VAL B 188 -1.47 5.46 -4.62
CA VAL B 188 -0.83 5.26 -5.92
C VAL B 188 -1.62 5.97 -7.02
N HIS B 189 -2.95 6.00 -6.89
CA HIS B 189 -3.76 6.80 -7.80
C HIS B 189 -3.25 8.24 -7.87
N GLN B 190 -2.85 8.80 -6.72
CA GLN B 190 -2.25 10.12 -6.71
C GLN B 190 -0.84 10.10 -7.30
N LEU B 191 -0.09 9.05 -7.00
CA LEU B 191 1.35 9.01 -7.41
C LEU B 191 1.49 8.96 -8.93
N VAL B 192 0.57 8.31 -9.62
CA VAL B 192 0.69 8.16 -11.10
C VAL B 192 0.37 9.50 -11.78
N GLU B 193 -0.22 10.43 -11.05
CA GLU B 193 -0.67 11.70 -11.68
C GLU B 193 0.15 12.91 -11.23
N ASN B 194 0.67 12.90 -10.00
CA ASN B 194 1.28 14.12 -9.49
C ASN B 194 2.77 14.00 -9.18
N THR B 195 3.41 12.87 -9.47
CA THR B 195 4.84 12.71 -9.26
C THR B 195 5.53 12.36 -10.56
N ASP B 196 6.82 12.71 -10.65
CA ASP B 196 7.63 12.42 -11.82
C ASP B 196 8.49 11.17 -11.66
N GLU B 197 8.95 10.89 -10.44
CA GLU B 197 9.75 9.70 -10.16
C GLU B 197 9.34 9.15 -8.80
N THR B 198 9.15 7.84 -8.72
CA THR B 198 8.78 7.19 -7.46
C THR B 198 9.60 5.92 -7.30
N TYR B 199 10.32 5.83 -6.18
CA TYR B 199 11.07 4.63 -5.82
C TYR B 199 10.17 3.71 -5.00
N CYS B 200 9.88 2.54 -5.54
CA CYS B 200 9.00 1.58 -4.89
C CYS B 200 9.83 0.73 -3.93
N ILE B 201 9.66 0.96 -2.64
CA ILE B 201 10.33 0.20 -1.59
C ILE B 201 9.28 -0.71 -0.96
N ASP B 202 9.34 -1.99 -1.29
CA ASP B 202 8.33 -2.95 -0.87
C ASP B 202 8.73 -3.55 0.48
N ASN B 203 7.88 -3.35 1.49
CA ASN B 203 8.11 -3.97 2.79
C ASN B 203 8.09 -5.49 2.68
N GLU B 204 7.40 -6.03 1.68
CA GLU B 204 7.42 -7.47 1.45
C GLU B 204 8.82 -7.94 1.07
N ALA B 205 9.47 -7.23 0.14
CA ALA B 205 10.82 -7.59 -0.26
C ALA B 205 11.81 -7.36 0.87
N LEU B 206 11.64 -6.26 1.62
CA LEU B 206 12.52 -5.99 2.76
C LEU B 206 12.43 -7.11 3.80
N TYR B 207 11.23 -7.65 4.02
CA TYR B 207 11.08 -8.74 4.98
C TYR B 207 11.76 -10.01 4.48
N ASP B 208 11.53 -10.37 3.22
CA ASP B 208 12.09 -11.60 2.69
C ASP B 208 13.61 -11.54 2.63
N ILE B 209 14.18 -10.35 2.41
CA ILE B 209 15.63 -10.22 2.41
C ILE B 209 16.19 -10.39 3.83
N CYS B 210 15.52 -9.80 4.81
CA CYS B 210 15.95 -9.95 6.20
C CYS B 210 15.78 -11.38 6.68
N PHE B 211 14.74 -12.07 6.21
CA PHE B 211 14.41 -13.40 6.70
C PHE B 211 15.16 -14.50 5.95
N ARG B 212 15.02 -14.54 4.62
CA ARG B 212 15.57 -15.64 3.84
C ARG B 212 17.06 -15.47 3.55
N THR B 213 17.53 -14.23 3.43
CA THR B 213 18.93 -13.98 3.09
C THR B 213 19.77 -13.58 4.28
N LEU B 214 19.33 -12.60 5.07
CA LEU B 214 20.17 -12.13 6.20
C LEU B 214 19.97 -13.01 7.43
N LYS B 215 19.02 -13.96 7.37
CA LYS B 215 18.83 -14.93 8.45
C LYS B 215 18.46 -14.24 9.76
N LEU B 216 17.48 -13.34 9.69
CA LEU B 216 16.88 -12.72 10.88
C LEU B 216 15.48 -13.29 11.01
N THR B 217 15.28 -14.18 11.99
CA THR B 217 14.00 -14.86 12.13
C THR B 217 12.86 -13.89 12.41
N THR B 218 13.07 -12.97 13.36
CA THR B 218 12.09 -11.92 13.67
C THR B 218 12.62 -10.53 13.28
N PRO B 219 12.37 -10.08 12.05
CA PRO B 219 12.92 -8.79 11.62
C PRO B 219 12.14 -7.63 12.23
N THR B 220 12.89 -6.60 12.60
CA THR B 220 12.32 -5.37 13.16
C THR B 220 12.33 -4.27 12.11
N TYR B 221 11.65 -3.16 12.43
CA TYR B 221 11.65 -2.02 11.53
C TYR B 221 13.04 -1.41 11.41
N GLY B 222 13.86 -1.51 12.46
CA GLY B 222 15.24 -1.09 12.35
C GLY B 222 16.04 -1.93 11.38
N ASP B 223 15.69 -3.22 11.26
CA ASP B 223 16.35 -4.07 10.28
C ASP B 223 15.92 -3.74 8.86
N LEU B 224 14.64 -3.45 8.66
CA LEU B 224 14.16 -3.06 7.34
C LEU B 224 14.71 -1.70 6.94
N ASN B 225 14.72 -0.75 7.87
CA ASN B 225 15.20 0.60 7.56
C ASN B 225 16.68 0.64 7.26
N HIS B 226 17.45 -0.33 7.76
CA HIS B 226 18.86 -0.41 7.42
C HIS B 226 19.06 -0.69 5.93
N LEU B 227 18.16 -1.50 5.35
CA LEU B 227 18.18 -1.72 3.91
C LEU B 227 17.68 -0.50 3.16
N VAL B 228 16.72 0.22 3.73
CA VAL B 228 16.16 1.39 3.05
C VAL B 228 17.19 2.50 2.96
N SER B 229 17.92 2.76 4.04
CA SER B 229 18.91 3.83 4.04
C SER B 229 20.04 3.54 3.07
N ALA B 230 20.47 2.28 2.99
CA ALA B 230 21.52 1.92 2.04
C ALA B 230 21.05 2.10 0.61
N THR B 231 19.78 1.77 0.33
CA THR B 231 19.24 1.99 -1.00
C THR B 231 19.06 3.48 -1.28
N MET B 232 18.58 4.23 -0.29
CA MET B 232 18.37 5.67 -0.47
C MET B 232 19.70 6.39 -0.68
N SER B 233 20.77 5.91 -0.04
CA SER B 233 22.08 6.51 -0.25
C SER B 233 22.62 6.21 -1.64
N GLY B 234 22.32 5.01 -2.16
CA GLY B 234 22.84 4.64 -3.47
C GLY B 234 22.15 5.35 -4.61
N VAL B 235 20.82 5.46 -4.54
CA VAL B 235 20.06 6.07 -5.63
C VAL B 235 20.21 7.59 -5.68
N THR B 236 20.81 8.20 -4.67
CA THR B 236 21.03 9.64 -4.66
C THR B 236 22.51 10.01 -4.78
N THR B 237 23.38 9.02 -5.04
CA THR B 237 24.80 9.30 -5.13
C THR B 237 25.13 10.22 -6.30
N CYS B 238 24.51 9.96 -7.46
CA CYS B 238 24.76 10.81 -8.62
C CYS B 238 24.24 12.22 -8.43
N LEU B 239 23.38 12.45 -7.44
CA LEU B 239 22.90 13.79 -7.12
C LEU B 239 23.78 14.51 -6.10
N ARG B 240 24.56 13.77 -5.32
CA ARG B 240 25.33 14.35 -4.23
C ARG B 240 26.82 14.47 -4.51
N PHE B 241 27.33 13.86 -5.58
CA PHE B 241 28.75 13.84 -5.89
C PHE B 241 28.96 14.22 -7.34
N PRO B 242 30.14 14.74 -7.68
CA PRO B 242 30.41 15.16 -9.06
C PRO B 242 30.28 14.01 -10.04
N GLY B 243 29.63 14.28 -11.16
CA GLY B 243 29.39 13.29 -12.18
C GLY B 243 28.56 13.89 -13.29
N GLN B 244 28.20 13.03 -14.27
CA GLN B 244 27.41 13.51 -15.40
C GLN B 244 26.58 12.41 -16.04
N LEU B 245 26.06 11.47 -15.26
CA LEU B 245 25.11 10.51 -15.80
C LEU B 245 23.70 10.97 -15.50
N ASN B 246 23.32 10.95 -14.23
CA ASN B 246 22.03 11.45 -13.77
C ASN B 246 22.27 12.48 -12.66
N ALA B 247 22.99 13.55 -13.01
CA ALA B 247 23.46 14.51 -12.02
C ALA B 247 22.34 15.30 -11.38
N ASP B 248 21.19 15.44 -12.04
CA ASP B 248 20.05 16.15 -11.48
C ASP B 248 18.79 15.34 -11.69
N LEU B 249 17.69 15.82 -11.11
CA LEU B 249 16.44 15.07 -11.12
C LEU B 249 15.81 15.04 -12.50
N ARG B 250 15.89 16.15 -13.24
CA ARG B 250 15.26 16.20 -14.56
CA ARG B 250 15.26 16.20 -14.56
C ARG B 250 16.00 15.30 -15.55
N LYS B 251 17.33 15.39 -15.60
CA LYS B 251 18.10 14.52 -16.48
C LYS B 251 17.90 13.05 -16.13
N LEU B 252 17.66 12.75 -14.85
CA LEU B 252 17.35 11.39 -14.46
C LEU B 252 15.98 10.95 -15.01
N ALA B 253 14.99 11.83 -14.95
CA ALA B 253 13.65 11.49 -15.43
C ALA B 253 13.64 11.31 -16.94
N VAL B 254 14.42 12.10 -17.67
CA VAL B 254 14.46 11.98 -19.12
C VAL B 254 15.05 10.64 -19.53
N ASN B 255 15.97 10.10 -18.73
CA ASN B 255 16.63 8.84 -19.05
C ASN B 255 15.87 7.61 -18.57
N MET B 256 14.97 7.78 -17.59
CA MET B 256 14.33 6.63 -16.96
C MET B 256 12.82 6.55 -17.21
N VAL B 257 12.20 7.60 -17.73
CA VAL B 257 10.75 7.63 -17.90
C VAL B 257 10.42 7.72 -19.38
N PRO B 258 10.26 6.59 -20.09
CA PRO B 258 9.89 6.66 -21.50
C PRO B 258 8.42 7.01 -21.74
N PHE B 259 7.54 6.74 -20.77
CA PHE B 259 6.14 7.06 -20.86
C PHE B 259 5.72 7.65 -19.51
N PRO B 260 4.90 8.71 -19.52
CA PRO B 260 4.72 9.49 -18.28
C PRO B 260 4.19 8.70 -17.10
N ARG B 261 3.23 7.81 -17.30
CA ARG B 261 2.64 7.10 -16.17
C ARG B 261 3.56 6.00 -15.64
N LEU B 262 4.50 5.51 -16.43
CA LEU B 262 5.40 4.43 -16.01
C LEU B 262 6.67 5.06 -15.44
N HIS B 263 6.55 5.57 -14.21
CA HIS B 263 7.65 6.25 -13.53
C HIS B 263 7.88 5.66 -12.13
N PHE B 264 7.63 4.37 -11.97
CA PHE B 264 7.83 3.67 -10.71
C PHE B 264 9.08 2.79 -10.83
N PHE B 265 10.13 3.16 -10.12
CA PHE B 265 11.42 2.50 -10.25
C PHE B 265 11.56 1.36 -9.25
N MET B 266 12.26 0.31 -9.67
CA MET B 266 12.53 -0.83 -8.81
C MET B 266 13.99 -0.77 -8.37
N PRO B 267 14.28 -0.50 -7.10
CA PRO B 267 15.67 -0.37 -6.67
C PRO B 267 16.29 -1.69 -6.28
N GLY B 268 17.61 -1.75 -6.39
CA GLY B 268 18.38 -2.91 -6.00
C GLY B 268 19.73 -2.55 -5.42
N PHE B 269 20.18 -3.30 -4.42
CA PHE B 269 21.43 -3.00 -3.72
C PHE B 269 22.29 -4.25 -3.64
N ALA B 270 23.60 -4.03 -3.58
CA ALA B 270 24.59 -5.09 -3.41
C ALA B 270 25.86 -4.49 -2.83
N PRO B 271 26.46 -5.12 -1.81
CA PRO B 271 26.03 -6.35 -1.14
C PRO B 271 24.99 -6.10 -0.06
N LEU B 272 24.27 -7.14 0.37
CA LEU B 272 23.27 -7.01 1.43
C LEU B 272 23.95 -7.21 2.78
N THR B 273 24.00 -6.16 3.59
CA THR B 273 24.65 -6.17 4.89
C THR B 273 23.62 -6.00 5.99
N SER B 274 24.11 -6.00 7.23
CA SER B 274 23.25 -5.83 8.39
C SER B 274 24.02 -5.23 9.57
N GLN B 279 31.34 -7.35 7.27
CA GLN B 279 31.96 -8.49 6.59
C GLN B 279 33.40 -8.17 6.19
N TYR B 280 34.29 -9.15 6.34
CA TYR B 280 35.70 -8.97 6.04
C TYR B 280 36.09 -9.43 4.65
N ARG B 281 35.36 -10.41 4.10
CA ARG B 281 35.62 -10.86 2.72
C ARG B 281 35.34 -9.72 1.75
N ALA B 282 36.30 -9.40 0.88
CA ALA B 282 36.11 -8.35 -0.10
C ALA B 282 35.32 -8.85 -1.30
N LEU B 283 34.38 -8.04 -1.76
CA LEU B 283 33.59 -8.38 -2.93
C LEU B 283 34.35 -8.01 -4.20
N THR B 284 33.95 -8.63 -5.31
CA THR B 284 34.57 -8.37 -6.60
C THR B 284 33.54 -7.75 -7.54
N VAL B 285 34.05 -7.06 -8.55
CA VAL B 285 33.18 -6.40 -9.52
C VAL B 285 32.27 -7.39 -10.24
N PRO B 286 32.74 -8.56 -10.70
CA PRO B 286 31.80 -9.53 -11.28
C PRO B 286 30.73 -10.00 -10.31
N GLU B 287 31.02 -10.02 -9.00
CA GLU B 287 30.02 -10.44 -8.02
C GLU B 287 29.01 -9.33 -7.74
N LEU B 288 29.46 -8.07 -7.73
CA LEU B 288 28.54 -6.97 -7.56
C LEU B 288 27.54 -6.91 -8.71
N THR B 289 28.01 -7.11 -9.95
CA THR B 289 27.12 -7.08 -11.10
C THR B 289 26.17 -8.28 -11.09
N GLN B 290 26.65 -9.43 -10.61
CA GLN B 290 25.79 -10.62 -10.59
C GLN B 290 24.65 -10.47 -9.61
N GLN B 291 24.93 -9.98 -8.40
CA GLN B 291 23.90 -9.78 -7.40
C GLN B 291 23.02 -8.57 -7.69
N MET B 292 23.49 -7.61 -8.49
CA MET B 292 22.70 -6.38 -8.77
C MET B 292 21.47 -6.72 -9.60
N PHE B 293 21.59 -7.66 -10.53
CA PHE B 293 20.47 -8.02 -11.39
C PHE B 293 19.68 -9.21 -10.88
N ASP B 294 20.02 -9.75 -9.71
CA ASP B 294 19.30 -10.87 -9.14
C ASP B 294 18.05 -10.38 -8.43
N SER B 295 16.99 -11.18 -8.50
CA SER B 295 15.74 -10.82 -7.82
C SER B 295 15.91 -10.83 -6.31
N LYS B 296 16.87 -11.59 -5.79
CA LYS B 296 17.07 -11.65 -4.35
C LYS B 296 17.56 -10.32 -3.78
N ASN B 297 18.02 -9.40 -4.63
CA ASN B 297 18.50 -8.10 -4.18
C ASN B 297 17.56 -6.96 -4.54
N MET B 298 16.41 -7.25 -5.14
CA MET B 298 15.46 -6.21 -5.52
C MET B 298 14.72 -5.69 -4.29
N MET B 299 14.58 -4.37 -4.21
CA MET B 299 13.86 -3.76 -3.11
C MET B 299 12.34 -3.85 -3.27
N ALA B 300 11.87 -4.34 -4.42
CA ALA B 300 10.45 -4.56 -4.66
C ALA B 300 10.24 -6.04 -4.96
N ALA B 301 9.22 -6.63 -4.33
CA ALA B 301 8.98 -8.07 -4.48
C ALA B 301 8.50 -8.40 -5.89
N CYS B 302 9.40 -8.27 -6.87
CA CYS B 302 9.10 -8.59 -8.25
C CYS B 302 10.20 -9.47 -8.82
N ASP B 303 9.82 -10.34 -9.75
CA ASP B 303 10.78 -11.16 -10.46
C ASP B 303 11.10 -10.49 -11.79
N PRO B 304 12.28 -9.91 -11.96
CA PRO B 304 12.58 -9.20 -13.23
C PRO B 304 12.50 -10.11 -14.45
N ARG B 305 12.74 -11.40 -14.29
CA ARG B 305 12.60 -12.33 -15.41
C ARG B 305 11.15 -12.46 -15.86
N HIS B 306 10.20 -12.09 -15.02
CA HIS B 306 8.79 -12.10 -15.39
C HIS B 306 8.40 -10.91 -16.26
N GLY B 307 9.28 -9.93 -16.40
CA GLY B 307 9.02 -8.77 -17.24
C GLY B 307 10.21 -8.38 -18.08
N ARG B 308 10.20 -7.16 -18.61
CA ARG B 308 11.29 -6.65 -19.43
C ARG B 308 11.75 -5.30 -18.90
N TYR B 309 13.03 -5.02 -19.08
CA TYR B 309 13.64 -3.77 -18.63
C TYR B 309 13.43 -2.69 -19.68
N LEU B 310 12.75 -1.60 -19.30
CA LEU B 310 12.64 -0.45 -20.18
C LEU B 310 13.91 0.39 -20.13
N THR B 311 14.27 0.87 -18.94
CA THR B 311 15.51 1.61 -18.74
C THR B 311 16.15 1.12 -17.44
N VAL B 312 17.49 1.17 -17.41
CA VAL B 312 18.27 0.70 -16.26
C VAL B 312 19.38 1.70 -15.99
N ALA B 313 19.56 2.05 -14.72
CA ALA B 313 20.67 2.88 -14.28
C ALA B 313 21.42 2.13 -13.19
N ALA B 314 22.64 1.71 -13.49
CA ALA B 314 23.51 1.04 -12.54
C ALA B 314 24.61 2.00 -12.10
N ILE B 315 24.94 1.98 -10.82
CA ILE B 315 25.92 2.90 -10.26
C ILE B 315 26.78 2.16 -9.25
N PHE B 316 28.10 2.19 -9.44
CA PHE B 316 29.06 1.49 -8.61
C PHE B 316 29.80 2.49 -7.74
N ARG B 317 29.89 2.20 -6.45
CA ARG B 317 30.58 3.06 -5.49
C ARG B 317 31.79 2.32 -4.92
N GLY B 318 32.92 3.02 -4.84
CA GLY B 318 34.15 2.47 -4.33
C GLY B 318 35.29 2.73 -5.28
N ARG B 319 36.41 2.07 -5.02
CA ARG B 319 37.62 2.22 -5.83
C ARG B 319 37.83 0.93 -6.63
N MET B 320 37.47 0.99 -7.91
CA MET B 320 37.60 -0.18 -8.81
C MET B 320 38.05 0.31 -10.18
N SER B 321 38.22 -0.62 -11.13
CA SER B 321 38.68 -0.28 -12.49
C SER B 321 37.47 -0.02 -13.39
N MET B 322 37.38 1.19 -13.92
CA MET B 322 36.25 1.53 -14.83
C MET B 322 36.24 0.48 -15.95
N LYS B 323 37.39 -0.09 -16.30
CA LYS B 323 37.30 -1.06 -17.38
C LYS B 323 36.56 -2.31 -16.93
N GLU B 324 36.75 -2.69 -15.68
CA GLU B 324 36.14 -3.95 -15.20
C GLU B 324 34.61 -3.78 -15.13
N VAL B 325 34.14 -2.63 -14.64
CA VAL B 325 32.70 -2.42 -14.55
C VAL B 325 32.08 -2.34 -15.95
N ASP B 326 32.86 -1.87 -16.93
CA ASP B 326 32.37 -1.89 -18.31
C ASP B 326 32.29 -3.31 -18.85
N GLU B 327 33.28 -4.14 -18.53
CA GLU B 327 33.28 -5.51 -19.01
C GLU B 327 32.15 -6.31 -18.38
N GLN B 328 31.96 -6.17 -17.07
CA GLN B 328 30.97 -6.99 -16.37
C GLN B 328 29.55 -6.54 -16.71
N MET B 329 29.33 -5.24 -16.88
CA MET B 329 27.99 -4.77 -17.23
C MET B 329 27.62 -5.16 -18.64
N LEU B 330 28.54 -5.03 -19.59
CA LEU B 330 28.29 -5.50 -20.94
C LEU B 330 28.16 -7.02 -21.00
N ASN B 331 28.69 -7.73 -20.00
CA ASN B 331 28.56 -9.18 -19.97
C ASN B 331 27.23 -9.62 -19.37
N VAL B 332 26.74 -8.88 -18.37
CA VAL B 332 25.44 -9.21 -17.79
C VAL B 332 24.30 -8.83 -18.73
N GLN B 333 24.54 -7.90 -19.65
CA GLN B 333 23.54 -7.59 -20.67
C GLN B 333 23.41 -8.73 -21.67
N ASN B 334 24.52 -9.39 -21.99
CA ASN B 334 24.47 -10.53 -22.90
C ASN B 334 23.83 -11.75 -22.23
N LYS B 335 24.02 -11.90 -20.92
CA LYS B 335 23.42 -13.03 -20.21
C LYS B 335 21.90 -12.89 -20.11
N ASN B 336 21.40 -11.66 -20.05
CA ASN B 336 19.97 -11.39 -19.91
C ASN B 336 19.47 -10.51 -21.05
N SER B 337 19.98 -10.74 -22.26
CA SER B 337 19.57 -9.93 -23.41
C SER B 337 18.09 -10.09 -23.73
N SER B 338 17.46 -11.17 -23.29
CA SER B 338 16.04 -11.38 -23.53
C SER B 338 15.16 -10.50 -22.66
N TYR B 339 15.71 -9.86 -21.63
CA TYR B 339 14.93 -9.06 -20.68
C TYR B 339 15.14 -7.57 -20.87
N PHE B 340 15.65 -7.15 -22.02
CA PHE B 340 15.78 -5.73 -22.36
C PHE B 340 15.03 -5.47 -23.65
N VAL B 341 14.18 -4.45 -23.63
CA VAL B 341 13.38 -4.09 -24.82
C VAL B 341 14.35 -3.70 -25.94
N GLU B 342 14.02 -4.07 -27.18
CA GLU B 342 14.91 -3.80 -28.32
C GLU B 342 14.56 -2.44 -28.92
N TRP B 343 13.42 -1.88 -28.55
CA TRP B 343 12.99 -0.61 -29.16
C TRP B 343 13.62 0.58 -28.44
N ILE B 344 14.38 0.31 -27.38
CA ILE B 344 15.10 1.40 -26.71
C ILE B 344 16.58 1.04 -26.72
N PRO B 345 17.33 1.45 -27.75
CA PRO B 345 18.74 1.06 -27.83
C PRO B 345 19.57 1.69 -26.71
N ASN B 346 20.51 0.90 -26.19
CA ASN B 346 21.43 1.35 -25.15
C ASN B 346 20.68 1.92 -23.95
N ASN B 347 19.78 1.09 -23.40
CA ASN B 347 18.89 1.53 -22.29
C ASN B 347 19.50 1.27 -20.91
N VAL B 348 20.71 0.74 -20.84
CA VAL B 348 21.39 0.54 -19.53
C VAL B 348 22.58 1.49 -19.46
N LYS B 349 22.56 2.39 -18.48
CA LYS B 349 23.65 3.39 -18.31
C LYS B 349 24.38 3.09 -17.01
N THR B 350 25.68 3.34 -16.97
CA THR B 350 26.49 3.01 -15.80
C THR B 350 27.25 4.25 -15.33
N ALA B 351 27.31 4.43 -14.01
CA ALA B 351 28.10 5.47 -13.38
C ALA B 351 28.97 4.86 -12.30
N VAL B 352 30.07 5.54 -11.98
CA VAL B 352 31.02 5.05 -11.00
C VAL B 352 31.41 6.23 -10.09
N CYS B 353 31.22 6.04 -8.79
CA CYS B 353 31.61 7.03 -7.79
C CYS B 353 32.75 6.48 -6.94
N ASP B 354 33.65 7.36 -6.53
CA ASP B 354 34.83 6.94 -5.79
C ASP B 354 34.54 6.77 -4.29
N ILE B 355 33.65 7.57 -3.74
CA ILE B 355 33.34 7.50 -2.32
C ILE B 355 32.36 6.36 -2.05
N PRO B 356 32.74 5.37 -1.24
CA PRO B 356 31.82 4.29 -0.93
C PRO B 356 31.07 4.56 0.36
N PRO B 357 29.97 3.85 0.60
CA PRO B 357 29.27 3.99 1.89
C PRO B 357 30.15 3.52 3.04
N ARG B 358 29.80 3.97 4.25
CA ARG B 358 30.58 3.63 5.43
C ARG B 358 30.48 2.15 5.72
N GLY B 359 31.63 1.54 6.03
CA GLY B 359 31.70 0.13 6.33
C GLY B 359 31.85 -0.78 5.12
N LEU B 360 31.68 -0.25 3.91
CA LEU B 360 31.79 -1.03 2.69
C LEU B 360 32.89 -0.46 1.82
N LYS B 361 33.73 -1.35 1.27
CA LYS B 361 34.76 -0.91 0.33
C LYS B 361 34.18 -0.67 -1.06
N MET B 362 33.32 -1.59 -1.52
CA MET B 362 32.66 -1.44 -2.82
C MET B 362 31.20 -1.78 -2.66
N SER B 363 30.34 -1.05 -3.38
CA SER B 363 28.91 -1.31 -3.38
C SER B 363 28.36 -1.02 -4.77
N ALA B 364 27.15 -1.53 -5.01
CA ALA B 364 26.48 -1.35 -6.30
C ALA B 364 25.00 -1.14 -6.04
N THR B 365 24.43 -0.14 -6.72
CA THR B 365 23.03 0.22 -6.58
C THR B 365 22.33 0.11 -7.92
N PHE B 366 21.20 -0.58 -7.95
CA PHE B 366 20.44 -0.84 -9.16
C PHE B 366 19.20 0.04 -9.18
N ILE B 367 18.96 0.70 -10.32
CA ILE B 367 17.76 1.51 -10.53
C ILE B 367 17.17 1.08 -11.87
N GLY B 368 16.06 0.37 -11.82
CA GLY B 368 15.45 -0.21 -13.01
C GLY B 368 14.00 0.19 -13.16
N ASN B 369 13.60 0.49 -14.39
CA ASN B 369 12.21 0.69 -14.77
C ASN B 369 11.78 -0.54 -15.55
N SER B 370 11.25 -1.52 -14.83
CA SER B 370 10.88 -2.81 -15.40
C SER B 370 9.37 -2.98 -15.42
N THR B 371 8.87 -3.67 -16.44
CA THR B 371 7.45 -4.00 -16.50
C THR B 371 7.04 -5.03 -15.46
N ALA B 372 8.00 -5.72 -14.84
CA ALA B 372 7.70 -6.69 -13.79
C ALA B 372 7.16 -6.02 -12.53
N ILE B 373 7.26 -4.69 -12.43
CA ILE B 373 6.71 -3.98 -11.28
C ILE B 373 5.19 -4.12 -11.21
N GLN B 374 4.56 -4.52 -12.31
CA GLN B 374 3.10 -4.72 -12.30
C GLN B 374 2.69 -5.79 -11.31
N GLU B 375 3.60 -6.69 -10.93
CA GLU B 375 3.27 -7.69 -9.93
C GLU B 375 3.00 -7.06 -8.57
N LEU B 376 3.66 -5.93 -8.28
CA LEU B 376 3.43 -5.21 -7.03
C LEU B 376 2.02 -4.64 -6.99
N PHE B 377 1.64 -3.88 -8.02
CA PHE B 377 0.32 -3.27 -8.05
C PHE B 377 -0.78 -4.32 -8.18
N LYS B 378 -0.50 -5.42 -8.89
CA LYS B 378 -1.47 -6.51 -8.96
C LYS B 378 -1.69 -7.14 -7.60
N ARG B 379 -0.65 -7.21 -6.77
CA ARG B 379 -0.78 -7.76 -5.43
C ARG B 379 -1.65 -6.86 -4.56
N ILE B 380 -1.40 -5.55 -4.60
CA ILE B 380 -2.22 -4.61 -3.83
C ILE B 380 -3.66 -4.64 -4.32
N SER B 381 -3.85 -4.76 -5.64
CA SER B 381 -5.20 -4.76 -6.21
C SER B 381 -5.99 -5.98 -5.78
N GLU B 382 -5.34 -7.13 -5.64
CA GLU B 382 -6.05 -8.33 -5.21
C GLU B 382 -6.48 -8.23 -3.76
N GLN B 383 -5.63 -7.65 -2.90
CA GLN B 383 -6.01 -7.44 -1.51
C GLN B 383 -7.06 -6.35 -1.38
N PHE B 384 -7.00 -5.33 -2.24
CA PHE B 384 -8.03 -4.29 -2.23
C PHE B 384 -9.39 -4.85 -2.61
N THR B 385 -9.44 -5.65 -3.68
CA THR B 385 -10.72 -6.14 -4.19
C THR B 385 -11.37 -7.12 -3.22
N ALA B 386 -10.56 -7.93 -2.53
CA ALA B 386 -11.13 -8.92 -1.61
C ALA B 386 -11.96 -8.25 -0.52
N MET B 387 -11.56 -7.07 -0.07
CA MET B 387 -12.30 -6.33 0.96
C MET B 387 -13.38 -5.46 0.34
N PHE B 388 -13.04 -4.71 -0.72
CA PHE B 388 -13.99 -3.78 -1.30
C PHE B 388 -15.18 -4.47 -1.94
N ARG B 389 -15.03 -5.74 -2.33
CA ARG B 389 -16.16 -6.49 -2.86
C ARG B 389 -17.29 -6.59 -1.83
N ARG B 390 -16.95 -6.62 -0.55
CA ARG B 390 -17.93 -6.70 0.53
C ARG B 390 -18.03 -5.39 1.30
N LYS B 391 -17.40 -4.32 0.82
CA LYS B 391 -17.44 -3.01 1.46
C LYS B 391 -16.95 -3.07 2.91
N ALA B 392 -15.98 -3.94 3.18
CA ALA B 392 -15.49 -4.13 4.54
C ALA B 392 -14.60 -2.98 4.96
N PHE B 393 -14.75 -2.54 6.20
CA PHE B 393 -13.98 -1.46 6.81
C PHE B 393 -14.15 -0.13 6.07
N LEU B 394 -15.15 -0.01 5.21
CA LEU B 394 -15.36 1.20 4.44
C LEU B 394 -15.97 2.32 5.26
N HIS B 395 -16.64 2.00 6.38
CA HIS B 395 -17.25 3.03 7.21
C HIS B 395 -16.21 3.92 7.89
N TRP B 396 -14.97 3.44 8.04
CA TRP B 396 -13.91 4.29 8.57
C TRP B 396 -13.60 5.44 7.61
N TYR B 397 -13.88 5.26 6.32
CA TYR B 397 -13.60 6.27 5.31
C TYR B 397 -14.83 7.10 4.94
N THR B 398 -16.00 6.47 4.83
CA THR B 398 -17.21 7.22 4.56
C THR B 398 -17.60 8.11 5.73
N GLY B 399 -17.18 7.79 6.94
CA GLY B 399 -17.41 8.66 8.08
C GLY B 399 -16.61 9.95 8.03
N GLU B 400 -15.60 10.01 7.18
CA GLU B 400 -14.80 11.22 6.98
C GLU B 400 -15.22 11.99 5.73
N GLY B 401 -16.36 11.66 5.13
CA GLY B 401 -16.87 12.36 3.98
C GLY B 401 -16.55 11.73 2.64
N MET B 402 -15.84 10.61 2.63
CA MET B 402 -15.46 9.98 1.37
C MET B 402 -16.63 9.22 0.76
N ASP B 403 -16.49 8.89 -0.53
CA ASP B 403 -17.53 8.21 -1.29
C ASP B 403 -16.96 6.92 -1.88
N GLU B 404 -17.84 5.96 -2.13
CA GLU B 404 -17.43 4.71 -2.78
C GLU B 404 -16.95 4.97 -4.19
N MET B 405 -17.43 6.04 -4.80
CA MET B 405 -17.03 6.38 -6.20
C MET B 405 -15.52 6.63 -6.22
N GLU B 406 -14.99 7.21 -5.15
CA GLU B 406 -13.57 7.50 -5.10
C GLU B 406 -12.74 6.22 -5.02
N PHE B 407 -13.28 5.18 -4.40
CA PHE B 407 -12.55 3.92 -4.31
C PHE B 407 -12.51 3.20 -5.65
N THR B 408 -13.68 3.09 -6.31
CA THR B 408 -13.71 2.46 -7.63
C THR B 408 -12.87 3.22 -8.65
N GLU B 409 -12.79 4.55 -8.50
CA GLU B 409 -11.98 5.34 -9.41
C GLU B 409 -10.49 5.12 -9.17
N ALA B 410 -10.09 4.94 -7.91
CA ALA B 410 -8.70 4.66 -7.62
C ALA B 410 -8.31 3.25 -8.03
N GLU B 411 -9.24 2.30 -7.89
N GLU B 411 -9.24 2.30 -7.90
CA GLU B 411 -8.97 0.92 -8.29
CA GLU B 411 -8.93 0.91 -8.29
C GLU B 411 -8.84 0.79 -9.80
C GLU B 411 -8.84 0.79 -9.81
N SER B 412 -9.68 1.51 -10.54
CA SER B 412 -9.63 1.44 -12.00
C SER B 412 -8.34 2.05 -12.54
N ASN B 413 -7.84 3.11 -11.88
CA ASN B 413 -6.59 3.71 -12.32
C ASN B 413 -5.41 2.77 -12.08
N MET B 414 -5.44 2.03 -10.98
CA MET B 414 -4.43 1.00 -10.72
C MET B 414 -4.44 -0.08 -11.81
N ASN B 415 -5.63 -0.59 -12.13
CA ASN B 415 -5.74 -1.65 -13.12
C ASN B 415 -5.29 -1.17 -14.50
N ASP B 416 -5.53 0.10 -14.81
CA ASP B 416 -5.04 0.66 -16.08
C ASP B 416 -3.52 0.70 -16.09
N LEU B 417 -2.90 1.09 -14.97
CA LEU B 417 -1.44 1.10 -14.89
C LEU B 417 -0.87 -0.29 -15.10
N VAL B 418 -1.51 -1.32 -14.53
CA VAL B 418 -1.03 -2.69 -14.68
C VAL B 418 -1.11 -3.12 -16.14
N SER B 419 -2.25 -2.90 -16.78
CA SER B 419 -2.40 -3.27 -18.19
C SER B 419 -1.52 -2.43 -19.11
N GLU B 420 -1.12 -1.23 -18.67
CA GLU B 420 -0.18 -0.44 -19.46
C GLU B 420 1.22 -1.05 -19.42
N TYR B 421 1.63 -1.55 -18.26
CA TYR B 421 2.90 -2.27 -18.17
C TYR B 421 2.88 -3.53 -19.03
N GLN B 422 1.74 -4.22 -19.06
CA GLN B 422 1.62 -5.42 -19.87
C GLN B 422 1.68 -5.11 -21.36
N GLN B 423 1.26 -3.91 -21.76
CA GLN B 423 1.26 -3.54 -23.17
C GLN B 423 2.68 -3.51 -23.74
N TYR B 424 3.64 -3.05 -22.94
CA TYR B 424 5.02 -2.96 -23.36
C TYR B 424 5.83 -4.20 -23.03
N GLN B 425 5.31 -5.08 -22.18
CA GLN B 425 5.96 -6.36 -21.92
C GLN B 425 5.87 -7.30 -23.11
N ASP B 426 4.85 -7.14 -23.97
CA ASP B 426 4.68 -7.95 -25.15
C ASP B 426 5.01 -7.23 -26.44
N ALA B 427 5.15 -5.91 -26.43
CA ALA B 427 5.44 -5.16 -27.63
C ALA B 427 6.87 -5.43 -28.09
N THR B 428 7.02 -5.84 -29.36
CA THR B 428 8.30 -6.16 -29.95
C THR B 428 8.68 -5.11 -30.99
N ALA B 429 9.79 -5.35 -31.69
CA ALA B 429 10.26 -4.44 -32.71
C ALA B 429 11.02 -5.18 -33.79
N MET C 1 -2.08 13.92 26.74
CA MET C 1 -3.17 13.98 25.78
C MET C 1 -3.71 12.56 25.57
N ARG C 2 -4.87 12.45 24.89
CA ARG C 2 -5.56 11.19 24.62
C ARG C 2 -6.15 10.63 25.92
N GLU C 3 -6.82 11.52 26.66
CA GLU C 3 -7.43 11.13 27.92
C GLU C 3 -8.70 10.31 27.68
N CYS C 4 -8.97 9.40 28.61
CA CYS C 4 -10.15 8.55 28.55
CA CYS C 4 -10.16 8.55 28.55
C CYS C 4 -10.93 8.70 29.86
N ILE C 5 -12.22 8.99 29.75
CA ILE C 5 -13.10 9.13 30.90
C ILE C 5 -13.91 7.85 31.05
N SER C 6 -13.88 7.27 32.24
CA SER C 6 -14.59 6.03 32.52
C SER C 6 -15.88 6.34 33.28
N ILE C 7 -16.99 5.78 32.81
CA ILE C 7 -18.28 5.96 33.43
C ILE C 7 -18.75 4.60 33.95
N HIS C 8 -19.15 4.56 35.21
CA HIS C 8 -19.59 3.33 35.87
C HIS C 8 -21.04 3.52 36.31
N VAL C 9 -21.94 2.76 35.69
CA VAL C 9 -23.38 2.95 35.85
C VAL C 9 -23.96 1.71 36.52
N GLY C 10 -24.75 1.92 37.57
CA GLY C 10 -25.39 0.83 38.27
C GLY C 10 -24.45 0.08 39.20
N GLN C 11 -25.01 -0.92 39.88
CA GLN C 11 -24.23 -1.68 40.85
C GLN C 11 -23.09 -2.43 40.17
N ALA C 12 -23.40 -3.16 39.10
CA ALA C 12 -22.36 -3.93 38.41
C ALA C 12 -21.27 -3.03 37.86
N GLY C 13 -21.66 -1.90 37.24
CA GLY C 13 -20.67 -0.99 36.73
C GLY C 13 -19.84 -0.34 37.82
N VAL C 14 -20.47 -0.02 38.95
CA VAL C 14 -19.74 0.59 40.06
C VAL C 14 -18.78 -0.41 40.69
N GLN C 15 -19.28 -1.61 41.00
CA GLN C 15 -18.45 -2.60 41.69
C GLN C 15 -17.31 -3.10 40.80
N ILE C 16 -17.55 -3.19 39.48
CA ILE C 16 -16.46 -3.54 38.58
C ILE C 16 -15.48 -2.37 38.46
N GLY C 17 -16.00 -1.14 38.46
CA GLY C 17 -15.13 0.02 38.45
C GLY C 17 -14.25 0.11 39.69
N ASN C 18 -14.77 -0.34 40.84
CA ASN C 18 -13.96 -0.38 42.05
C ASN C 18 -12.79 -1.34 41.89
N ALA C 19 -13.05 -2.53 41.32
CA ALA C 19 -11.99 -3.51 41.12
C ALA C 19 -10.97 -3.02 40.11
N CYS C 20 -11.42 -2.38 39.04
CA CYS C 20 -10.50 -1.91 38.01
C CYS C 20 -9.57 -0.82 38.55
N TRP C 21 -10.15 0.17 39.24
CA TRP C 21 -9.34 1.30 39.69
C TRP C 21 -8.39 0.91 40.83
N GLU C 22 -8.76 -0.09 41.63
CA GLU C 22 -7.82 -0.64 42.59
C GLU C 22 -6.64 -1.30 41.87
N LEU C 23 -6.93 -2.01 40.77
CA LEU C 23 -5.86 -2.67 40.02
C LEU C 23 -5.00 -1.66 39.28
N TYR C 24 -5.61 -0.60 38.74
CA TYR C 24 -4.84 0.43 38.06
C TYR C 24 -3.82 1.06 39.00
N CYS C 25 -4.22 1.35 40.24
CA CYS C 25 -3.32 1.98 41.19
C CYS C 25 -2.16 1.05 41.54
N LEU C 26 -2.42 -0.25 41.66
CA LEU C 26 -1.35 -1.20 41.93
C LEU C 26 -0.41 -1.33 40.74
N GLU C 27 -0.92 -1.21 39.52
CA GLU C 27 -0.07 -1.35 38.34
C GLU C 27 0.86 -0.15 38.16
N HIS C 28 0.42 1.04 38.57
CA HIS C 28 1.21 2.25 38.37
C HIS C 28 1.95 2.69 39.63
N GLY C 29 1.62 2.13 40.78
CA GLY C 29 2.25 2.56 42.02
C GLY C 29 1.58 3.75 42.68
N ILE C 30 0.26 3.86 42.55
CA ILE C 30 -0.51 4.95 43.16
C ILE C 30 -1.08 4.46 44.48
N GLN C 31 -0.85 5.22 45.54
CA GLN C 31 -1.32 4.86 46.86
C GLN C 31 -2.80 5.20 47.02
N PRO C 32 -3.47 4.61 48.02
CA PRO C 32 -4.90 4.89 48.21
C PRO C 32 -5.23 6.35 48.50
N ASP C 33 -4.24 7.19 48.80
CA ASP C 33 -4.47 8.61 49.01
C ASP C 33 -4.13 9.45 47.78
N GLY C 34 -3.87 8.81 46.64
CA GLY C 34 -3.60 9.50 45.41
C GLY C 34 -2.15 9.86 45.16
N GLN C 35 -1.24 9.57 46.10
CA GLN C 35 0.15 9.90 45.92
C GLN C 35 0.87 8.86 45.08
N MET C 36 1.70 9.33 44.15
CA MET C 36 2.48 8.48 43.26
C MET C 36 3.93 8.92 43.38
N PRO C 37 4.71 8.29 44.27
CA PRO C 37 6.08 8.75 44.50
C PRO C 37 6.98 8.64 43.27
N SER C 38 6.68 7.74 42.35
CA SER C 38 7.49 7.63 41.13
C SER C 38 7.26 8.79 40.18
N ASP C 39 6.13 9.49 40.29
CA ASP C 39 5.82 10.61 39.42
C ASP C 39 6.66 11.82 39.82
N LYS C 40 7.55 12.25 38.94
CA LYS C 40 8.42 13.39 39.21
C LYS C 40 7.79 14.72 38.79
N THR C 41 6.78 14.70 37.93
CA THR C 41 6.12 15.92 37.46
C THR C 41 4.89 16.15 38.33
N ILE C 42 4.95 17.18 39.18
CA ILE C 42 3.89 17.49 40.13
C ILE C 42 2.87 18.39 39.45
N GLY C 43 1.59 18.13 39.70
CA GLY C 43 0.52 18.96 39.20
C GLY C 43 0.11 18.71 37.76
N GLY C 44 0.83 17.85 37.05
CA GLY C 44 0.47 17.57 35.66
C GLY C 44 1.50 16.68 35.01
N GLY C 45 1.52 16.73 33.68
CA GLY C 45 2.40 15.89 32.90
C GLY C 45 1.67 15.20 31.77
N ASP C 46 2.41 14.68 30.80
CA ASP C 46 1.84 13.99 29.65
C ASP C 46 2.30 12.54 29.60
N ASP C 47 2.40 11.90 30.76
CA ASP C 47 2.82 10.51 30.82
C ASP C 47 1.70 9.60 30.33
N SER C 48 2.04 8.32 30.20
CA SER C 48 1.09 7.35 29.66
C SER C 48 -0.10 7.14 30.61
N PHE C 49 0.17 7.05 31.91
CA PHE C 49 -0.90 6.86 32.88
C PHE C 49 -1.80 8.09 33.02
N ASN C 50 -1.39 9.24 32.49
CA ASN C 50 -2.21 10.43 32.57
C ASN C 50 -3.45 10.37 31.68
N THR C 51 -3.51 9.38 30.78
CA THR C 51 -4.74 9.17 30.01
C THR C 51 -5.90 8.75 30.89
N PHE C 52 -5.62 8.15 32.05
CA PHE C 52 -6.65 7.72 32.97
C PHE C 52 -6.62 8.46 34.31
N PHE C 53 -5.56 9.19 34.60
CA PHE C 53 -5.40 9.88 35.88
C PHE C 53 -5.07 11.34 35.64
N SER C 54 -5.81 12.22 36.30
CA SER C 54 -5.44 13.63 36.36
C SER C 54 -4.61 13.88 37.62
N GLU C 55 -4.02 15.06 37.70
CA GLU C 55 -3.15 15.42 38.81
C GLU C 55 -3.56 16.76 39.40
N THR C 56 -3.51 16.83 40.72
CA THR C 56 -3.70 18.08 41.44
C THR C 56 -2.35 18.67 41.83
N GLY C 57 -2.37 19.93 42.27
CA GLY C 57 -1.14 20.58 42.68
C GLY C 57 -0.49 19.91 43.89
N ALA C 58 -1.30 19.27 44.73
CA ALA C 58 -0.79 18.58 45.91
C ALA C 58 -0.18 17.23 45.60
N GLY C 59 -0.08 16.84 44.33
CA GLY C 59 0.47 15.57 43.95
C GLY C 59 -0.50 14.42 43.93
N LYS C 60 -1.78 14.66 44.18
CA LYS C 60 -2.78 13.61 44.15
C LYS C 60 -3.14 13.25 42.72
N HIS C 61 -3.25 11.95 42.46
CA HIS C 61 -3.60 11.44 41.13
C HIS C 61 -5.04 10.94 41.19
N VAL C 62 -5.93 11.66 40.52
CA VAL C 62 -7.37 11.44 40.62
C VAL C 62 -7.83 10.70 39.37
N PRO C 63 -8.61 9.62 39.51
CA PRO C 63 -9.10 8.92 38.33
C PRO C 63 -10.09 9.75 37.54
N ARG C 64 -9.95 9.73 36.21
CA ARG C 64 -10.90 10.38 35.31
C ARG C 64 -12.14 9.48 35.17
N ALA C 65 -12.91 9.42 36.25
CA ALA C 65 -14.02 8.49 36.34
C ALA C 65 -15.22 9.15 37.00
N VAL C 66 -16.41 8.70 36.62
CA VAL C 66 -17.67 9.11 37.24
C VAL C 66 -18.43 7.86 37.62
N PHE C 67 -18.77 7.73 38.90
CA PHE C 67 -19.61 6.66 39.40
C PHE C 67 -21.03 7.20 39.59
N VAL C 68 -22.00 6.54 38.98
CA VAL C 68 -23.39 6.98 39.06
C VAL C 68 -24.29 5.78 39.29
N ASP C 69 -25.17 5.88 40.27
CA ASP C 69 -26.16 4.85 40.57
C ASP C 69 -27.41 5.53 41.11
N LEU C 70 -28.57 4.94 40.78
CA LEU C 70 -29.84 5.51 41.21
C LEU C 70 -30.13 5.24 42.68
N GLU C 71 -29.26 4.48 43.35
CA GLU C 71 -29.41 4.17 44.79
C GLU C 71 -28.04 4.39 45.42
N PRO C 72 -27.92 4.70 46.73
CA PRO C 72 -26.62 5.09 47.30
C PRO C 72 -25.81 3.96 47.91
N THR C 73 -26.44 2.81 48.21
CA THR C 73 -25.78 1.81 49.06
C THR C 73 -24.51 1.25 48.41
N VAL C 74 -24.50 1.10 47.09
CA VAL C 74 -23.32 0.52 46.44
C VAL C 74 -22.20 1.55 46.34
N ILE C 75 -22.53 2.80 46.04
CA ILE C 75 -21.50 3.83 45.96
C ILE C 75 -21.04 4.25 47.36
N ASP C 76 -21.91 4.15 48.36
CA ASP C 76 -21.50 4.43 49.74
C ASP C 76 -20.34 3.55 50.17
N GLU C 77 -20.23 2.34 49.60
CA GLU C 77 -19.08 1.49 49.90
C GLU C 77 -17.79 2.10 49.34
N VAL C 78 -17.88 2.82 48.22
CA VAL C 78 -16.70 3.49 47.68
C VAL C 78 -16.39 4.73 48.51
N ARG C 79 -17.41 5.44 48.97
CA ARG C 79 -17.21 6.63 49.80
C ARG C 79 -16.53 6.32 51.12
N THR C 80 -16.66 5.09 51.62
CA THR C 80 -16.05 4.69 52.88
C THR C 80 -15.03 3.56 52.71
N GLY C 81 -14.66 3.23 51.49
CA GLY C 81 -13.75 2.13 51.23
C GLY C 81 -12.30 2.52 51.40
N THR C 82 -11.42 1.62 50.97
CA THR C 82 -9.99 1.85 51.09
C THR C 82 -9.54 3.01 50.21
N TYR C 83 -10.11 3.12 49.01
CA TYR C 83 -9.76 4.17 48.06
C TYR C 83 -10.76 5.32 48.08
N ARG C 84 -11.20 5.71 49.27
CA ARG C 84 -12.16 6.81 49.38
C ARG C 84 -11.51 8.15 49.13
N GLN C 85 -10.24 8.31 49.53
CA GLN C 85 -9.51 9.56 49.30
C GLN C 85 -9.06 9.70 47.84
N LEU C 86 -9.27 8.68 47.01
CA LEU C 86 -8.82 8.73 45.63
C LEU C 86 -9.75 9.60 44.77
N PHE C 87 -11.05 9.54 45.04
CA PHE C 87 -12.05 10.23 44.24
C PHE C 87 -12.50 11.51 44.94
N HIS C 88 -12.91 12.48 44.13
CA HIS C 88 -13.58 13.66 44.65
C HIS C 88 -15.06 13.36 44.88
N PRO C 89 -15.70 14.00 45.87
CA PRO C 89 -17.11 13.70 46.13
C PRO C 89 -18.03 14.01 44.97
N GLU C 90 -17.64 14.92 44.08
CA GLU C 90 -18.47 15.24 42.93
C GLU C 90 -18.44 14.15 41.86
N GLN C 91 -17.48 13.23 41.94
CA GLN C 91 -17.40 12.13 40.97
C GLN C 91 -18.36 10.99 41.31
N LEU C 92 -18.94 10.98 42.50
CA LEU C 92 -19.82 9.91 42.95
C LEU C 92 -21.24 10.46 43.07
N ILE C 93 -22.11 10.06 42.14
CA ILE C 93 -23.47 10.58 42.05
C ILE C 93 -24.44 9.47 42.43
N THR C 94 -25.36 9.77 43.34
CA THR C 94 -26.33 8.80 43.83
C THR C 94 -27.72 9.41 43.86
N GLY C 95 -28.72 8.58 43.57
CA GLY C 95 -30.11 8.93 43.78
C GLY C 95 -30.65 8.31 45.06
N LYS C 96 -31.97 8.43 45.22
CA LYS C 96 -32.64 7.88 46.39
C LYS C 96 -33.48 6.66 46.09
N GLU C 97 -33.77 6.38 44.81
CA GLU C 97 -34.62 5.26 44.43
C GLU C 97 -34.10 4.69 43.12
N ASP C 98 -33.87 3.38 43.09
CA ASP C 98 -33.33 2.74 41.90
C ASP C 98 -34.44 2.43 40.90
N ALA C 99 -34.06 1.77 39.81
CA ALA C 99 -34.98 1.48 38.71
C ALA C 99 -35.74 0.18 38.91
N ALA C 100 -35.46 -0.58 39.97
CA ALA C 100 -36.21 -1.78 40.33
C ALA C 100 -36.23 -2.79 39.18
N ASN C 101 -35.06 -3.04 38.60
CA ASN C 101 -34.89 -4.00 37.52
C ASN C 101 -35.78 -3.68 36.32
N ASN C 102 -36.08 -2.40 36.11
CA ASN C 102 -36.99 -1.97 35.05
C ASN C 102 -36.26 -1.00 34.14
N TYR C 103 -36.12 -1.37 32.86
CA TYR C 103 -35.54 -0.47 31.88
C TYR C 103 -36.32 0.83 31.80
N ALA C 104 -37.65 0.75 31.88
CA ALA C 104 -38.47 1.95 31.77
C ALA C 104 -38.17 2.95 32.87
N ARG C 105 -37.88 2.47 34.09
CA ARG C 105 -37.60 3.39 35.18
C ARG C 105 -36.20 3.98 35.06
N GLY C 106 -35.26 3.23 34.50
CA GLY C 106 -33.89 3.71 34.35
C GLY C 106 -33.75 4.74 33.25
N HIS C 107 -34.44 4.52 32.13
CA HIS C 107 -34.34 5.41 30.98
C HIS C 107 -35.31 6.59 31.06
N TYR C 108 -36.38 6.49 31.84
CA TYR C 108 -37.45 7.47 31.78
C TYR C 108 -37.80 8.04 33.16
N THR C 109 -38.48 7.24 33.98
CA THR C 109 -39.12 7.77 35.19
C THR C 109 -38.08 8.31 36.17
N ILE C 110 -37.13 7.48 36.58
CA ILE C 110 -36.15 7.90 37.57
C ILE C 110 -34.93 8.53 36.92
N GLY C 111 -34.52 8.03 35.75
CA GLY C 111 -33.29 8.50 35.14
C GLY C 111 -33.35 9.97 34.73
N LYS C 112 -34.52 10.44 34.31
CA LYS C 112 -34.65 11.81 33.84
C LYS C 112 -34.45 12.84 34.96
N GLU C 113 -34.46 12.42 36.22
CA GLU C 113 -34.28 13.33 37.33
C GLU C 113 -32.80 13.54 37.70
N ILE C 114 -31.89 12.81 37.07
CA ILE C 114 -30.49 12.81 37.49
C ILE C 114 -29.58 12.91 36.27
N ILE C 115 -30.16 12.83 35.07
CA ILE C 115 -29.35 12.76 33.86
C ILE C 115 -28.57 14.05 33.64
N ASP C 116 -29.21 15.20 33.86
CA ASP C 116 -28.52 16.47 33.65
C ASP C 116 -27.39 16.66 34.65
N LEU C 117 -27.59 16.21 35.88
CA LEU C 117 -26.53 16.31 36.89
C LEU C 117 -25.32 15.46 36.51
N VAL C 118 -25.58 14.29 35.92
CA VAL C 118 -24.48 13.40 35.53
C VAL C 118 -23.69 14.00 34.38
N LEU C 119 -24.39 14.52 33.36
CA LEU C 119 -23.71 15.11 32.23
C LEU C 119 -22.91 16.35 32.64
N ASP C 120 -23.37 17.07 33.66
CA ASP C 120 -22.63 18.24 34.13
C ASP C 120 -21.30 17.83 34.75
N ARG C 121 -21.30 16.73 35.51
CA ARG C 121 -20.04 16.23 36.08
C ARG C 121 -19.12 15.68 35.01
N ILE C 122 -19.68 15.05 33.97
CA ILE C 122 -18.87 14.58 32.85
C ILE C 122 -18.24 15.74 32.11
N ARG C 123 -19.00 16.84 31.96
CA ARG C 123 -18.47 18.02 31.29
C ARG C 123 -17.30 18.61 32.07
N LYS C 124 -17.39 18.61 33.40
CA LYS C 124 -16.29 19.11 34.22
C LYS C 124 -15.01 18.31 33.99
N LEU C 125 -15.15 16.98 33.84
CA LEU C 125 -13.97 16.16 33.58
C LEU C 125 -13.47 16.35 32.15
N ALA C 126 -14.39 16.51 31.19
CA ALA C 126 -13.98 16.71 29.81
C ALA C 126 -13.25 18.04 29.62
N ASP C 127 -13.59 19.05 30.43
CA ASP C 127 -12.93 20.34 30.30
C ASP C 127 -11.48 20.28 30.74
N GLN C 128 -11.14 19.36 31.63
CA GLN C 128 -9.76 19.20 32.09
C GLN C 128 -8.89 18.40 31.14
N CYS C 129 -9.44 18.01 29.98
CA CYS C 129 -8.70 17.21 29.00
C CYS C 129 -8.14 18.10 27.91
N THR C 130 -6.91 17.81 27.48
CA THR C 130 -6.31 18.50 26.36
C THR C 130 -6.66 17.86 25.03
N GLY C 131 -7.02 16.58 25.02
CA GLY C 131 -7.44 15.89 23.82
C GLY C 131 -8.25 14.65 24.15
N LEU C 132 -9.52 14.86 24.53
CA LEU C 132 -10.37 13.76 24.97
C LEU C 132 -10.52 12.73 23.85
N GLN C 133 -10.17 11.48 24.16
CA GLN C 133 -10.24 10.41 23.18
C GLN C 133 -11.65 9.81 23.11
N GLY C 134 -12.20 9.45 24.26
CA GLY C 134 -13.53 8.86 24.26
C GLY C 134 -13.96 8.46 25.65
N PHE C 135 -15.02 7.66 25.72
CA PHE C 135 -15.60 7.22 26.96
C PHE C 135 -15.61 5.70 27.05
N LEU C 136 -15.40 5.19 28.26
CA LEU C 136 -15.58 3.78 28.57
C LEU C 136 -16.75 3.66 29.53
N VAL C 137 -17.77 2.91 29.12
CA VAL C 137 -19.03 2.82 29.86
C VAL C 137 -19.16 1.41 30.41
N PHE C 138 -19.12 1.29 31.74
CA PHE C 138 -19.28 0.02 32.43
C PHE C 138 -20.70 -0.07 32.98
N HIS C 139 -21.40 -1.15 32.67
CA HIS C 139 -22.78 -1.33 33.08
C HIS C 139 -23.18 -2.78 32.86
N SER C 140 -24.36 -3.12 33.38
CA SER C 140 -24.94 -4.45 33.19
C SER C 140 -26.06 -4.35 32.16
N PHE C 141 -26.51 -5.48 31.64
CA PHE C 141 -27.59 -5.51 30.63
C PHE C 141 -28.92 -5.76 31.33
N GLY C 142 -28.91 -6.44 32.46
CA GLY C 142 -30.18 -6.86 33.11
C GLY C 142 -30.70 -5.96 34.20
N GLY C 143 -29.85 -5.12 34.78
CA GLY C 143 -30.33 -4.19 35.78
C GLY C 143 -31.19 -3.10 35.19
N GLY C 144 -32.01 -2.50 36.05
CA GLY C 144 -32.82 -1.38 35.61
C GLY C 144 -31.99 -0.15 35.30
N THR C 145 -31.01 0.15 36.16
CA THR C 145 -30.13 1.28 35.91
C THR C 145 -29.07 0.96 34.86
N GLY C 146 -28.46 -0.23 34.96
CA GLY C 146 -27.42 -0.62 34.03
C GLY C 146 -27.89 -0.70 32.58
N SER C 147 -29.18 -0.89 32.36
CA SER C 147 -29.74 -0.94 31.01
C SER C 147 -30.47 0.35 30.65
N GLY C 148 -31.44 0.75 31.48
CA GLY C 148 -32.24 1.92 31.14
C GLY C 148 -31.45 3.21 31.18
N PHE C 149 -30.74 3.45 32.29
CA PHE C 149 -30.02 4.71 32.43
C PHE C 149 -28.82 4.77 31.49
N THR C 150 -28.14 3.65 31.27
CA THR C 150 -27.02 3.63 30.35
C THR C 150 -27.46 4.00 28.94
N SER C 151 -28.63 3.53 28.52
CA SER C 151 -29.17 3.92 27.22
C SER C 151 -29.40 5.42 27.14
N LEU C 152 -30.03 5.98 28.16
CA LEU C 152 -30.26 7.43 28.19
C LEU C 152 -28.94 8.20 28.20
N LEU C 153 -27.93 7.67 28.89
CA LEU C 153 -26.64 8.35 28.96
C LEU C 153 -25.91 8.31 27.62
N MET C 154 -25.94 7.16 26.94
CA MET C 154 -25.27 7.06 25.64
C MET C 154 -25.92 7.98 24.61
N GLU C 155 -27.25 8.07 24.62
CA GLU C 155 -27.94 8.96 23.70
C GLU C 155 -27.56 10.41 23.95
N ARG C 156 -27.49 10.82 25.22
CA ARG C 156 -27.11 12.19 25.54
C ARG C 156 -25.65 12.45 25.23
N LEU C 157 -24.79 11.44 25.36
CA LEU C 157 -23.37 11.63 25.05
C LEU C 157 -23.15 11.83 23.56
N SER C 158 -23.95 11.19 22.71
CA SER C 158 -23.83 11.42 21.28
C SER C 158 -24.27 12.82 20.90
N VAL C 159 -25.20 13.41 21.65
CA VAL C 159 -25.65 14.77 21.38
C VAL C 159 -24.61 15.78 21.81
N ASP C 160 -23.99 15.56 22.98
CA ASP C 160 -23.04 16.52 23.54
C ASP C 160 -21.63 16.35 23.00
N TYR C 161 -21.27 15.17 22.49
CA TYR C 161 -19.90 14.92 22.04
C TYR C 161 -19.83 14.35 20.63
N GLY C 162 -20.92 14.41 19.87
CA GLY C 162 -20.86 14.00 18.48
C GLY C 162 -20.50 12.53 18.32
N LYS C 163 -19.61 12.25 17.36
CA LYS C 163 -19.16 10.90 17.08
C LYS C 163 -17.89 10.54 17.84
N LYS C 164 -17.61 11.21 18.95
CA LYS C 164 -16.47 10.83 19.79
C LYS C 164 -16.65 9.41 20.28
N SER C 165 -15.58 8.62 20.24
CA SER C 165 -15.68 7.18 20.44
C SER C 165 -16.24 6.86 21.83
N LYS C 166 -17.07 5.82 21.88
CA LYS C 166 -17.68 5.37 23.12
C LYS C 166 -17.60 3.85 23.17
N LEU C 167 -16.86 3.33 24.15
CA LEU C 167 -16.64 1.90 24.31
C LEU C 167 -17.46 1.38 25.49
N GLU C 168 -18.00 0.17 25.34
CA GLU C 168 -18.84 -0.43 26.36
C GLU C 168 -18.16 -1.64 26.98
N PHE C 169 -18.32 -1.79 28.28
CA PHE C 169 -17.84 -3.01 28.99
C PHE C 169 -19.13 -3.55 29.62
N SER C 170 -19.85 -4.39 28.89
CA SER C 170 -21.19 -4.83 29.34
C SER C 170 -21.20 -6.21 30.00
N ILE C 171 -22.16 -6.42 30.91
CA ILE C 171 -22.27 -7.71 31.63
C ILE C 171 -23.47 -8.48 31.11
N TYR C 172 -23.23 -9.53 30.31
CA TYR C 172 -24.30 -10.40 29.77
C TYR C 172 -24.86 -11.20 30.94
N PRO C 173 -26.19 -11.30 31.07
CA PRO C 173 -26.79 -11.94 32.25
C PRO C 173 -26.60 -13.45 32.25
N ALA C 174 -26.62 -14.02 33.46
CA ALA C 174 -26.50 -15.44 33.68
C ALA C 174 -27.40 -15.85 34.83
N PRO C 175 -28.11 -16.97 34.71
CA PRO C 175 -29.07 -17.36 35.77
C PRO C 175 -28.41 -17.71 37.09
N GLN C 176 -27.10 -17.98 37.11
CA GLN C 176 -26.44 -18.36 38.36
C GLN C 176 -26.50 -17.24 39.38
N VAL C 177 -26.29 -16.00 38.94
CA VAL C 177 -26.25 -14.86 39.85
C VAL C 177 -27.19 -13.76 39.36
N SER C 178 -28.24 -14.15 38.65
CA SER C 178 -29.22 -13.18 38.16
C SER C 178 -30.14 -12.75 39.30
N THR C 179 -30.50 -11.47 39.28
CA THR C 179 -31.34 -10.87 40.33
C THR C 179 -32.74 -10.55 39.85
N ALA C 180 -33.06 -10.79 38.58
CA ALA C 180 -34.38 -10.46 38.06
C ALA C 180 -34.76 -11.44 36.97
N VAL C 181 -36.06 -11.72 36.88
CA VAL C 181 -36.56 -12.60 35.83
C VAL C 181 -36.71 -11.85 34.51
N VAL C 182 -36.83 -10.51 34.56
CA VAL C 182 -37.07 -9.71 33.37
C VAL C 182 -35.77 -9.26 32.74
N GLU C 183 -34.65 -9.87 33.14
CA GLU C 183 -33.36 -9.49 32.58
C GLU C 183 -33.24 -9.68 31.07
N PRO C 184 -33.84 -10.70 30.45
CA PRO C 184 -33.83 -10.73 28.97
C PRO C 184 -34.49 -9.51 28.34
N TYR C 185 -35.53 -8.97 28.98
CA TYR C 185 -36.17 -7.76 28.45
C TYR C 185 -35.21 -6.58 28.46
N ASN C 186 -34.65 -6.27 29.64
CA ASN C 186 -33.73 -5.13 29.76
C ASN C 186 -32.51 -5.31 28.88
N SER C 187 -32.09 -6.56 28.64
CA SER C 187 -30.93 -6.80 27.80
C SER C 187 -31.22 -6.48 26.33
N ILE C 188 -32.37 -6.94 25.82
CA ILE C 188 -32.74 -6.66 24.44
C ILE C 188 -33.02 -5.18 24.25
N LEU C 189 -33.64 -4.54 25.24
CA LEU C 189 -34.00 -3.12 25.12
C LEU C 189 -32.74 -2.24 25.06
N THR C 190 -31.79 -2.48 25.97
CA THR C 190 -30.60 -1.63 26.02
C THR C 190 -29.67 -1.88 24.85
N THR C 191 -29.68 -3.09 24.29
CA THR C 191 -28.82 -3.37 23.14
C THR C 191 -29.34 -2.68 21.89
N HIS C 192 -30.66 -2.67 21.71
CA HIS C 192 -31.26 -2.00 20.56
C HIS C 192 -31.06 -0.49 20.63
N THR C 193 -31.19 0.09 21.83
CA THR C 193 -31.11 1.54 21.96
C THR C 193 -29.69 2.05 21.78
N THR C 194 -28.70 1.34 22.35
CA THR C 194 -27.31 1.79 22.32
C THR C 194 -26.57 1.33 21.08
N LEU C 195 -27.22 0.58 20.19
CA LEU C 195 -26.50 -0.09 19.10
C LEU C 195 -25.80 0.92 18.19
N GLU C 196 -26.51 1.97 17.77
CA GLU C 196 -25.93 2.98 16.90
C GLU C 196 -25.21 4.08 17.66
N HIS C 197 -25.15 4.00 18.99
CA HIS C 197 -24.43 4.96 19.80
C HIS C 197 -23.13 4.42 20.36
N SER C 198 -22.81 3.15 20.09
CA SER C 198 -21.61 2.51 20.61
C SER C 198 -20.71 2.10 19.45
N ASP C 199 -19.43 2.45 19.55
CA ASP C 199 -18.46 2.10 18.52
C ASP C 199 -17.85 0.72 18.73
N CYS C 200 -17.85 0.22 19.97
CA CYS C 200 -17.29 -1.10 20.29
C CYS C 200 -17.73 -1.51 21.69
N ALA C 201 -18.23 -2.73 21.83
CA ALA C 201 -18.73 -3.23 23.10
C ALA C 201 -18.09 -4.57 23.42
N PHE C 202 -17.56 -4.69 24.63
CA PHE C 202 -16.94 -5.92 25.12
C PHE C 202 -17.90 -6.60 26.09
N MET C 203 -18.60 -7.62 25.61
CA MET C 203 -19.51 -8.37 26.47
C MET C 203 -18.73 -9.31 27.37
N VAL C 204 -19.22 -9.48 28.60
CA VAL C 204 -18.66 -10.43 29.55
C VAL C 204 -19.82 -11.29 30.04
N ASP C 205 -19.85 -12.55 29.60
CA ASP C 205 -20.89 -13.47 30.03
C ASP C 205 -20.66 -13.87 31.47
N ASN C 206 -21.61 -13.54 32.35
CA ASN C 206 -21.46 -13.87 33.76
C ASN C 206 -21.34 -15.38 33.98
N GLU C 207 -21.98 -16.18 33.14
CA GLU C 207 -21.88 -17.63 33.29
C GLU C 207 -20.50 -18.13 32.88
N ALA C 208 -19.92 -17.55 31.83
CA ALA C 208 -18.56 -17.91 31.45
C ALA C 208 -17.59 -17.61 32.59
N ILE C 209 -17.62 -16.38 33.10
CA ILE C 209 -16.68 -15.98 34.18
C ILE C 209 -16.92 -16.86 35.40
N TYR C 210 -18.18 -17.13 35.73
CA TYR C 210 -18.52 -18.01 36.88
C TYR C 210 -17.89 -19.38 36.70
N ASP C 211 -17.94 -19.91 35.48
CA ASP C 211 -17.37 -21.24 35.27
C ASP C 211 -15.86 -21.23 35.29
N ILE C 212 -15.23 -20.15 34.81
CA ILE C 212 -13.77 -20.05 34.87
C ILE C 212 -13.30 -20.06 36.32
N CYS C 213 -14.01 -19.34 37.20
CA CYS C 213 -13.64 -19.30 38.60
C CYS C 213 -13.80 -20.66 39.27
N ARG C 214 -14.72 -21.49 38.76
CA ARG C 214 -14.95 -22.81 39.35
C ARG C 214 -13.86 -23.80 38.92
N ARG C 215 -13.65 -23.94 37.61
CA ARG C 215 -12.68 -24.91 37.11
C ARG C 215 -11.25 -24.46 37.38
N ASN C 216 -10.90 -23.26 36.93
CA ASN C 216 -9.50 -22.84 36.88
C ASN C 216 -9.00 -22.30 38.21
N LEU C 217 -9.88 -21.80 39.09
CA LEU C 217 -9.47 -21.21 40.35
C LEU C 217 -9.93 -21.99 41.57
N ASP C 218 -10.73 -23.06 41.39
CA ASP C 218 -11.17 -23.92 42.48
C ASP C 218 -11.99 -23.16 43.53
N ILE C 219 -12.83 -22.24 43.08
CA ILE C 219 -13.83 -21.61 43.94
C ILE C 219 -15.12 -22.40 43.80
N GLU C 220 -15.62 -22.95 44.92
CA GLU C 220 -16.80 -23.79 44.86
C GLU C 220 -18.05 -22.97 44.56
N ARG C 221 -18.17 -21.80 45.18
CA ARG C 221 -19.32 -20.92 44.85
C ARG C 221 -18.83 -19.48 44.68
N PRO C 222 -18.46 -19.05 43.46
CA PRO C 222 -17.95 -17.70 43.23
C PRO C 222 -18.99 -16.63 43.52
N THR C 223 -18.51 -15.50 43.99
CA THR C 223 -19.33 -14.32 44.26
C THR C 223 -18.92 -13.20 43.31
N TYR C 224 -19.60 -12.05 43.44
CA TYR C 224 -19.24 -10.89 42.63
C TYR C 224 -17.79 -10.47 42.88
N THR C 225 -17.30 -10.64 44.11
CA THR C 225 -15.91 -10.31 44.40
C THR C 225 -14.96 -11.17 43.58
N ASN C 226 -15.28 -12.46 43.43
CA ASN C 226 -14.44 -13.34 42.62
C ASN C 226 -14.56 -12.99 41.14
N LEU C 227 -15.79 -12.76 40.67
CA LEU C 227 -15.99 -12.48 39.25
C LEU C 227 -15.35 -11.15 38.84
N ASN C 228 -15.48 -10.12 39.70
CA ASN C 228 -14.99 -8.79 39.33
C ASN C 228 -13.48 -8.73 39.32
N ARG C 229 -12.80 -9.48 40.21
CA ARG C 229 -11.35 -9.49 40.19
C ARG C 229 -10.82 -10.11 38.91
N LEU C 230 -11.55 -11.08 38.34
CA LEU C 230 -11.16 -11.65 37.06
C LEU C 230 -11.52 -10.71 35.91
N ILE C 231 -12.71 -10.08 35.98
CA ILE C 231 -13.12 -9.17 34.92
C ILE C 231 -12.16 -8.00 34.80
N SER C 232 -11.73 -7.45 35.94
CA SER C 232 -10.83 -6.30 35.92
C SER C 232 -9.49 -6.64 35.28
N GLN C 233 -9.09 -7.91 35.30
CA GLN C 233 -7.87 -8.31 34.62
C GLN C 233 -8.00 -8.21 33.11
N ILE C 234 -9.18 -8.55 32.58
CA ILE C 234 -9.43 -8.39 31.15
C ILE C 234 -9.47 -6.90 30.79
N VAL C 235 -10.14 -6.10 31.61
CA VAL C 235 -10.20 -4.66 31.36
C VAL C 235 -8.81 -4.05 31.43
N SER C 236 -7.98 -4.54 32.36
CA SER C 236 -6.62 -4.02 32.50
C SER C 236 -5.80 -4.32 31.25
N SER C 237 -5.91 -5.55 30.73
CA SER C 237 -5.14 -5.92 29.54
C SER C 237 -5.57 -5.11 28.32
N ILE C 238 -6.87 -4.83 28.20
CA ILE C 238 -7.37 -4.10 27.05
C ILE C 238 -6.89 -2.66 27.08
N THR C 239 -6.97 -2.02 28.25
CA THR C 239 -6.58 -0.62 28.39
C THR C 239 -5.09 -0.43 28.68
N ALA C 240 -4.35 -1.52 28.91
CA ALA C 240 -2.92 -1.38 29.17
C ALA C 240 -2.20 -0.72 28.00
N SER C 241 -2.72 -0.86 26.79
CA SER C 241 -2.13 -0.22 25.63
C SER C 241 -2.21 1.30 25.73
N LEU C 242 -3.20 1.82 26.44
CA LEU C 242 -3.36 3.27 26.60
C LEU C 242 -2.64 3.81 27.82
N ARG C 243 -2.50 3.00 28.88
CA ARG C 243 -1.92 3.46 30.13
C ARG C 243 -0.41 3.26 30.21
N PHE C 244 0.18 2.52 29.27
CA PHE C 244 1.63 2.28 29.26
C PHE C 244 2.18 2.59 27.87
N ASP C 245 3.50 2.68 27.81
CA ASP C 245 4.23 2.89 26.56
C ASP C 245 5.18 1.72 26.31
N GLY C 246 5.86 1.77 25.18
CA GLY C 246 6.79 0.73 24.80
C GLY C 246 6.90 0.64 23.28
N ALA C 247 8.01 0.05 22.84
CA ALA C 247 8.24 -0.09 21.41
C ALA C 247 7.22 -1.01 20.76
N LEU C 248 6.88 -2.12 21.43
CA LEU C 248 5.93 -3.09 20.92
C LEU C 248 4.51 -2.82 21.37
N ASN C 249 4.26 -1.70 22.04
CA ASN C 249 2.92 -1.37 22.53
C ASN C 249 2.09 -0.81 21.38
N VAL C 250 0.94 -1.44 21.11
CA VAL C 250 0.06 -1.07 20.03
C VAL C 250 -1.21 -0.47 20.63
N ASP C 251 -1.57 0.73 20.18
CA ASP C 251 -2.74 1.41 20.70
C ASP C 251 -4.01 0.61 20.42
N LEU C 252 -4.97 0.73 21.35
CA LEU C 252 -6.21 -0.03 21.22
C LEU C 252 -7.05 0.44 20.04
N THR C 253 -7.01 1.73 19.73
CA THR C 253 -7.71 2.24 18.55
C THR C 253 -7.13 1.68 17.26
N GLU C 254 -5.86 1.25 17.28
CA GLU C 254 -5.31 0.54 16.13
C GLU C 254 -5.89 -0.86 16.01
N PHE C 255 -6.26 -1.48 17.14
CA PHE C 255 -7.00 -2.72 17.09
C PHE C 255 -8.47 -2.47 16.70
N GLN C 256 -9.02 -1.34 17.14
CA GLN C 256 -10.43 -1.04 16.87
C GLN C 256 -10.69 -0.96 15.37
N THR C 257 -9.73 -0.43 14.60
CA THR C 257 -9.86 -0.43 13.15
C THR C 257 -9.87 -1.85 12.60
N ASN C 258 -9.11 -2.76 13.22
CA ASN C 258 -9.07 -4.14 12.78
C ASN C 258 -10.28 -4.93 13.28
N LEU C 259 -10.86 -4.53 14.40
CA LEU C 259 -11.89 -5.34 15.06
C LEU C 259 -13.30 -5.08 14.54
N VAL C 260 -13.57 -3.94 13.94
CA VAL C 260 -14.91 -3.54 13.56
C VAL C 260 -14.97 -3.37 12.05
N PRO C 261 -15.41 -4.40 11.32
CA PRO C 261 -15.50 -4.28 9.85
C PRO C 261 -16.73 -3.51 9.40
N TYR C 262 -17.79 -3.56 10.19
CA TYR C 262 -19.04 -2.87 9.90
C TYR C 262 -19.57 -2.26 11.20
N PRO C 263 -20.30 -1.14 11.10
CA PRO C 263 -20.69 -0.43 12.33
C PRO C 263 -21.45 -1.29 13.33
N ARG C 264 -22.35 -2.14 12.87
CA ARG C 264 -23.15 -2.95 13.79
C ARG C 264 -22.42 -4.18 14.31
N ILE C 265 -21.32 -4.57 13.66
CA ILE C 265 -20.55 -5.74 14.08
C ILE C 265 -19.37 -5.29 14.92
N HIS C 266 -19.64 -4.80 16.12
CA HIS C 266 -18.61 -4.26 17.01
C HIS C 266 -18.63 -4.94 18.37
N PHE C 267 -18.77 -6.27 18.38
CA PHE C 267 -18.80 -7.06 19.61
C PHE C 267 -17.67 -8.08 19.57
N PRO C 268 -16.46 -7.67 19.97
CA PRO C 268 -15.34 -8.61 19.99
C PRO C 268 -15.47 -9.63 21.11
N LEU C 269 -14.94 -10.82 20.86
CA LEU C 269 -14.91 -11.90 21.84
C LEU C 269 -13.56 -11.87 22.55
N ALA C 270 -13.59 -11.85 23.88
CA ALA C 270 -12.39 -11.74 24.69
C ALA C 270 -12.02 -13.07 25.31
N THR C 271 -10.71 -13.31 25.43
CA THR C 271 -10.18 -14.53 26.03
C THR C 271 -8.92 -14.18 26.80
N TYR C 272 -8.82 -14.66 28.04
CA TYR C 272 -7.70 -14.36 28.91
C TYR C 272 -6.99 -15.64 29.34
N ALA C 273 -5.67 -15.59 29.41
CA ALA C 273 -4.86 -16.72 29.82
C ALA C 273 -3.52 -16.20 30.33
N PRO C 274 -2.94 -16.73 31.43
CA PRO C 274 -3.48 -17.86 32.15
C PRO C 274 -4.35 -17.52 33.37
N VAL C 275 -5.44 -18.25 33.55
CA VAL C 275 -6.26 -18.08 34.79
C VAL C 275 -5.96 -19.29 35.67
N ILE C 276 -5.01 -19.13 36.58
CA ILE C 276 -4.55 -20.29 37.40
C ILE C 276 -4.47 -19.89 38.88
N SER C 277 -4.68 -20.84 39.76
CA SER C 277 -4.55 -20.58 41.19
C SER C 277 -3.10 -20.77 41.63
N ALA C 278 -2.79 -20.21 42.80
CA ALA C 278 -1.42 -20.27 43.32
C ALA C 278 -1.00 -21.71 43.61
N GLU C 279 -1.95 -22.54 44.05
CA GLU C 279 -1.62 -23.94 44.35
C GLU C 279 -1.22 -24.70 43.09
N LYS C 280 -1.86 -24.38 41.97
CA LYS C 280 -1.51 -25.01 40.70
C LYS C 280 -0.38 -24.30 39.97
N ALA C 281 -0.25 -22.99 40.15
CA ALA C 281 0.84 -22.26 39.49
C ALA C 281 2.19 -22.65 40.06
N TYR C 282 2.23 -23.07 41.33
CA TYR C 282 3.45 -23.63 41.88
C TYR C 282 3.87 -24.84 41.06
N HIS C 283 5.19 -25.05 40.99
CA HIS C 283 5.81 -26.06 40.12
C HIS C 283 5.10 -26.16 38.78
N GLU C 284 4.92 -25.00 38.14
CA GLU C 284 4.23 -24.92 36.85
C GLU C 284 4.58 -23.64 36.11
N GLN C 285 5.58 -23.68 35.23
CA GLN C 285 5.89 -22.55 34.38
C GLN C 285 5.05 -22.63 33.11
N LEU C 286 4.43 -21.51 32.74
CA LEU C 286 3.53 -21.45 31.59
C LEU C 286 4.20 -20.63 30.50
N SER C 287 4.61 -21.30 29.43
CA SER C 287 5.32 -20.63 28.34
C SER C 287 4.35 -19.77 27.52
N VAL C 288 4.93 -19.04 26.56
CA VAL C 288 4.12 -18.25 25.64
C VAL C 288 3.22 -19.17 24.81
N ALA C 289 3.74 -20.33 24.43
CA ALA C 289 2.97 -21.25 23.59
C ALA C 289 1.76 -21.81 24.33
N GLU C 290 1.91 -22.07 25.63
CA GLU C 290 0.80 -22.66 26.39
C GLU C 290 -0.33 -21.66 26.59
N ILE C 291 0.00 -20.40 26.89
CA ILE C 291 -1.04 -19.41 27.12
C ILE C 291 -1.68 -18.98 25.80
N THR C 292 -0.91 -18.97 24.71
CA THR C 292 -1.50 -18.67 23.40
C THR C 292 -2.42 -19.80 22.96
N ASN C 293 -2.09 -21.03 23.31
CA ASN C 293 -2.96 -22.18 22.94
C ASN C 293 -4.26 -22.11 23.75
N ALA C 294 -4.16 -21.65 24.99
CA ALA C 294 -5.35 -21.57 25.82
C ALA C 294 -6.34 -20.52 25.34
N CYS C 295 -5.89 -19.57 24.51
CA CYS C 295 -6.78 -18.55 24.00
C CYS C 295 -7.81 -19.13 23.03
N PHE C 296 -7.49 -20.24 22.37
CA PHE C 296 -8.38 -20.87 21.41
C PHE C 296 -9.18 -22.02 22.01
N GLU C 297 -9.03 -22.27 23.31
CA GLU C 297 -9.88 -23.23 23.99
C GLU C 297 -11.24 -22.58 24.26
N PRO C 298 -12.35 -23.16 23.80
CA PRO C 298 -13.66 -22.52 23.98
C PRO C 298 -14.04 -22.31 25.45
N ALA C 299 -13.48 -23.10 26.37
CA ALA C 299 -13.77 -22.96 27.78
C ALA C 299 -12.95 -21.87 28.47
N ASN C 300 -12.39 -20.94 27.70
CA ASN C 300 -11.61 -19.83 28.25
C ASN C 300 -12.13 -18.47 27.81
N GLN C 301 -13.26 -18.43 27.09
CA GLN C 301 -13.75 -17.20 26.50
C GLN C 301 -14.66 -16.44 27.45
N MET C 302 -14.71 -15.12 27.27
CA MET C 302 -15.54 -14.26 28.11
C MET C 302 -17.03 -14.47 27.85
N VAL C 303 -17.39 -15.02 26.69
CA VAL C 303 -18.78 -15.26 26.32
C VAL C 303 -18.90 -16.71 25.87
N LYS C 304 -19.94 -17.39 26.35
CA LYS C 304 -20.17 -18.79 26.00
C LYS C 304 -20.58 -18.89 24.53
N CYS C 305 -19.70 -19.47 23.72
CA CYS C 305 -19.96 -19.73 22.31
C CYS C 305 -18.87 -20.68 21.82
N ASP C 306 -19.08 -21.21 20.62
CA ASP C 306 -18.11 -22.12 20.01
C ASP C 306 -17.49 -21.46 18.78
N PRO C 307 -16.29 -20.88 18.90
CA PRO C 307 -15.67 -20.23 17.72
C PRO C 307 -15.33 -21.19 16.61
N ARG C 308 -15.29 -22.50 16.87
CA ARG C 308 -15.06 -23.46 15.79
C ARG C 308 -16.25 -23.52 14.83
N HIS C 309 -17.44 -23.22 15.32
CA HIS C 309 -18.65 -23.22 14.50
C HIS C 309 -18.88 -21.90 13.78
N GLY C 310 -17.97 -20.93 13.93
CA GLY C 310 -18.07 -19.66 13.26
C GLY C 310 -16.83 -19.37 12.44
N LYS C 311 -16.80 -18.17 11.87
CA LYS C 311 -15.69 -17.70 11.07
C LYS C 311 -15.07 -16.46 11.72
N TYR C 312 -13.75 -16.34 11.62
CA TYR C 312 -13.03 -15.21 12.19
C TYR C 312 -12.99 -14.07 11.18
N MET C 313 -13.10 -12.84 11.70
CA MET C 313 -12.91 -11.64 10.90
C MET C 313 -11.75 -10.80 11.38
N ALA C 314 -11.25 -11.03 12.59
CA ALA C 314 -10.13 -10.30 13.17
C ALA C 314 -9.62 -11.09 14.36
N CYS C 315 -8.32 -11.00 14.60
CA CYS C 315 -7.70 -11.71 15.72
C CYS C 315 -6.55 -10.87 16.25
N CYS C 316 -6.68 -10.42 17.50
CA CYS C 316 -5.68 -9.56 18.14
C CYS C 316 -5.20 -10.24 19.42
N LEU C 317 -3.89 -10.39 19.54
CA LEU C 317 -3.26 -10.98 20.73
C LEU C 317 -2.56 -9.86 21.49
N LEU C 318 -2.96 -9.68 22.75
CA LEU C 318 -2.42 -8.62 23.61
C LEU C 318 -1.61 -9.28 24.72
N TYR C 319 -0.30 -9.35 24.54
CA TYR C 319 0.59 -9.93 25.53
C TYR C 319 1.07 -8.87 26.51
N ARG C 320 1.29 -9.29 27.76
CA ARG C 320 1.91 -8.45 28.76
C ARG C 320 2.82 -9.31 29.62
N GLY C 321 4.01 -8.78 29.91
CA GLY C 321 4.97 -9.50 30.73
C GLY C 321 6.20 -9.96 29.97
N ASP C 322 6.81 -11.05 30.43
CA ASP C 322 8.04 -11.58 29.83
C ASP C 322 7.69 -12.32 28.55
N VAL C 323 7.55 -11.57 27.47
CA VAL C 323 7.18 -12.10 26.17
C VAL C 323 8.04 -11.43 25.11
N VAL C 324 8.64 -12.23 24.24
CA VAL C 324 9.45 -11.70 23.13
C VAL C 324 8.76 -12.07 21.81
N PRO C 325 8.93 -11.27 20.75
CA PRO C 325 8.23 -11.57 19.49
C PRO C 325 8.62 -12.90 18.86
N LYS C 326 9.83 -13.38 19.12
CA LYS C 326 10.24 -14.67 18.56
C LYS C 326 9.35 -15.79 19.07
N ASP C 327 8.98 -15.75 20.35
CA ASP C 327 8.13 -16.78 20.92
C ASP C 327 6.71 -16.68 20.37
N VAL C 328 6.22 -15.46 20.15
CA VAL C 328 4.86 -15.27 19.65
C VAL C 328 4.72 -15.86 18.27
N ASN C 329 5.65 -15.53 17.37
CA ASN C 329 5.58 -16.03 16.00
C ASN C 329 5.68 -17.55 15.95
N ALA C 330 6.43 -18.15 16.87
CA ALA C 330 6.52 -19.60 16.92
C ALA C 330 5.21 -20.23 17.40
N ALA C 331 4.57 -19.60 18.39
CA ALA C 331 3.32 -20.15 18.91
C ALA C 331 2.18 -19.98 17.92
N ILE C 332 2.14 -18.84 17.22
CA ILE C 332 1.07 -18.60 16.26
C ILE C 332 1.15 -19.59 15.10
N ALA C 333 2.36 -19.86 14.60
CA ALA C 333 2.52 -20.80 13.50
C ALA C 333 2.12 -22.20 13.91
N THR C 334 2.38 -22.57 15.16
CA THR C 334 1.99 -23.89 15.65
C THR C 334 0.46 -24.02 15.71
N ILE C 335 -0.20 -23.01 16.26
CA ILE C 335 -1.66 -23.04 16.36
C ILE C 335 -2.29 -22.95 14.99
N LYS C 336 -1.62 -22.30 14.02
CA LYS C 336 -2.16 -22.17 12.68
C LYS C 336 -2.43 -23.52 12.03
N THR C 337 -1.64 -24.55 12.37
CA THR C 337 -1.80 -25.87 11.79
C THR C 337 -2.52 -26.85 12.71
N LYS C 338 -2.24 -26.80 14.02
CA LYS C 338 -2.90 -27.69 14.96
C LYS C 338 -4.34 -27.30 15.24
N ARG C 339 -4.75 -26.09 14.89
CA ARG C 339 -6.11 -25.62 15.08
C ARG C 339 -6.76 -25.30 13.74
N SER C 340 -8.09 -25.37 13.71
CA SER C 340 -8.86 -25.02 12.52
C SER C 340 -9.43 -23.62 12.74
N ILE C 341 -8.67 -22.61 12.30
CA ILE C 341 -9.07 -21.21 12.41
C ILE C 341 -9.49 -20.76 11.03
N GLN C 342 -10.80 -20.70 10.79
CA GLN C 342 -11.33 -20.32 9.50
C GLN C 342 -11.67 -18.83 9.50
N PHE C 343 -11.03 -18.09 8.61
CA PHE C 343 -11.31 -16.68 8.40
C PHE C 343 -12.30 -16.51 7.25
N VAL C 344 -13.02 -15.37 7.29
CA VAL C 344 -13.83 -15.00 6.14
C VAL C 344 -12.92 -14.67 4.96
N ASP C 345 -13.43 -14.85 3.75
CA ASP C 345 -12.59 -14.68 2.57
C ASP C 345 -12.31 -13.22 2.23
N TRP C 346 -13.01 -12.28 2.86
CA TRP C 346 -12.88 -10.87 2.50
C TRP C 346 -11.94 -10.11 3.42
N CYS C 347 -11.06 -10.80 4.14
CA CYS C 347 -10.09 -10.15 5.00
C CYS C 347 -8.89 -11.06 5.17
N PRO C 348 -7.69 -10.52 5.36
CA PRO C 348 -6.50 -11.35 5.52
C PRO C 348 -6.58 -12.25 6.75
N THR C 349 -5.90 -13.38 6.68
CA THR C 349 -5.90 -14.37 7.77
C THR C 349 -4.64 -14.22 8.61
N GLY C 350 -4.52 -13.05 9.26
CA GLY C 350 -3.36 -12.72 10.06
C GLY C 350 -3.73 -12.56 11.53
N PHE C 351 -2.69 -12.27 12.32
CA PHE C 351 -2.82 -12.09 13.76
C PHE C 351 -2.09 -10.81 14.16
N LYS C 352 -2.85 -9.82 14.61
CA LYS C 352 -2.25 -8.57 15.08
C LYS C 352 -1.80 -8.74 16.52
N VAL C 353 -0.52 -8.43 16.78
CA VAL C 353 0.12 -8.74 18.06
C VAL C 353 0.59 -7.44 18.71
N GLY C 354 0.24 -7.25 19.96
CA GLY C 354 0.81 -6.19 20.77
C GLY C 354 1.39 -6.75 22.05
N ILE C 355 2.52 -6.21 22.46
CA ILE C 355 3.26 -6.72 23.62
C ILE C 355 3.50 -5.57 24.58
N ASN C 356 2.95 -5.67 25.78
CA ASN C 356 3.34 -4.83 26.90
C ASN C 356 4.39 -5.57 27.73
N TYR C 357 5.21 -4.80 28.44
CA TYR C 357 6.27 -5.38 29.24
C TYR C 357 6.02 -5.28 30.74
N GLN C 358 5.02 -4.52 31.16
CA GLN C 358 4.60 -4.54 32.55
C GLN C 358 3.89 -5.85 32.83
N PRO C 359 4.39 -6.67 33.75
CA PRO C 359 3.77 -7.98 34.00
C PRO C 359 2.46 -7.82 34.73
N PRO C 360 1.54 -8.79 34.61
CA PRO C 360 0.26 -8.68 35.31
C PRO C 360 0.47 -8.71 36.81
N THR C 361 -0.26 -7.85 37.51
CA THR C 361 -0.25 -7.79 38.96
C THR C 361 -1.56 -8.33 39.50
N VAL C 362 -1.54 -8.76 40.75
CA VAL C 362 -2.71 -9.31 41.41
C VAL C 362 -2.99 -8.51 42.67
N VAL C 363 -4.27 -8.37 42.99
CA VAL C 363 -4.67 -7.72 44.23
C VAL C 363 -4.28 -8.61 45.40
N PRO C 364 -3.67 -8.07 46.47
CA PRO C 364 -3.36 -8.89 47.64
C PRO C 364 -4.62 -9.50 48.23
N GLY C 365 -4.59 -10.82 48.45
CA GLY C 365 -5.75 -11.54 48.90
C GLY C 365 -6.66 -12.03 47.79
N GLY C 366 -6.19 -12.05 46.54
CA GLY C 366 -6.98 -12.51 45.43
C GLY C 366 -6.81 -13.99 45.16
N ASP C 367 -7.58 -14.48 44.18
CA ASP C 367 -7.55 -15.88 43.82
C ASP C 367 -6.59 -16.19 42.68
N LEU C 368 -6.24 -15.19 41.89
CA LEU C 368 -5.34 -15.41 40.76
C LEU C 368 -3.89 -15.49 41.23
N ALA C 369 -3.13 -16.39 40.62
CA ALA C 369 -1.71 -16.51 40.92
C ALA C 369 -0.93 -15.46 40.13
N LYS C 370 0.17 -15.00 40.74
CA LYS C 370 1.03 -14.02 40.08
C LYS C 370 1.90 -14.73 39.05
N VAL C 371 1.72 -14.37 37.78
CA VAL C 371 2.44 -15.00 36.69
C VAL C 371 3.39 -13.97 36.07
N GLN C 372 4.36 -14.48 35.31
CA GLN C 372 5.33 -13.63 34.65
C GLN C 372 4.85 -13.13 33.29
N ARG C 373 3.87 -13.79 32.68
CA ARG C 373 3.35 -13.37 31.38
C ARG C 373 1.89 -13.75 31.27
N ALA C 374 1.14 -12.92 30.56
CA ALA C 374 -0.28 -13.17 30.32
C ALA C 374 -0.63 -12.67 28.93
N VAL C 375 -1.79 -13.12 28.44
CA VAL C 375 -2.25 -12.77 27.10
C VAL C 375 -3.76 -12.60 27.12
N CYS C 376 -4.24 -11.56 26.44
CA CYS C 376 -5.66 -11.35 26.20
C CYS C 376 -5.90 -11.32 24.70
N MET C 377 -6.82 -12.15 24.23
CA MET C 377 -7.12 -12.26 22.80
C MET C 377 -8.46 -11.59 22.52
N LEU C 378 -8.45 -10.60 21.64
CA LEU C 378 -9.67 -9.97 21.14
C LEU C 378 -9.88 -10.44 19.70
N SER C 379 -10.97 -11.17 19.48
CA SER C 379 -11.27 -11.72 18.16
C SER C 379 -12.71 -11.39 17.79
N ASN C 380 -12.93 -11.08 16.51
CA ASN C 380 -14.26 -10.81 15.98
C ASN C 380 -14.69 -12.03 15.19
N THR C 381 -15.48 -12.90 15.81
CA THR C 381 -15.97 -14.10 15.19
C THR C 381 -17.49 -14.07 15.11
N THR C 382 -18.04 -14.69 14.07
CA THR C 382 -19.48 -14.81 13.94
C THR C 382 -20.09 -15.70 15.01
N ALA C 383 -19.26 -16.46 15.75
CA ALA C 383 -19.78 -17.36 16.77
C ALA C 383 -20.43 -16.63 17.93
N ILE C 384 -20.07 -15.36 18.14
CA ILE C 384 -20.67 -14.58 19.22
C ILE C 384 -22.17 -14.36 19.01
N ALA C 385 -22.68 -14.62 17.81
CA ALA C 385 -24.11 -14.51 17.56
C ALA C 385 -24.91 -15.52 18.36
N GLU C 386 -24.28 -16.59 18.84
CA GLU C 386 -24.98 -17.56 19.70
C GLU C 386 -25.48 -16.90 20.97
N ALA C 387 -24.70 -15.96 21.52
CA ALA C 387 -25.13 -15.24 22.71
C ALA C 387 -26.37 -14.40 22.42
N TRP C 388 -26.48 -13.86 21.21
CA TRP C 388 -27.68 -13.12 20.84
C TRP C 388 -28.88 -14.06 20.70
N ALA C 389 -28.65 -15.27 20.17
CA ALA C 389 -29.74 -16.21 19.96
C ALA C 389 -30.32 -16.69 21.28
N ARG C 390 -29.45 -17.10 22.22
CA ARG C 390 -29.93 -17.55 23.52
C ARG C 390 -30.71 -16.45 24.23
N LEU C 391 -30.20 -15.21 24.17
CA LEU C 391 -30.88 -14.10 24.84
C LEU C 391 -32.21 -13.79 24.15
N ASP C 392 -32.24 -13.85 22.81
CA ASP C 392 -33.48 -13.57 22.09
C ASP C 392 -34.53 -14.64 22.33
N HIS C 393 -34.11 -15.89 22.57
CA HIS C 393 -35.08 -16.95 22.80
C HIS C 393 -35.79 -16.79 24.13
N LYS C 394 -35.06 -16.37 25.17
CA LYS C 394 -35.70 -16.09 26.45
C LYS C 394 -36.66 -14.91 26.33
N PHE C 395 -36.31 -13.92 25.50
CA PHE C 395 -37.21 -12.81 25.22
C PHE C 395 -38.49 -13.30 24.57
N ASP C 396 -38.37 -14.14 23.54
CA ASP C 396 -39.54 -14.59 22.79
C ASP C 396 -40.47 -15.43 23.65
N LEU C 397 -39.91 -16.24 24.55
CA LEU C 397 -40.74 -17.08 25.41
C LEU C 397 -41.66 -16.23 26.29
N MET C 398 -41.12 -15.15 26.87
CA MET C 398 -41.90 -14.33 27.78
C MET C 398 -42.79 -13.35 27.04
N TYR C 399 -42.29 -12.76 25.95
CA TYR C 399 -43.07 -11.75 25.25
C TYR C 399 -44.27 -12.35 24.53
N ALA C 400 -44.20 -13.64 24.16
CA ALA C 400 -45.34 -14.28 23.53
C ALA C 400 -46.57 -14.28 24.44
N LYS C 401 -46.35 -14.35 25.75
CA LYS C 401 -47.43 -14.26 26.72
C LYS C 401 -47.56 -12.87 27.33
N ARG C 402 -46.73 -11.92 26.89
CA ARG C 402 -46.73 -10.55 27.42
C ARG C 402 -46.49 -10.54 28.93
N ALA C 403 -45.78 -11.55 29.43
CA ALA C 403 -45.49 -11.62 30.85
C ALA C 403 -44.57 -10.46 31.27
N PHE C 404 -44.89 -9.85 32.41
CA PHE C 404 -44.19 -8.74 33.04
C PHE C 404 -44.19 -7.47 32.20
N VAL C 405 -44.87 -7.45 31.04
CA VAL C 405 -44.84 -6.29 30.16
C VAL C 405 -45.57 -5.12 30.79
N HIS C 406 -46.57 -5.38 31.64
CA HIS C 406 -47.33 -4.31 32.28
C HIS C 406 -46.48 -3.46 33.20
N TRP C 407 -45.34 -3.99 33.68
CA TRP C 407 -44.44 -3.17 34.48
C TRP C 407 -43.75 -2.11 33.64
N TYR C 408 -43.54 -2.38 32.35
CA TYR C 408 -42.91 -1.39 31.49
C TYR C 408 -43.93 -0.44 30.90
N VAL C 409 -45.12 -0.94 30.57
CA VAL C 409 -46.16 -0.09 30.01
C VAL C 409 -46.68 0.90 31.05
N GLY C 410 -46.76 0.46 32.31
CA GLY C 410 -47.20 1.34 33.37
C GLY C 410 -46.27 2.52 33.63
N GLU C 411 -45.01 2.41 33.21
CA GLU C 411 -44.04 3.48 33.38
C GLU C 411 -43.94 4.38 32.15
N GLY C 412 -44.70 4.10 31.09
CA GLY C 412 -44.74 4.97 29.93
C GLY C 412 -44.36 4.32 28.62
N MET C 413 -43.76 3.13 28.62
CA MET C 413 -43.37 2.51 27.36
C MET C 413 -44.58 1.91 26.65
N GLU C 414 -44.45 1.79 25.34
CA GLU C 414 -45.45 1.14 24.50
C GLU C 414 -44.95 -0.23 24.06
N GLU C 415 -45.90 -1.10 23.72
CA GLU C 415 -45.53 -2.43 23.24
C GLU C 415 -44.74 -2.37 21.94
N GLY C 416 -44.89 -1.28 21.17
CA GLY C 416 -44.13 -1.16 19.94
C GLY C 416 -42.63 -1.04 20.17
N GLU C 417 -42.23 -0.46 21.30
CA GLU C 417 -40.81 -0.38 21.63
C GLU C 417 -40.21 -1.76 21.85
N PHE C 418 -41.02 -2.71 22.31
CA PHE C 418 -40.54 -4.08 22.50
C PHE C 418 -40.31 -4.77 21.17
N SER C 419 -41.30 -4.74 20.28
CA SER C 419 -41.15 -5.37 18.98
C SER C 419 -40.13 -4.66 18.12
N GLU C 420 -40.00 -3.34 18.25
CA GLU C 420 -38.96 -2.61 17.54
C GLU C 420 -37.57 -3.05 17.99
N ALA C 421 -37.40 -3.28 19.29
CA ALA C 421 -36.12 -3.76 19.79
C ALA C 421 -35.86 -5.20 19.37
N ARG C 422 -36.90 -6.04 19.40
CA ARG C 422 -36.74 -7.43 19.02
C ARG C 422 -36.46 -7.56 17.52
N GLU C 423 -37.09 -6.73 16.70
CA GLU C 423 -36.82 -6.75 15.27
C GLU C 423 -35.37 -6.38 14.99
N ASP C 424 -34.83 -5.40 15.72
CA ASP C 424 -33.43 -5.04 15.56
C ASP C 424 -32.52 -6.18 15.96
N MET C 425 -32.90 -6.95 16.99
CA MET C 425 -32.13 -8.12 17.39
C MET C 425 -32.12 -9.16 16.28
N ALA C 426 -33.26 -9.37 15.62
CA ALA C 426 -33.33 -10.34 14.54
C ALA C 426 -32.48 -9.89 13.34
N ALA C 427 -32.45 -8.59 13.07
CA ALA C 427 -31.59 -8.09 12.00
C ALA C 427 -30.12 -8.28 12.34
N LEU C 428 -29.76 -8.13 13.63
CA LEU C 428 -28.38 -8.33 14.03
C LEU C 428 -27.96 -9.79 13.87
N GLU C 429 -28.87 -10.72 14.17
CA GLU C 429 -28.56 -12.14 13.96
C GLU C 429 -28.36 -12.43 12.48
N LYS C 430 -29.17 -11.81 11.62
CA LYS C 430 -28.99 -12.00 10.18
C LYS C 430 -27.71 -11.33 9.69
N ASP C 431 -27.35 -10.19 10.29
CA ASP C 431 -26.11 -9.52 9.91
C ASP C 431 -24.90 -10.41 10.16
N TYR C 432 -24.88 -11.10 11.31
CA TYR C 432 -23.79 -12.03 11.59
C TYR C 432 -23.85 -13.25 10.69
N GLU C 433 -25.02 -13.59 10.15
CA GLU C 433 -25.12 -14.68 9.19
C GLU C 433 -24.54 -14.28 7.84
N GLU C 434 -24.75 -13.03 7.43
CA GLU C 434 -24.37 -12.60 6.09
C GLU C 434 -22.87 -12.41 5.96
N VAL C 435 -22.21 -11.93 7.02
CA VAL C 435 -20.78 -11.66 6.94
C VAL C 435 -19.99 -12.96 6.80
N GLY C 436 -20.52 -14.08 7.31
CA GLY C 436 -19.83 -15.35 7.18
C GLY C 436 -19.95 -16.01 5.83
N VAL C 437 -20.93 -15.59 5.03
CA VAL C 437 -21.13 -16.18 3.72
C VAL C 437 -20.02 -15.74 2.77
N ASP C 438 -19.51 -16.68 1.98
CA ASP C 438 -18.41 -16.40 1.06
C ASP C 438 -18.88 -15.49 -0.08
N SER C 439 -17.90 -14.93 -0.79
CA SER C 439 -18.18 -14.01 -1.88
C SER C 439 -18.63 -14.77 -3.12
N VAL C 440 -19.32 -14.05 -4.01
CA VAL C 440 -19.85 -14.63 -5.23
C VAL C 440 -18.72 -15.05 -6.17
CA ARG D 1 -36.79 2.83 51.54
CA ARG D 1 -36.68 2.89 51.65
C ARG D 1 -37.59 2.45 52.79
C ARG D 1 -37.48 2.51 52.88
N GLU D 2 -38.43 3.36 53.24
CA GLU D 2 -39.27 3.13 54.42
C GLU D 2 -40.59 2.51 54.03
N ILE D 3 -41.14 1.72 54.94
CA ILE D 3 -42.45 1.08 54.77
C ILE D 3 -43.35 1.56 55.91
N VAL D 4 -44.59 1.90 55.56
CA VAL D 4 -45.59 2.32 56.54
C VAL D 4 -46.49 1.11 56.81
N HIS D 5 -46.43 0.59 58.03
CA HIS D 5 -47.21 -0.57 58.42
C HIS D 5 -48.55 -0.13 59.00
N ILE D 6 -49.62 -0.81 58.57
CA ILE D 6 -50.97 -0.52 59.02
C ILE D 6 -51.65 -1.84 59.38
N GLN D 7 -52.31 -1.86 60.54
CA GLN D 7 -53.07 -3.02 60.99
C GLN D 7 -54.49 -2.59 61.32
N ALA D 8 -55.47 -3.32 60.81
CA ALA D 8 -56.88 -2.97 60.98
C ALA D 8 -57.67 -4.17 61.48
N GLY D 9 -58.58 -3.90 62.41
CA GLY D 9 -59.46 -4.94 62.92
C GLY D 9 -58.83 -5.78 64.00
N GLN D 10 -59.62 -6.71 64.53
CA GLN D 10 -59.14 -7.60 65.58
C GLN D 10 -57.99 -8.47 65.08
N CYS D 11 -58.24 -9.26 64.02
CA CYS D 11 -57.22 -10.15 63.49
C CYS D 11 -56.01 -9.36 63.00
N GLY D 12 -56.23 -8.23 62.34
CA GLY D 12 -55.13 -7.45 61.82
C GLY D 12 -54.20 -6.93 62.91
N ASN D 13 -54.75 -6.61 64.08
CA ASN D 13 -53.92 -6.12 65.18
C ASN D 13 -53.26 -7.26 65.95
N GLN D 14 -53.92 -8.42 66.04
CA GLN D 14 -53.32 -9.55 66.72
C GLN D 14 -52.08 -10.05 65.98
N ILE D 15 -52.22 -10.33 64.69
CA ILE D 15 -51.07 -10.79 63.91
C ILE D 15 -50.10 -9.63 63.66
N GLY D 16 -50.60 -8.39 63.70
CA GLY D 16 -49.71 -7.24 63.56
C GLY D 16 -48.87 -7.01 64.81
N ALA D 17 -49.44 -7.27 65.98
CA ALA D 17 -48.67 -7.13 67.21
C ALA D 17 -47.59 -8.21 67.32
N LYS D 18 -47.92 -9.44 66.94
CA LYS D 18 -46.93 -10.50 66.95
C LYS D 18 -45.80 -10.24 65.96
N PHE D 19 -46.10 -9.56 64.86
CA PHE D 19 -45.08 -9.26 63.86
C PHE D 19 -43.99 -8.36 64.44
N TRP D 20 -44.39 -7.31 65.15
CA TRP D 20 -43.42 -6.39 65.71
C TRP D 20 -42.64 -7.01 66.87
N GLU D 21 -43.12 -8.12 67.43
CA GLU D 21 -42.38 -8.77 68.50
C GLU D 21 -41.22 -9.59 67.96
N VAL D 22 -41.41 -10.30 66.86
CA VAL D 22 -40.36 -11.18 66.33
C VAL D 22 -39.24 -10.35 65.72
N ILE D 23 -39.57 -9.38 64.86
CA ILE D 23 -38.53 -8.63 64.17
C ILE D 23 -37.78 -7.71 65.13
N SER D 24 -38.45 -7.23 66.19
CA SER D 24 -37.72 -6.46 67.20
C SER D 24 -36.73 -7.35 67.95
N ASP D 25 -37.12 -8.58 68.24
CA ASP D 25 -36.19 -9.53 68.84
C ASP D 25 -35.07 -9.90 67.87
N GLU D 26 -35.36 -9.92 66.56
CA GLU D 26 -34.33 -10.21 65.58
C GLU D 26 -33.38 -9.03 65.40
N HIS D 27 -33.91 -7.81 65.45
CA HIS D 27 -33.10 -6.61 65.28
C HIS D 27 -32.56 -6.07 66.60
N GLY D 28 -32.79 -6.78 67.71
CA GLY D 28 -32.22 -6.37 68.98
C GLY D 28 -32.88 -5.16 69.61
N ILE D 29 -34.18 -4.97 69.38
CA ILE D 29 -34.93 -3.86 69.96
C ILE D 29 -35.74 -4.37 71.14
N ASP D 30 -35.64 -3.69 72.27
CA ASP D 30 -36.36 -4.07 73.48
C ASP D 30 -37.72 -3.38 73.52
N PRO D 31 -38.61 -3.81 74.41
CA PRO D 31 -39.93 -3.16 74.50
C PRO D 31 -39.88 -1.66 74.77
N THR D 32 -38.75 -1.13 75.24
CA THR D 32 -38.62 0.31 75.43
C THR D 32 -38.16 1.03 74.16
N GLY D 33 -37.51 0.32 73.24
CA GLY D 33 -37.05 0.90 71.99
C GLY D 33 -35.56 0.97 71.83
N SER D 34 -34.79 0.72 72.90
CA SER D 34 -33.34 0.78 72.83
C SER D 34 -32.79 -0.45 72.11
N TYR D 35 -31.61 -0.28 71.52
CA TYR D 35 -30.95 -1.35 70.77
C TYR D 35 -30.07 -2.14 71.72
N HIS D 36 -30.47 -3.37 72.02
CA HIS D 36 -29.71 -4.28 72.87
C HIS D 36 -28.99 -5.35 72.07
N GLY D 37 -28.93 -5.23 70.74
CA GLY D 37 -28.32 -6.23 69.91
C GLY D 37 -26.80 -6.21 69.96
N ASP D 38 -26.19 -7.14 69.22
CA ASP D 38 -24.75 -7.30 69.21
C ASP D 38 -24.19 -7.47 67.80
N SER D 39 -24.97 -7.18 66.76
CA SER D 39 -24.53 -7.33 65.39
C SER D 39 -24.90 -6.09 64.58
N ASP D 40 -23.97 -5.62 63.75
CA ASP D 40 -24.22 -4.45 62.93
C ASP D 40 -25.23 -4.72 61.82
N LEU D 41 -25.46 -5.99 61.48
CA LEU D 41 -26.43 -6.33 60.45
C LEU D 41 -27.86 -6.05 60.89
N GLN D 42 -28.10 -5.91 62.20
CA GLN D 42 -29.43 -5.63 62.70
C GLN D 42 -29.83 -4.16 62.54
N LEU D 43 -28.86 -3.27 62.35
CA LEU D 43 -29.12 -1.85 62.22
C LEU D 43 -28.83 -1.30 60.83
N GLU D 44 -28.39 -2.16 59.90
CA GLU D 44 -28.07 -1.67 58.56
C GLU D 44 -29.31 -1.22 57.81
N ARG D 45 -30.43 -1.93 57.99
CA ARG D 45 -31.69 -1.57 57.37
C ARG D 45 -32.79 -1.42 58.42
N ILE D 46 -32.43 -0.93 59.61
CA ILE D 46 -33.38 -0.81 60.70
C ILE D 46 -34.44 0.24 60.43
N ASN D 47 -34.15 1.21 59.55
CA ASN D 47 -35.09 2.29 59.26
C ASN D 47 -36.19 1.89 58.27
N VAL D 48 -36.17 0.66 57.78
CA VAL D 48 -37.24 0.21 56.90
C VAL D 48 -38.56 0.12 57.64
N TYR D 49 -38.51 -0.30 58.91
CA TYR D 49 -39.70 -0.48 59.71
C TYR D 49 -39.73 0.40 60.96
N TYR D 50 -38.68 1.18 61.22
CA TYR D 50 -38.57 1.93 62.46
C TYR D 50 -38.17 3.37 62.18
N ASN D 51 -38.60 4.27 63.06
CA ASN D 51 -38.15 5.65 63.08
C ASN D 51 -37.09 5.81 64.16
N GLU D 52 -36.07 6.62 63.87
CA GLU D 52 -34.99 6.88 64.81
C GLU D 52 -35.30 8.15 65.58
N ALA D 53 -35.82 8.00 66.79
CA ALA D 53 -36.13 9.12 67.66
C ALA D 53 -34.90 9.48 68.50
N THR D 54 -35.00 10.62 69.19
CA THR D 54 -33.91 11.07 70.04
C THR D 54 -33.68 10.09 71.19
N GLY D 55 -32.41 9.86 71.52
CA GLY D 55 -32.09 8.91 72.57
C GLY D 55 -31.95 7.49 72.10
N ASN D 56 -31.72 7.28 70.80
CA ASN D 56 -31.59 5.94 70.22
C ASN D 56 -32.83 5.08 70.52
N LYS D 57 -34.00 5.70 70.44
CA LYS D 57 -35.27 5.02 70.66
C LYS D 57 -35.88 4.71 69.30
N TYR D 58 -35.98 3.42 68.98
CA TYR D 58 -36.51 2.98 67.70
C TYR D 58 -38.01 2.75 67.82
N VAL D 59 -38.78 3.53 67.07
CA VAL D 59 -40.24 3.51 67.12
C VAL D 59 -40.75 2.86 65.83
N PRO D 60 -41.65 1.90 65.91
CA PRO D 60 -42.16 1.27 64.68
C PRO D 60 -43.01 2.24 63.88
N ARG D 61 -42.94 2.11 62.56
CA ARG D 61 -43.77 2.89 61.65
C ARG D 61 -45.13 2.19 61.45
N ALA D 62 -45.79 1.92 62.58
CA ALA D 62 -47.03 1.17 62.61
C ALA D 62 -48.20 2.10 62.90
N ILE D 63 -49.34 1.80 62.29
CA ILE D 63 -50.58 2.56 62.47
C ILE D 63 -51.66 1.56 62.87
N LEU D 64 -52.06 1.60 64.13
CA LEU D 64 -53.05 0.68 64.67
C LEU D 64 -54.45 1.29 64.54
N VAL D 65 -55.36 0.53 63.94
CA VAL D 65 -56.68 1.02 63.58
C VAL D 65 -57.72 -0.06 63.87
N ASP D 66 -58.84 0.36 64.46
CA ASP D 66 -60.00 -0.51 64.58
C ASP D 66 -61.24 0.34 64.89
N LEU D 67 -62.41 -0.24 64.64
CA LEU D 67 -63.67 0.43 64.90
C LEU D 67 -64.15 0.25 66.33
N GLU D 68 -63.47 -0.56 67.13
CA GLU D 68 -63.78 -0.73 68.54
C GLU D 68 -62.52 -0.58 69.36
N PRO D 69 -62.62 -0.02 70.57
CA PRO D 69 -61.42 0.22 71.39
C PRO D 69 -61.00 -0.95 72.27
N GLY D 70 -61.68 -2.09 72.17
CA GLY D 70 -61.36 -3.22 73.01
C GLY D 70 -60.05 -3.90 72.66
N THR D 71 -59.89 -4.29 71.40
CA THR D 71 -58.71 -5.06 71.00
C THR D 71 -57.44 -4.21 71.00
N MET D 72 -57.56 -2.89 70.94
CA MET D 72 -56.39 -2.02 70.91
C MET D 72 -55.95 -1.59 72.30
N ASP D 73 -56.81 -1.72 73.31
CA ASP D 73 -56.38 -1.54 74.69
C ASP D 73 -55.55 -2.72 75.18
N SER D 74 -55.69 -3.88 74.55
CA SER D 74 -54.95 -5.07 74.97
C SER D 74 -53.55 -5.10 74.36
N VAL D 75 -53.41 -4.66 73.11
CA VAL D 75 -52.09 -4.60 72.49
C VAL D 75 -51.22 -3.55 73.18
N ARG D 76 -51.83 -2.60 73.88
CA ARG D 76 -51.08 -1.65 74.69
C ARG D 76 -50.71 -2.23 76.05
N SER D 77 -51.34 -3.33 76.46
CA SER D 77 -51.06 -3.97 77.74
C SER D 77 -50.07 -5.12 77.64
N GLY D 78 -50.10 -5.87 76.53
CA GLY D 78 -49.19 -6.98 76.35
C GLY D 78 -47.77 -6.52 76.11
N PRO D 79 -46.89 -7.46 75.75
CA PRO D 79 -45.50 -7.09 75.49
C PRO D 79 -45.38 -6.17 74.29
N PHE D 80 -44.37 -5.30 74.34
CA PHE D 80 -44.11 -4.32 73.28
C PHE D 80 -45.30 -3.38 73.08
N GLY D 81 -46.01 -3.05 74.16
CA GLY D 81 -47.06 -2.06 74.09
C GLY D 81 -46.59 -0.64 74.25
N GLN D 82 -45.44 -0.45 74.89
CA GLN D 82 -44.88 0.89 75.09
C GLN D 82 -44.11 1.38 73.88
N ILE D 83 -43.56 0.47 73.09
CA ILE D 83 -42.70 0.86 71.97
C ILE D 83 -43.53 1.53 70.88
N PHE D 84 -44.80 1.16 70.75
CA PHE D 84 -45.67 1.79 69.76
C PHE D 84 -45.90 3.27 70.10
N ARG D 85 -46.04 4.08 69.06
CA ARG D 85 -46.30 5.50 69.25
C ARG D 85 -47.73 5.69 69.76
N PRO D 86 -47.93 6.43 70.85
CA PRO D 86 -49.28 6.51 71.44
C PRO D 86 -50.28 7.25 70.58
N ASP D 87 -49.87 8.27 69.84
CA ASP D 87 -50.80 9.03 69.01
C ASP D 87 -51.10 8.35 67.68
N ASN D 88 -50.47 7.21 67.39
CA ASN D 88 -50.76 6.45 66.19
C ASN D 88 -51.93 5.49 66.36
N PHE D 89 -52.55 5.48 67.53
CA PHE D 89 -53.74 4.66 67.77
C PHE D 89 -54.97 5.42 67.28
N VAL D 90 -55.76 4.77 66.43
CA VAL D 90 -57.01 5.35 65.92
C VAL D 90 -58.11 4.31 66.15
N PHE D 91 -58.87 4.49 67.22
CA PHE D 91 -59.94 3.52 67.55
C PHE D 91 -61.30 4.20 67.56
N GLY D 92 -62.33 3.54 67.04
CA GLY D 92 -63.70 4.06 67.12
C GLY D 92 -64.42 3.45 68.31
N GLN D 93 -65.74 3.29 68.25
CA GLN D 93 -66.50 2.78 69.41
C GLN D 93 -67.67 1.89 68.96
N SER D 94 -68.41 2.34 67.94
CA SER D 94 -69.61 1.58 67.50
C SER D 94 -69.22 0.16 67.13
N GLY D 95 -68.10 -0.01 66.42
CA GLY D 95 -67.71 -1.32 65.96
C GLY D 95 -68.28 -1.65 64.60
N ALA D 96 -67.83 -2.78 64.05
CA ALA D 96 -68.26 -3.23 62.73
C ALA D 96 -69.27 -4.36 62.75
N GLY D 97 -69.32 -5.17 63.80
CA GLY D 97 -70.26 -6.27 63.87
C GLY D 97 -70.05 -7.31 62.80
N ASN D 98 -68.80 -7.52 62.37
CA ASN D 98 -68.47 -8.49 61.32
C ASN D 98 -69.25 -8.21 60.04
N ASN D 99 -69.46 -6.93 59.75
CA ASN D 99 -70.20 -6.49 58.57
C ASN D 99 -69.24 -5.75 57.65
N TRP D 100 -69.08 -6.26 56.43
CA TRP D 100 -68.17 -5.63 55.47
C TRP D 100 -68.65 -4.23 55.10
N ALA D 101 -69.97 -4.07 54.89
CA ALA D 101 -70.50 -2.76 54.53
C ALA D 101 -70.37 -1.76 55.67
N LYS D 102 -70.45 -2.23 56.92
CA LYS D 102 -70.31 -1.34 58.07
C LYS D 102 -68.92 -0.73 58.13
N GLY D 103 -67.89 -1.47 57.73
CA GLY D 103 -66.54 -0.95 57.74
C GLY D 103 -66.17 -0.21 56.48
N HIS D 104 -66.71 -0.64 55.34
CA HIS D 104 -66.33 -0.06 54.06
C HIS D 104 -67.16 1.16 53.67
N TYR D 105 -68.43 1.22 54.07
CA TYR D 105 -69.34 2.25 53.60
C TYR D 105 -69.83 3.21 54.67
N THR D 106 -70.22 2.70 55.84
CA THR D 106 -70.89 3.55 56.81
C THR D 106 -69.99 3.95 57.98
N GLU D 107 -69.82 3.05 58.95
CA GLU D 107 -69.11 3.40 60.18
C GLU D 107 -67.63 3.65 59.92
N GLY D 108 -66.99 2.78 59.12
CA GLY D 108 -65.58 2.95 58.84
C GLY D 108 -65.28 4.17 58.00
N ALA D 109 -66.30 4.78 57.39
CA ALA D 109 -66.09 5.97 56.58
C ALA D 109 -65.89 7.22 57.42
N GLU D 110 -66.53 7.28 58.60
CA GLU D 110 -66.35 8.43 59.48
C GLU D 110 -64.97 8.44 60.13
N LEU D 111 -64.29 7.30 60.18
CA LEU D 111 -62.99 7.20 60.82
C LEU D 111 -61.82 7.24 59.84
N VAL D 112 -62.08 7.07 58.54
CA VAL D 112 -60.98 6.98 57.57
C VAL D 112 -60.23 8.29 57.42
N ASP D 113 -60.87 9.43 57.76
CA ASP D 113 -60.16 10.70 57.68
C ASP D 113 -59.15 10.85 58.82
N SER D 114 -59.49 10.32 60.01
CA SER D 114 -58.55 10.35 61.12
C SER D 114 -57.36 9.45 60.86
N VAL D 115 -57.58 8.31 60.18
CA VAL D 115 -56.48 7.42 59.87
C VAL D 115 -55.57 8.02 58.81
N LEU D 116 -56.16 8.71 57.83
CA LEU D 116 -55.36 9.28 56.74
C LEU D 116 -54.41 10.35 57.25
N ASP D 117 -54.81 11.10 58.28
CA ASP D 117 -53.93 12.13 58.82
C ASP D 117 -52.68 11.52 59.44
N VAL D 118 -52.82 10.38 60.11
CA VAL D 118 -51.66 9.70 60.67
C VAL D 118 -50.79 9.11 59.56
N VAL D 119 -51.41 8.71 58.44
CA VAL D 119 -50.64 8.15 57.33
C VAL D 119 -49.76 9.22 56.71
N ARG D 120 -50.34 10.39 56.40
CA ARG D 120 -49.56 11.48 55.82
C ARG D 120 -48.50 11.97 56.81
N LYS D 121 -48.79 11.91 58.11
CA LYS D 121 -47.81 12.32 59.10
C LYS D 121 -46.58 11.42 59.07
N GLU D 122 -46.80 10.10 59.00
CA GLU D 122 -45.68 9.17 58.93
C GLU D 122 -45.03 9.18 57.55
N SER D 123 -45.80 9.50 56.50
CA SER D 123 -45.23 9.55 55.16
C SER D 123 -44.38 10.79 54.97
N GLU D 124 -44.66 11.88 55.70
CA GLU D 124 -43.88 13.10 55.56
C GLU D 124 -42.48 12.93 56.13
N SER D 125 -42.30 12.05 57.12
CA SER D 125 -41.01 11.83 57.75
C SER D 125 -40.16 10.79 57.04
N CYS D 126 -40.55 10.39 55.83
CA CYS D 126 -39.84 9.38 55.06
C CYS D 126 -38.92 10.03 54.04
N ASP D 127 -37.67 9.57 54.00
CA ASP D 127 -36.74 10.06 52.98
C ASP D 127 -37.18 9.61 51.59
N CYS D 128 -37.43 8.31 51.42
CA CYS D 128 -37.92 7.75 50.16
C CYS D 128 -38.89 6.63 50.51
N LEU D 129 -40.18 6.91 50.41
CA LEU D 129 -41.19 5.95 50.84
C LEU D 129 -41.31 4.81 49.83
N GLN D 130 -41.20 3.58 50.31
CA GLN D 130 -41.45 2.41 49.47
C GLN D 130 -42.94 2.26 49.19
N GLY D 131 -43.71 1.95 50.23
CA GLY D 131 -45.14 1.73 50.14
C GLY D 131 -45.75 1.38 51.47
N PHE D 132 -46.84 0.62 51.46
CA PHE D 132 -47.59 0.31 52.67
C PHE D 132 -47.86 -1.19 52.74
N GLN D 133 -47.74 -1.75 53.94
CA GLN D 133 -48.11 -3.13 54.18
C GLN D 133 -49.26 -3.17 55.19
N LEU D 134 -50.27 -3.97 54.89
CA LEU D 134 -51.49 -4.03 55.70
C LEU D 134 -51.69 -5.44 56.21
N THR D 135 -51.93 -5.57 57.51
CA THR D 135 -52.30 -6.83 58.13
C THR D 135 -53.78 -6.74 58.53
N HIS D 136 -54.54 -7.70 58.02
CA HIS D 136 -56.00 -7.66 58.25
C HIS D 136 -56.61 -9.00 57.88
N SER D 137 -57.87 -9.18 58.23
CA SER D 137 -58.63 -10.37 57.86
C SER D 137 -59.67 -10.01 56.82
N LEU D 138 -60.15 -11.03 56.11
CA LEU D 138 -61.21 -10.86 55.12
C LEU D 138 -62.54 -11.42 55.60
N GLY D 139 -62.62 -11.86 56.85
CA GLY D 139 -63.84 -12.46 57.36
C GLY D 139 -64.68 -11.53 58.21
N GLY D 140 -64.05 -10.54 58.82
CA GLY D 140 -64.72 -9.62 59.71
C GLY D 140 -65.33 -8.43 59.01
N GLY D 141 -65.32 -7.29 59.69
CA GLY D 141 -65.90 -6.07 59.15
C GLY D 141 -64.93 -4.93 59.03
N THR D 142 -64.17 -4.65 60.10
CA THR D 142 -63.23 -3.54 60.07
C THR D 142 -62.03 -3.85 59.17
N GLY D 143 -61.30 -4.91 59.47
CA GLY D 143 -60.17 -5.27 58.63
C GLY D 143 -60.57 -5.65 57.22
N SER D 144 -61.77 -6.21 57.05
CA SER D 144 -62.23 -6.61 55.73
C SER D 144 -62.82 -5.42 54.96
N GLY D 145 -63.78 -4.73 55.55
CA GLY D 145 -64.44 -3.62 54.90
C GLY D 145 -63.66 -2.32 54.96
N MET D 146 -63.30 -1.89 56.17
CA MET D 146 -62.55 -0.64 56.30
C MET D 146 -61.11 -0.81 55.85
N GLY D 147 -60.57 -2.04 55.95
CA GLY D 147 -59.22 -2.28 55.47
C GLY D 147 -59.08 -2.02 53.99
N THR D 148 -60.06 -2.51 53.23
CA THR D 148 -60.08 -2.28 51.77
C THR D 148 -60.31 -0.81 51.49
N LEU D 149 -61.05 -0.13 52.36
CA LEU D 149 -61.35 1.31 52.15
C LEU D 149 -60.05 2.09 52.33
N LEU D 150 -59.24 1.67 53.30
CA LEU D 150 -57.96 2.36 53.46
C LEU D 150 -57.06 2.19 52.25
N ILE D 151 -57.16 1.04 51.56
CA ILE D 151 -56.35 0.80 50.38
C ILE D 151 -56.71 1.79 49.27
N SER D 152 -58.00 1.93 48.98
CA SER D 152 -58.43 2.82 47.90
C SER D 152 -58.11 4.28 48.23
N LYS D 153 -58.27 4.67 49.49
CA LYS D 153 -57.98 6.05 49.87
C LYS D 153 -56.49 6.35 49.77
N ILE D 154 -55.65 5.45 50.26
CA ILE D 154 -54.21 5.67 50.22
C ILE D 154 -53.69 5.64 48.79
N ARG D 155 -54.25 4.74 47.97
CA ARG D 155 -53.83 4.67 46.57
C ARG D 155 -54.12 5.96 45.83
N GLU D 156 -55.20 6.67 46.19
CA GLU D 156 -55.53 7.92 45.52
C GLU D 156 -54.48 9.00 45.80
N GLU D 157 -53.85 8.96 46.96
CA GLU D 157 -52.84 9.95 47.32
C GLU D 157 -51.42 9.48 47.05
N TYR D 158 -51.21 8.16 46.92
CA TYR D 158 -49.89 7.59 46.62
C TYR D 158 -50.05 6.55 45.52
N PRO D 159 -50.35 6.98 44.29
CA PRO D 159 -50.66 6.01 43.23
C PRO D 159 -49.46 5.26 42.70
N ASP D 160 -48.25 5.81 42.84
CA ASP D 160 -47.04 5.17 42.31
C ASP D 160 -46.28 4.38 43.36
N ARG D 161 -46.90 4.11 44.50
CA ARG D 161 -46.25 3.33 45.56
C ARG D 161 -46.80 1.90 45.57
N ILE D 162 -46.11 1.05 46.32
CA ILE D 162 -46.44 -0.38 46.38
C ILE D 162 -47.44 -0.61 47.49
N MET D 163 -48.50 -1.36 47.19
CA MET D 163 -49.54 -1.71 48.15
C MET D 163 -49.45 -3.20 48.43
N ASN D 164 -48.95 -3.55 49.61
CA ASN D 164 -48.79 -4.94 50.04
C ASN D 164 -49.77 -5.23 51.17
N THR D 165 -50.34 -6.44 51.18
CA THR D 165 -51.28 -6.85 52.20
C THR D 165 -50.96 -8.26 52.67
N PHE D 166 -51.22 -8.50 53.96
CA PHE D 166 -51.20 -9.83 54.56
C PHE D 166 -52.65 -10.18 54.89
N SER D 167 -53.37 -10.71 53.90
CA SER D 167 -54.79 -10.98 54.03
C SER D 167 -55.01 -12.40 54.55
N VAL D 168 -55.89 -12.53 55.54
CA VAL D 168 -56.15 -13.81 56.20
C VAL D 168 -57.48 -14.35 55.68
N MET D 169 -57.42 -15.47 54.98
CA MET D 169 -58.63 -16.08 54.45
C MET D 169 -59.44 -16.70 55.59
N PRO D 170 -60.76 -16.53 55.58
CA PRO D 170 -61.59 -17.17 56.61
C PRO D 170 -61.71 -18.67 56.36
N SER D 171 -61.99 -19.39 57.44
CA SER D 171 -62.19 -20.83 57.39
C SER D 171 -63.27 -21.22 58.40
N PRO D 172 -64.21 -22.08 58.00
CA PRO D 172 -65.24 -22.54 58.95
C PRO D 172 -64.69 -23.37 60.10
N LYS D 173 -63.43 -23.78 60.04
CA LYS D 173 -62.83 -24.54 61.14
C LYS D 173 -62.42 -23.64 62.31
N VAL D 174 -62.28 -22.34 62.08
CA VAL D 174 -61.94 -21.38 63.13
C VAL D 174 -62.81 -20.13 62.96
N SER D 175 -63.97 -20.30 62.35
CA SER D 175 -64.80 -19.15 61.97
C SER D 175 -65.36 -18.45 63.20
N ASP D 176 -65.30 -17.11 63.18
CA ASP D 176 -65.95 -16.33 64.22
C ASP D 176 -67.47 -16.33 64.03
N THR D 177 -67.93 -15.98 62.84
CA THR D 177 -69.36 -15.91 62.55
C THR D 177 -69.73 -16.83 61.40
N VAL D 178 -70.82 -16.51 60.71
CA VAL D 178 -71.28 -17.28 59.56
C VAL D 178 -71.26 -16.47 58.27
N VAL D 179 -71.32 -15.14 58.34
CA VAL D 179 -71.42 -14.29 57.16
C VAL D 179 -70.04 -14.08 56.55
N GLU D 180 -69.06 -14.83 57.03
CA GLU D 180 -67.68 -14.64 56.57
C GLU D 180 -67.48 -14.81 55.07
N PRO D 181 -68.09 -15.79 54.38
CA PRO D 181 -67.91 -15.86 52.91
C PRO D 181 -68.31 -14.59 52.19
N TYR D 182 -69.33 -13.88 52.68
CA TYR D 182 -69.72 -12.62 52.04
C TYR D 182 -68.62 -11.58 52.15
N ASN D 183 -67.97 -11.49 53.31
CA ASN D 183 -66.94 -10.48 53.52
C ASN D 183 -65.69 -10.79 52.71
N ALA D 184 -65.36 -12.07 52.56
CA ALA D 184 -64.16 -12.44 51.81
C ALA D 184 -64.33 -12.15 50.32
N THR D 185 -65.49 -12.47 49.76
CA THR D 185 -65.72 -12.24 48.34
C THR D 185 -65.72 -10.75 48.00
N LEU D 186 -66.36 -9.94 48.85
CA LEU D 186 -66.41 -8.50 48.60
C LEU D 186 -65.04 -7.85 48.72
N SER D 187 -64.17 -8.42 49.55
CA SER D 187 -62.84 -7.84 49.76
C SER D 187 -61.81 -8.35 48.77
N VAL D 188 -61.90 -9.62 48.34
CA VAL D 188 -61.01 -10.11 47.30
C VAL D 188 -61.23 -9.35 46.01
N HIS D 189 -62.49 -9.01 45.71
CA HIS D 189 -62.79 -8.16 44.57
C HIS D 189 -62.08 -6.82 44.67
N GLN D 190 -61.89 -6.32 45.89
CA GLN D 190 -61.14 -5.08 46.08
C GLN D 190 -59.64 -5.33 45.98
N LEU D 191 -59.14 -6.40 46.58
CA LEU D 191 -57.71 -6.70 46.55
C LEU D 191 -57.22 -7.01 45.15
N VAL D 192 -58.10 -7.45 44.25
CA VAL D 192 -57.70 -7.71 42.88
C VAL D 192 -57.36 -6.41 42.16
N GLU D 193 -58.05 -5.32 42.50
CA GLU D 193 -57.96 -4.08 41.74
C GLU D 193 -56.97 -3.07 42.33
N ASN D 194 -56.74 -3.08 43.64
CA ASN D 194 -56.07 -1.96 44.30
C ASN D 194 -54.81 -2.35 45.05
N THR D 195 -54.33 -3.58 44.95
CA THR D 195 -53.10 -3.99 45.60
C THR D 195 -52.13 -4.56 44.58
N ASP D 196 -50.83 -4.46 44.91
CA ASP D 196 -49.77 -4.98 44.07
C ASP D 196 -49.25 -6.33 44.53
N GLU D 197 -49.27 -6.60 45.83
CA GLU D 197 -48.83 -7.87 46.39
C GLU D 197 -49.77 -8.24 47.54
N THR D 198 -50.18 -9.50 47.59
CA THR D 198 -51.05 -9.98 48.65
C THR D 198 -50.59 -11.37 49.08
N TYR D 199 -50.22 -11.50 50.36
CA TYR D 199 -49.85 -12.78 50.93
C TYR D 199 -51.11 -13.46 51.45
N CYS D 200 -51.51 -14.55 50.80
CA CYS D 200 -52.71 -15.28 51.19
C CYS D 200 -52.39 -16.19 52.36
N ILE D 201 -52.87 -15.84 53.55
CA ILE D 201 -52.67 -16.63 54.76
C ILE D 201 -54.00 -17.29 55.07
N ASP D 202 -54.13 -18.57 54.70
CA ASP D 202 -55.38 -19.29 54.87
C ASP D 202 -55.50 -19.81 56.29
N ASN D 203 -56.62 -19.49 56.95
CA ASN D 203 -56.89 -20.05 58.26
C ASN D 203 -57.10 -21.56 58.21
N GLU D 204 -57.61 -22.04 57.08
CA GLU D 204 -57.81 -23.50 56.91
C GLU D 204 -56.45 -24.18 56.99
N ALA D 205 -55.53 -23.74 56.14
CA ALA D 205 -54.20 -24.34 56.14
C ALA D 205 -53.52 -24.18 57.49
N LEU D 206 -53.82 -23.08 58.20
CA LEU D 206 -53.23 -22.87 59.51
C LEU D 206 -53.78 -23.87 60.52
N TYR D 207 -55.07 -24.19 60.43
CA TYR D 207 -55.67 -25.16 61.34
C TYR D 207 -55.15 -26.56 61.08
N ASP D 208 -54.95 -26.91 59.81
CA ASP D 208 -54.48 -28.26 59.48
C ASP D 208 -53.04 -28.48 59.91
N ILE D 209 -52.20 -27.43 59.86
CA ILE D 209 -50.82 -27.57 60.34
C ILE D 209 -50.79 -27.82 61.84
N CYS D 210 -51.64 -27.10 62.59
CA CYS D 210 -51.67 -27.27 64.03
C CYS D 210 -52.25 -28.63 64.42
N PHE D 211 -53.34 -29.04 63.77
CA PHE D 211 -54.01 -30.28 64.14
C PHE D 211 -53.27 -31.50 63.59
N ARG D 212 -53.06 -31.55 62.27
CA ARG D 212 -52.51 -32.74 61.65
C ARG D 212 -51.01 -32.85 61.86
N THR D 213 -50.32 -31.72 61.82
CA THR D 213 -48.83 -31.78 61.89
C THR D 213 -48.35 -31.51 63.33
N LEU D 214 -48.61 -30.32 63.86
CA LEU D 214 -48.06 -29.97 65.20
C LEU D 214 -48.83 -30.73 66.29
N LYS D 215 -49.96 -31.34 65.94
CA LYS D 215 -50.73 -32.16 66.92
C LYS D 215 -51.34 -31.26 68.01
N LEU D 216 -52.24 -30.37 67.64
CA LEU D 216 -52.94 -29.52 68.63
C LEU D 216 -54.43 -29.77 68.45
N THR D 217 -55.01 -30.64 69.29
CA THR D 217 -56.45 -31.02 69.15
C THR D 217 -57.31 -29.75 69.19
N THR D 218 -57.05 -28.88 70.16
CA THR D 218 -57.85 -27.64 70.30
C THR D 218 -56.97 -26.44 69.94
N PRO D 219 -56.86 -26.08 68.65
CA PRO D 219 -55.98 -24.99 68.23
C PRO D 219 -56.59 -23.62 68.55
N THR D 220 -55.84 -22.78 69.26
CA THR D 220 -56.33 -21.46 69.59
C THR D 220 -55.79 -20.44 68.59
N TYR D 221 -56.20 -19.18 68.76
CA TYR D 221 -55.71 -18.12 67.88
C TYR D 221 -54.22 -17.86 68.11
N GLY D 222 -53.74 -18.11 69.34
CA GLY D 222 -52.32 -17.94 69.59
C GLY D 222 -51.46 -18.96 68.88
N ASP D 223 -51.96 -20.18 68.72
CA ASP D 223 -51.22 -21.20 67.99
C ASP D 223 -51.21 -20.91 66.49
N LEU D 224 -52.34 -20.44 65.96
CA LEU D 224 -52.39 -20.06 64.54
C LEU D 224 -51.50 -18.85 64.26
N ASN D 225 -51.46 -17.90 65.21
CA ASN D 225 -50.72 -16.67 64.98
C ASN D 225 -49.21 -16.88 65.06
N HIS D 226 -48.76 -17.89 65.80
CA HIS D 226 -47.33 -18.19 65.85
C HIS D 226 -46.82 -18.64 64.49
N LEU D 227 -47.64 -19.35 63.72
CA LEU D 227 -47.25 -19.71 62.36
C LEU D 227 -47.25 -18.49 61.45
N VAL D 228 -48.18 -17.56 61.68
CA VAL D 228 -48.22 -16.33 60.89
C VAL D 228 -46.98 -15.49 61.18
N SER D 229 -46.58 -15.41 62.45
CA SER D 229 -45.39 -14.62 62.81
C SER D 229 -44.14 -15.17 62.14
N ALA D 230 -44.00 -16.49 62.10
CA ALA D 230 -42.85 -17.09 61.42
C ALA D 230 -42.90 -16.83 59.92
N THR D 231 -44.09 -16.76 59.35
CA THR D 231 -44.21 -16.50 57.92
C THR D 231 -43.82 -15.06 57.59
N MET D 232 -44.44 -14.09 58.27
CA MET D 232 -44.17 -12.69 57.97
C MET D 232 -42.74 -12.31 58.34
N SER D 233 -42.13 -13.03 59.29
CA SER D 233 -40.71 -12.85 59.53
C SER D 233 -39.88 -13.38 58.37
N GLY D 234 -40.37 -14.41 57.68
CA GLY D 234 -39.65 -15.00 56.57
C GLY D 234 -39.78 -14.23 55.28
N VAL D 235 -41.01 -13.82 54.94
CA VAL D 235 -41.24 -13.10 53.69
C VAL D 235 -40.73 -11.67 53.72
N THR D 236 -40.29 -11.19 54.88
CA THR D 236 -39.74 -9.85 55.01
C THR D 236 -38.26 -9.85 55.35
N THR D 237 -37.60 -11.02 55.32
CA THR D 237 -36.18 -11.07 55.61
C THR D 237 -35.37 -10.31 54.57
N CYS D 238 -35.70 -10.46 53.30
CA CYS D 238 -34.99 -9.76 52.23
C CYS D 238 -35.20 -8.26 52.29
N LEU D 239 -36.24 -7.79 53.00
CA LEU D 239 -36.47 -6.35 53.15
C LEU D 239 -35.78 -5.78 54.38
N ARG D 240 -35.47 -6.61 55.39
CA ARG D 240 -34.98 -6.13 56.67
C ARG D 240 -33.47 -6.32 56.85
N PHE D 241 -32.82 -7.09 55.98
CA PHE D 241 -31.40 -7.36 56.12
C PHE D 241 -30.68 -7.06 54.81
N PRO D 242 -29.40 -6.67 54.88
CA PRO D 242 -28.69 -6.28 53.66
C PRO D 242 -28.54 -7.40 52.64
N GLY D 243 -29.63 -7.72 51.95
CA GLY D 243 -29.59 -8.59 50.79
C GLY D 243 -29.47 -7.79 49.52
N GLN D 244 -29.86 -8.42 48.41
CA GLN D 244 -29.83 -7.73 47.12
C GLN D 244 -30.72 -8.42 46.10
N LEU D 245 -31.37 -9.52 46.49
CA LEU D 245 -32.28 -10.20 45.58
C LEU D 245 -33.58 -9.42 45.45
N ASN D 246 -34.46 -9.57 46.44
CA ASN D 246 -35.71 -8.80 46.47
C ASN D 246 -35.65 -7.80 47.62
N ALA D 247 -34.72 -6.85 47.54
CA ALA D 247 -34.42 -5.99 48.68
C ALA D 247 -35.55 -5.02 49.01
N ASP D 248 -36.43 -4.73 48.06
CA ASP D 248 -37.54 -3.81 48.32
C ASP D 248 -38.82 -4.39 47.73
N LEU D 249 -39.93 -3.72 48.03
CA LEU D 249 -41.24 -4.21 47.61
C LEU D 249 -41.43 -4.14 46.10
N ARG D 250 -40.80 -3.16 45.44
CA ARG D 250 -40.98 -3.02 44.00
C ARG D 250 -40.17 -4.06 43.23
N LYS D 251 -38.96 -4.36 43.67
CA LYS D 251 -38.18 -5.41 43.01
C LYS D 251 -38.80 -6.78 43.23
N LEU D 252 -39.48 -6.99 44.35
CA LEU D 252 -40.19 -8.24 44.57
C LEU D 252 -41.41 -8.34 43.65
N ALA D 253 -42.11 -7.23 43.45
CA ALA D 253 -43.29 -7.25 42.59
C ALA D 253 -42.92 -7.52 41.14
N VAL D 254 -41.81 -6.95 40.67
CA VAL D 254 -41.39 -7.17 39.30
C VAL D 254 -41.00 -8.63 39.09
N ASN D 255 -40.48 -9.29 40.12
CA ASN D 255 -40.07 -10.68 39.98
C ASN D 255 -41.21 -11.66 40.16
N MET D 256 -42.25 -11.29 40.90
CA MET D 256 -43.30 -12.23 41.28
C MET D 256 -44.63 -12.03 40.56
N VAL D 257 -44.89 -10.85 40.01
CA VAL D 257 -46.19 -10.56 39.41
C VAL D 257 -46.03 -10.43 37.90
N PRO D 258 -46.24 -11.51 37.12
CA PRO D 258 -46.13 -11.40 35.66
C PRO D 258 -47.34 -10.77 35.01
N PHE D 259 -48.51 -10.82 35.65
CA PHE D 259 -49.72 -10.20 35.14
C PHE D 259 -50.38 -9.48 36.30
N PRO D 260 -50.91 -8.27 36.08
CA PRO D 260 -51.28 -7.40 37.22
C PRO D 260 -52.30 -8.01 38.16
N ARG D 261 -53.26 -8.78 37.66
CA ARG D 261 -54.30 -9.32 38.53
C ARG D 261 -53.82 -10.52 39.33
N LEU D 262 -52.84 -11.25 38.78
CA LEU D 262 -52.32 -12.47 39.45
C LEU D 262 -51.21 -12.07 40.41
N HIS D 263 -51.58 -11.55 41.58
CA HIS D 263 -50.62 -11.08 42.56
C HIS D 263 -50.96 -11.61 43.96
N PHE D 264 -51.51 -12.81 44.03
CA PHE D 264 -51.83 -13.47 45.30
C PHE D 264 -50.84 -14.62 45.50
N PHE D 265 -49.97 -14.49 46.49
CA PHE D 265 -48.91 -15.45 46.74
C PHE D 265 -49.32 -16.43 47.83
N MET D 266 -48.88 -17.69 47.67
CA MET D 266 -49.04 -18.67 48.74
C MET D 266 -47.69 -18.84 49.43
N PRO D 267 -47.62 -18.69 50.75
CA PRO D 267 -46.33 -18.80 51.43
C PRO D 267 -46.12 -20.16 52.07
N GLY D 268 -44.86 -20.53 52.28
CA GLY D 268 -44.54 -21.77 52.94
C GLY D 268 -43.38 -21.58 53.90
N PHE D 269 -43.34 -22.43 54.92
CA PHE D 269 -42.32 -22.35 55.95
C PHE D 269 -41.79 -23.73 56.28
N ALA D 270 -40.48 -23.82 56.50
CA ALA D 270 -39.81 -25.04 56.91
C ALA D 270 -38.68 -24.65 57.85
N PRO D 271 -38.46 -25.42 58.92
CA PRO D 271 -39.16 -26.65 59.32
C PRO D 271 -40.46 -26.38 60.08
N LEU D 272 -41.36 -27.35 60.14
CA LEU D 272 -42.61 -27.27 60.88
C LEU D 272 -42.72 -28.50 61.75
N THR D 273 -42.25 -28.38 62.99
CA THR D 273 -42.29 -29.48 63.95
C THR D 273 -42.77 -28.95 65.30
N SER D 274 -43.33 -29.86 66.10
CA SER D 274 -43.90 -29.51 67.39
C SER D 274 -42.89 -29.80 68.51
N ARG D 275 -43.32 -29.54 69.74
CA ARG D 275 -42.50 -29.77 70.93
C ARG D 275 -42.65 -31.19 71.48
N GLY D 276 -42.72 -32.18 70.59
CA GLY D 276 -42.83 -33.56 71.01
C GLY D 276 -41.95 -34.47 70.17
N SER D 277 -41.34 -33.90 69.14
CA SER D 277 -40.44 -34.62 68.25
C SER D 277 -38.99 -34.28 68.57
N GLN D 278 -38.07 -34.88 67.82
CA GLN D 278 -36.65 -34.62 68.00
C GLN D 278 -35.87 -34.98 66.75
N ALA D 282 -30.88 -32.67 63.49
CA ALA D 282 -30.13 -32.93 62.27
C ALA D 282 -30.97 -32.60 61.03
N LEU D 283 -31.14 -31.31 60.78
CA LEU D 283 -31.92 -30.82 59.63
C LEU D 283 -30.94 -30.35 58.56
N THR D 284 -31.03 -30.96 57.39
CA THR D 284 -30.11 -30.68 56.29
C THR D 284 -30.75 -29.72 55.28
N VAL D 285 -29.92 -29.24 54.35
CA VAL D 285 -30.35 -28.37 53.28
C VAL D 285 -31.28 -29.11 52.32
N PRO D 286 -30.97 -30.35 51.90
CA PRO D 286 -31.94 -31.09 51.07
C PRO D 286 -33.28 -31.30 51.74
N GLU D 287 -33.30 -31.44 53.07
CA GLU D 287 -34.58 -31.62 53.77
C GLU D 287 -35.41 -30.35 53.75
N LEU D 288 -34.76 -29.18 53.90
CA LEU D 288 -35.49 -27.93 53.82
C LEU D 288 -36.08 -27.72 52.44
N THR D 289 -35.30 -27.99 51.39
CA THR D 289 -35.79 -27.79 50.02
C THR D 289 -36.98 -28.69 49.73
N GLN D 290 -36.95 -29.93 50.22
CA GLN D 290 -38.06 -30.85 49.97
C GLN D 290 -39.32 -30.39 50.71
N GLN D 291 -39.19 -30.10 52.01
CA GLN D 291 -40.35 -29.68 52.79
C GLN D 291 -40.91 -28.35 52.29
N MET D 292 -40.07 -27.52 51.68
CA MET D 292 -40.52 -26.19 51.26
C MET D 292 -41.48 -26.28 50.08
N PHE D 293 -41.36 -27.32 49.26
CA PHE D 293 -42.25 -27.53 48.12
C PHE D 293 -43.28 -28.61 48.40
N ASP D 294 -43.57 -28.89 49.66
CA ASP D 294 -44.58 -29.86 50.06
C ASP D 294 -45.87 -29.14 50.42
N SER D 295 -46.99 -29.80 50.11
CA SER D 295 -48.29 -29.17 50.35
C SER D 295 -48.58 -28.99 51.84
N LYS D 296 -47.98 -29.83 52.69
CA LYS D 296 -48.21 -29.72 54.12
C LYS D 296 -47.65 -28.42 54.69
N ASN D 297 -46.53 -27.94 54.14
CA ASN D 297 -45.88 -26.74 54.62
C ASN D 297 -46.44 -25.46 54.00
N MET D 298 -47.44 -25.57 53.12
CA MET D 298 -48.04 -24.39 52.52
C MET D 298 -48.95 -23.70 53.52
N MET D 299 -48.83 -22.38 53.62
CA MET D 299 -49.68 -21.61 54.51
C MET D 299 -51.01 -21.24 53.86
N ALA D 300 -51.32 -21.92 52.77
CA ALA D 300 -52.62 -21.76 52.10
C ALA D 300 -53.08 -23.15 51.71
N ALA D 301 -54.36 -23.46 51.89
CA ALA D 301 -54.86 -24.82 51.60
C ALA D 301 -54.89 -25.03 50.10
N CYS D 302 -53.71 -25.15 49.50
CA CYS D 302 -53.63 -25.39 48.03
C CYS D 302 -52.49 -26.38 47.77
N ASP D 303 -52.75 -27.42 46.98
CA ASP D 303 -51.72 -28.37 46.58
C ASP D 303 -50.98 -27.80 45.37
N PRO D 304 -49.71 -27.43 45.49
CA PRO D 304 -49.00 -26.88 44.33
C PRO D 304 -48.86 -27.86 43.18
N ARG D 305 -48.98 -29.16 43.44
CA ARG D 305 -48.98 -30.16 42.37
C ARG D 305 -50.31 -30.24 41.65
N HIS D 306 -51.30 -29.46 42.07
CA HIS D 306 -52.56 -29.32 41.34
C HIS D 306 -52.55 -28.10 40.42
N GLY D 307 -51.41 -27.46 40.26
CA GLY D 307 -51.27 -26.30 39.39
C GLY D 307 -49.85 -26.20 38.88
N ARG D 308 -49.42 -24.97 38.60
CA ARG D 308 -48.09 -24.73 38.08
C ARG D 308 -47.53 -23.43 38.65
N TYR D 309 -46.23 -23.43 38.92
CA TYR D 309 -45.56 -22.26 39.48
C TYR D 309 -45.26 -21.26 38.39
N LEU D 310 -45.85 -20.06 38.49
CA LEU D 310 -45.47 -18.97 37.60
C LEU D 310 -44.12 -18.40 38.00
N THR D 311 -44.00 -17.93 39.24
CA THR D 311 -42.75 -17.44 39.81
C THR D 311 -42.63 -17.92 41.24
N VAL D 312 -41.40 -18.10 41.69
CA VAL D 312 -41.12 -18.60 43.04
C VAL D 312 -39.94 -17.84 43.62
N ALA D 313 -40.06 -17.45 44.89
CA ALA D 313 -38.98 -16.83 45.64
C ALA D 313 -38.67 -17.70 46.84
N ALA D 314 -37.39 -18.05 47.01
CA ALA D 314 -36.94 -18.89 48.11
C ALA D 314 -35.97 -18.09 48.98
N ILE D 315 -36.18 -18.15 50.30
CA ILE D 315 -35.36 -17.42 51.26
C ILE D 315 -34.88 -18.42 52.31
N PHE D 316 -33.55 -18.60 52.39
CA PHE D 316 -32.93 -19.43 53.39
C PHE D 316 -32.26 -18.57 54.45
N ARG D 317 -32.34 -18.99 55.70
CA ARG D 317 -31.77 -18.24 56.83
C ARG D 317 -30.96 -19.19 57.70
N GLY D 318 -29.74 -18.78 58.03
CA GLY D 318 -28.85 -19.57 58.86
C GLY D 318 -27.53 -19.86 58.15
N ARG D 319 -26.59 -20.35 58.95
CA ARG D 319 -25.26 -20.70 58.45
C ARG D 319 -25.34 -22.02 57.71
N MET D 320 -25.14 -21.98 56.40
CA MET D 320 -25.24 -23.16 55.57
C MET D 320 -24.34 -23.01 54.35
N SER D 321 -24.12 -24.12 53.66
CA SER D 321 -23.31 -24.12 52.45
C SER D 321 -24.12 -23.52 51.30
N MET D 322 -23.59 -22.44 50.71
CA MET D 322 -24.28 -21.82 49.58
C MET D 322 -24.26 -22.72 48.34
N LYS D 323 -23.22 -23.54 48.19
CA LYS D 323 -23.20 -24.51 47.11
C LYS D 323 -24.30 -25.56 47.27
N GLU D 324 -24.57 -25.97 48.51
CA GLU D 324 -25.65 -26.92 48.77
C GLU D 324 -27.00 -26.36 48.35
N VAL D 325 -27.24 -25.07 48.64
CA VAL D 325 -28.51 -24.45 48.30
C VAL D 325 -28.68 -24.40 46.78
N ASP D 326 -27.64 -23.96 46.08
CA ASP D 326 -27.73 -23.84 44.62
C ASP D 326 -27.97 -25.19 43.96
N GLU D 327 -27.34 -26.25 44.47
CA GLU D 327 -27.54 -27.58 43.89
C GLU D 327 -28.89 -28.16 44.27
N GLN D 328 -29.36 -27.92 45.49
CA GLN D 328 -30.66 -28.44 45.90
C GLN D 328 -31.79 -27.66 45.26
N MET D 329 -31.62 -26.35 45.10
CA MET D 329 -32.63 -25.55 44.39
C MET D 329 -32.71 -25.97 42.92
N LEU D 330 -31.57 -26.28 42.31
CA LEU D 330 -31.58 -26.82 40.95
C LEU D 330 -32.12 -28.24 40.92
N ASN D 331 -31.90 -29.00 41.99
CA ASN D 331 -32.38 -30.38 42.05
C ASN D 331 -33.91 -30.42 42.01
N VAL D 332 -34.55 -29.70 42.92
CA VAL D 332 -36.01 -29.73 43.03
C VAL D 332 -36.69 -29.17 41.80
N GLN D 333 -35.98 -28.35 41.01
CA GLN D 333 -36.57 -27.82 39.79
C GLN D 333 -36.58 -28.86 38.67
N ASN D 334 -35.53 -29.67 38.56
CA ASN D 334 -35.49 -30.71 37.54
C ASN D 334 -36.46 -31.84 37.87
N LYS D 335 -36.50 -32.26 39.14
CA LYS D 335 -37.36 -33.38 39.52
C LYS D 335 -38.84 -33.00 39.50
N ASN D 336 -39.17 -31.72 39.48
CA ASN D 336 -40.54 -31.23 39.40
C ASN D 336 -40.70 -30.28 38.22
N SER D 337 -40.11 -30.64 37.08
CA SER D 337 -40.09 -29.74 35.93
C SER D 337 -41.48 -29.48 35.38
N SER D 338 -42.40 -30.44 35.54
CA SER D 338 -43.74 -30.28 34.99
C SER D 338 -44.55 -29.21 35.71
N TYR D 339 -44.19 -28.88 36.94
CA TYR D 339 -44.96 -27.94 37.76
C TYR D 339 -44.45 -26.51 37.67
N PHE D 340 -43.59 -26.22 36.69
CA PHE D 340 -43.13 -24.85 36.43
C PHE D 340 -43.48 -24.50 34.99
N VAL D 341 -44.06 -23.31 34.79
CA VAL D 341 -44.38 -22.87 33.44
C VAL D 341 -43.09 -22.66 32.66
N GLU D 342 -43.06 -23.16 31.43
CA GLU D 342 -41.83 -23.16 30.66
C GLU D 342 -41.59 -21.87 29.90
N TRP D 343 -42.61 -21.03 29.75
CA TRP D 343 -42.47 -19.77 29.02
C TRP D 343 -41.96 -18.63 29.90
N ILE D 344 -41.57 -18.91 31.14
CA ILE D 344 -40.89 -17.94 31.98
C ILE D 344 -39.55 -18.54 32.41
N PRO D 345 -38.47 -18.26 31.70
CA PRO D 345 -37.19 -18.88 32.04
C PRO D 345 -36.62 -18.35 33.34
N ASN D 346 -36.04 -19.26 34.13
CA ASN D 346 -35.38 -18.93 35.39
C ASN D 346 -36.32 -18.17 36.33
N ASN D 347 -37.47 -18.79 36.59
CA ASN D 347 -38.52 -18.16 37.38
C ASN D 347 -38.40 -18.47 38.88
N VAL D 348 -37.26 -19.00 39.32
CA VAL D 348 -37.04 -19.32 40.73
C VAL D 348 -35.79 -18.57 41.18
N LYS D 349 -35.97 -17.60 42.07
CA LYS D 349 -34.88 -16.84 42.65
C LYS D 349 -34.68 -17.26 44.10
N THR D 350 -33.41 -17.35 44.51
CA THR D 350 -33.06 -17.86 45.83
C THR D 350 -32.17 -16.84 46.55
N ALA D 351 -32.54 -16.50 47.78
CA ALA D 351 -31.75 -15.64 48.64
C ALA D 351 -31.39 -16.38 49.92
N VAL D 352 -30.22 -16.06 50.46
CA VAL D 352 -29.70 -16.69 51.67
C VAL D 352 -29.30 -15.59 52.65
N CYS D 353 -29.96 -15.54 53.80
CA CYS D 353 -29.64 -14.61 54.86
C CYS D 353 -28.75 -15.29 55.90
N ASP D 354 -27.81 -14.53 56.44
CA ASP D 354 -26.83 -15.13 57.35
C ASP D 354 -27.44 -15.49 58.70
N ILE D 355 -28.29 -14.61 59.25
CA ILE D 355 -28.81 -14.81 60.60
C ILE D 355 -30.12 -15.60 60.51
N PRO D 356 -30.34 -16.55 61.41
CA PRO D 356 -31.59 -17.32 61.40
C PRO D 356 -32.61 -16.69 62.34
N PRO D 357 -33.87 -17.11 62.26
CA PRO D 357 -34.86 -16.62 63.23
C PRO D 357 -34.57 -17.16 64.62
N ARG D 358 -35.32 -16.64 65.59
CA ARG D 358 -35.12 -17.01 66.98
C ARG D 358 -35.56 -18.45 67.22
N GLY D 359 -34.66 -19.25 67.78
CA GLY D 359 -34.96 -20.62 68.15
C GLY D 359 -34.76 -21.65 67.05
N LEU D 360 -34.18 -21.28 65.92
CA LEU D 360 -33.96 -22.20 64.82
C LEU D 360 -32.53 -22.07 64.32
N LYS D 361 -31.93 -23.21 63.94
CA LYS D 361 -30.60 -23.19 63.35
C LYS D 361 -30.65 -22.76 61.90
N MET D 362 -31.49 -23.43 61.09
CA MET D 362 -31.73 -23.04 59.71
C MET D 362 -33.22 -23.11 59.41
N SER D 363 -33.71 -22.11 58.69
CA SER D 363 -35.10 -22.05 58.28
C SER D 363 -35.18 -21.78 56.78
N ALA D 364 -36.36 -22.01 56.21
CA ALA D 364 -36.60 -21.80 54.79
C ALA D 364 -38.01 -21.28 54.59
N THR D 365 -38.12 -20.14 53.92
CA THR D 365 -39.40 -19.51 53.64
C THR D 365 -39.67 -19.55 52.14
N PHE D 366 -40.92 -19.81 51.77
CA PHE D 366 -41.33 -20.02 50.39
C PHE D 366 -42.34 -18.94 50.00
N ILE D 367 -42.17 -18.37 48.82
CA ILE D 367 -43.10 -17.39 48.26
C ILE D 367 -43.36 -17.80 46.82
N GLY D 368 -44.50 -18.43 46.58
CA GLY D 368 -44.83 -18.94 45.26
C GLY D 368 -46.06 -18.27 44.68
N ASN D 369 -46.03 -18.04 43.38
CA ASN D 369 -47.17 -17.56 42.61
C ASN D 369 -47.63 -18.74 41.74
N SER D 370 -48.52 -19.56 42.29
CA SER D 370 -48.95 -20.80 41.66
C SER D 370 -50.40 -20.69 41.22
N THR D 371 -50.71 -21.26 40.05
CA THR D 371 -52.08 -21.28 39.58
C THR D 371 -52.96 -22.17 40.45
N ALA D 372 -52.36 -23.01 41.31
CA ALA D 372 -53.12 -23.82 42.24
C ALA D 372 -53.80 -23.00 43.33
N ILE D 373 -53.48 -21.70 43.43
CA ILE D 373 -54.17 -20.82 44.36
C ILE D 373 -55.64 -20.69 44.03
N GLN D 374 -56.04 -21.07 42.81
CA GLN D 374 -57.45 -21.06 42.44
C GLN D 374 -58.28 -22.00 43.32
N GLU D 375 -57.66 -23.02 43.92
CA GLU D 375 -58.36 -23.87 44.87
C GLU D 375 -58.82 -23.08 46.09
N LEU D 376 -58.02 -22.10 46.51
CA LEU D 376 -58.42 -21.25 47.62
C LEU D 376 -59.59 -20.36 47.24
N PHE D 377 -59.59 -19.81 46.03
CA PHE D 377 -60.68 -18.97 45.58
C PHE D 377 -61.91 -19.79 45.20
N LYS D 378 -61.71 -21.03 44.72
CA LYS D 378 -62.84 -21.89 44.41
C LYS D 378 -63.61 -22.25 45.68
N ARG D 379 -62.89 -22.44 46.79
CA ARG D 379 -63.55 -22.80 48.05
C ARG D 379 -64.38 -21.65 48.59
N ILE D 380 -63.81 -20.43 48.59
CA ILE D 380 -64.54 -19.26 49.08
C ILE D 380 -65.74 -18.98 48.18
N SER D 381 -65.56 -19.11 46.86
CA SER D 381 -66.66 -18.88 45.94
C SER D 381 -67.77 -19.90 46.11
N GLU D 382 -67.43 -21.14 46.50
CA GLU D 382 -68.45 -22.17 46.69
C GLU D 382 -69.30 -21.88 47.93
N GLN D 383 -68.67 -21.39 49.00
CA GLN D 383 -69.43 -21.03 50.19
C GLN D 383 -70.24 -19.76 49.96
N PHE D 384 -69.74 -18.86 49.11
CA PHE D 384 -70.49 -17.64 48.78
C PHE D 384 -71.77 -17.98 48.04
N THR D 385 -71.67 -18.75 46.95
CA THR D 385 -72.84 -19.06 46.13
C THR D 385 -73.84 -19.95 46.86
N ALA D 386 -73.42 -20.64 47.93
CA ALA D 386 -74.36 -21.44 48.70
C ALA D 386 -75.33 -20.56 49.47
N MET D 387 -74.90 -19.37 49.89
CA MET D 387 -75.75 -18.45 50.62
C MET D 387 -76.47 -17.47 49.69
N PHE D 388 -75.79 -17.01 48.64
CA PHE D 388 -76.36 -15.98 47.78
C PHE D 388 -77.53 -16.53 46.96
N ARG D 389 -77.54 -17.84 46.70
CA ARG D 389 -78.66 -18.44 45.95
C ARG D 389 -79.95 -18.27 46.76
N ARG D 390 -79.86 -18.43 48.08
CA ARG D 390 -81.02 -18.34 48.96
C ARG D 390 -81.23 -16.94 49.51
N LYS D 391 -80.46 -15.96 49.04
CA LYS D 391 -80.56 -14.57 49.48
C LYS D 391 -80.40 -14.43 50.99
N ALA D 392 -79.58 -15.30 51.58
CA ALA D 392 -79.42 -15.32 53.03
C ALA D 392 -78.62 -14.11 53.51
N PHE D 393 -79.10 -13.47 54.57
CA PHE D 393 -78.40 -12.40 55.27
C PHE D 393 -78.10 -11.20 54.37
N LEU D 394 -78.88 -10.99 53.32
CA LEU D 394 -78.69 -9.81 52.48
C LEU D 394 -79.16 -8.54 53.15
N HIS D 395 -80.07 -8.65 54.13
CA HIS D 395 -80.52 -7.48 54.86
C HIS D 395 -79.43 -6.86 55.72
N TRP D 396 -78.40 -7.65 56.09
CA TRP D 396 -77.27 -7.10 56.82
C TRP D 396 -76.55 -6.03 56.01
N TYR D 397 -76.42 -6.26 54.70
CA TYR D 397 -75.67 -5.38 53.81
C TYR D 397 -76.57 -4.37 53.09
N THR D 398 -77.70 -4.83 52.54
CA THR D 398 -78.66 -3.91 51.95
C THR D 398 -79.25 -2.96 52.99
N GLY D 399 -79.21 -3.33 54.27
CA GLY D 399 -79.61 -2.42 55.33
C GLY D 399 -78.69 -1.23 55.49
N GLU D 400 -77.44 -1.33 55.03
CA GLU D 400 -76.50 -0.22 55.01
C GLU D 400 -76.53 0.54 53.69
N GLY D 401 -77.57 0.36 52.88
CA GLY D 401 -77.67 1.03 51.60
C GLY D 401 -76.97 0.35 50.46
N MET D 402 -76.47 -0.87 50.66
CA MET D 402 -75.74 -1.58 49.62
C MET D 402 -76.71 -2.13 48.57
N ASP D 403 -76.16 -2.57 47.44
CA ASP D 403 -76.93 -3.09 46.33
C ASP D 403 -76.72 -4.60 46.21
N GLU D 404 -77.66 -5.25 45.52
CA GLU D 404 -77.57 -6.69 45.33
C GLU D 404 -76.59 -7.06 44.22
N MET D 405 -76.58 -6.29 43.12
CA MET D 405 -75.66 -6.62 42.03
C MET D 405 -74.21 -6.33 42.40
N GLU D 406 -73.97 -5.57 43.48
CA GLU D 406 -72.62 -5.43 43.99
C GLU D 406 -72.08 -6.77 44.49
N PHE D 407 -72.96 -7.66 44.93
CA PHE D 407 -72.54 -9.00 45.32
C PHE D 407 -72.16 -9.83 44.10
N THR D 408 -72.92 -9.71 43.02
CA THR D 408 -72.62 -10.49 41.82
C THR D 408 -71.36 -9.98 41.13
N GLU D 409 -71.09 -8.68 41.20
CA GLU D 409 -69.85 -8.15 40.63
C GLU D 409 -68.64 -8.73 41.34
N ALA D 410 -68.67 -8.79 42.67
CA ALA D 410 -67.56 -9.37 43.42
C ALA D 410 -67.41 -10.87 43.14
N GLU D 411 -68.52 -11.52 42.80
CA GLU D 411 -68.47 -12.97 42.49
C GLU D 411 -67.94 -13.14 41.05
N SER D 412 -68.58 -12.50 40.09
CA SER D 412 -68.17 -12.66 38.67
C SER D 412 -66.68 -12.38 38.55
N ASN D 413 -66.19 -11.35 39.23
CA ASN D 413 -64.73 -11.06 39.21
C ASN D 413 -63.99 -12.31 39.68
N MET D 414 -64.28 -12.76 40.89
CA MET D 414 -63.56 -13.92 41.42
C MET D 414 -63.58 -15.08 40.42
N ASN D 415 -64.71 -15.27 39.73
CA ASN D 415 -64.79 -16.32 38.72
C ASN D 415 -63.80 -16.08 37.59
N ASP D 416 -63.59 -14.80 37.24
CA ASP D 416 -62.60 -14.48 36.22
C ASP D 416 -61.19 -14.71 36.74
N LEU D 417 -60.95 -14.40 38.01
CA LEU D 417 -59.63 -14.65 38.60
C LEU D 417 -59.26 -16.12 38.52
N VAL D 418 -60.21 -17.01 38.85
CA VAL D 418 -59.97 -18.44 38.75
C VAL D 418 -59.74 -18.84 37.30
N SER D 419 -60.52 -18.24 36.39
CA SER D 419 -60.35 -18.56 34.97
C SER D 419 -59.02 -18.07 34.44
N GLU D 420 -58.56 -16.90 34.91
CA GLU D 420 -57.28 -16.37 34.46
C GLU D 420 -56.13 -17.25 34.94
N TYR D 421 -56.20 -17.72 36.19
CA TYR D 421 -55.18 -18.63 36.70
C TYR D 421 -55.17 -19.94 35.90
N GLN D 422 -56.35 -20.44 35.54
CA GLN D 422 -56.42 -21.65 34.72
C GLN D 422 -55.94 -21.39 33.30
N GLN D 423 -56.16 -20.17 32.79
CA GLN D 423 -55.75 -19.85 31.42
C GLN D 423 -54.24 -19.98 31.24
N TYR D 424 -53.47 -19.54 32.23
CA TYR D 424 -52.01 -19.62 32.16
C TYR D 424 -51.47 -20.96 32.63
N GLN D 425 -52.25 -21.71 33.42
CA GLN D 425 -51.84 -23.06 33.79
C GLN D 425 -51.83 -23.98 32.57
N ASP D 426 -52.77 -23.78 31.66
CA ASP D 426 -52.87 -24.58 30.44
C ASP D 426 -52.05 -24.02 29.29
N ALA D 427 -51.50 -22.81 29.42
CA ALA D 427 -50.72 -22.22 28.35
C ALA D 427 -49.37 -22.93 28.22
N THR D 428 -48.93 -23.09 26.97
CA THR D 428 -47.65 -23.71 26.68
C THR D 428 -46.80 -22.77 25.83
N ALA D 429 -45.52 -23.11 25.70
CA ALA D 429 -44.59 -22.27 24.95
C ALA D 429 -44.69 -22.49 23.44
N ASP D 430 -45.06 -23.70 23.02
CA ASP D 430 -45.14 -24.02 21.60
C ASP D 430 -46.53 -23.69 21.04
N MET E 1 48.65 11.92 -64.24
CA MET E 1 49.42 12.23 -63.04
C MET E 1 50.05 13.62 -63.14
N GLU E 2 49.31 14.55 -63.73
CA GLU E 2 49.81 15.90 -63.95
C GLU E 2 49.60 16.76 -62.72
N VAL E 3 50.64 17.50 -62.33
CA VAL E 3 50.58 18.42 -61.20
C VAL E 3 50.30 19.81 -61.76
N ILE E 4 49.21 20.42 -61.30
CA ILE E 4 48.77 21.72 -61.80
C ILE E 4 48.58 22.67 -60.63
N GLU E 5 48.59 23.96 -60.95
CA GLU E 5 48.30 25.03 -59.99
C GLU E 5 49.18 24.94 -58.75
N LEU E 6 50.49 24.85 -58.99
CA LEU E 6 51.46 24.79 -57.90
C LEU E 6 51.66 26.19 -57.33
N ASN E 7 51.43 26.33 -56.03
CA ASN E 7 51.61 27.58 -55.31
C ASN E 7 52.58 27.37 -54.17
N LYS E 8 53.57 28.26 -54.06
CA LYS E 8 54.57 28.19 -53.00
C LYS E 8 54.56 29.48 -52.18
N CYS E 9 54.96 29.37 -50.93
CA CYS E 9 54.99 30.52 -50.03
C CYS E 9 55.97 30.21 -48.90
N THR E 10 55.89 30.98 -47.82
CA THR E 10 56.80 30.78 -46.68
C THR E 10 56.39 29.59 -45.84
N SER E 11 55.14 29.56 -45.37
CA SER E 11 54.71 28.53 -44.44
C SER E 11 54.51 27.17 -45.11
N GLY E 12 54.40 27.13 -46.43
CA GLY E 12 54.24 25.85 -47.10
C GLY E 12 54.02 26.03 -48.59
N GLN E 13 53.51 24.98 -49.21
CA GLN E 13 53.16 25.01 -50.62
C GLN E 13 52.02 24.04 -50.86
N SER E 14 51.27 24.29 -51.94
CA SER E 14 50.11 23.49 -52.29
C SER E 14 50.08 23.25 -53.79
N PHE E 15 49.43 22.17 -54.18
CA PHE E 15 49.27 21.82 -55.59
C PHE E 15 48.10 20.86 -55.73
N GLU E 16 47.81 20.48 -56.97
CA GLU E 16 46.70 19.57 -57.27
C GLU E 16 47.17 18.60 -58.35
N VAL E 17 47.07 17.30 -58.06
CA VAL E 17 47.46 16.25 -58.99
C VAL E 17 46.20 15.53 -59.46
N ILE E 18 45.97 15.54 -60.76
CA ILE E 18 44.81 14.90 -61.37
C ILE E 18 45.24 13.56 -61.96
N LEU E 19 44.58 12.48 -61.55
CA LEU E 19 44.89 11.16 -62.08
C LEU E 19 44.00 10.76 -63.24
N LYS E 20 42.80 11.36 -63.35
CA LYS E 20 41.88 11.02 -64.42
C LYS E 20 40.85 12.12 -64.60
N PRO E 21 40.59 12.56 -65.84
CA PRO E 21 39.56 13.57 -66.08
C PRO E 21 38.18 12.99 -65.85
N PRO E 22 37.17 13.84 -65.64
CA PRO E 22 35.82 13.33 -65.41
C PRO E 22 35.26 12.62 -66.64
N SER E 23 34.27 11.76 -66.39
CA SER E 23 33.63 11.00 -67.45
C SER E 23 32.14 11.27 -67.49
N ASP E 24 16.14 30.89 -47.20
CA ASP E 24 16.16 30.88 -45.75
C ASP E 24 15.09 31.79 -45.17
N PRO E 25 14.48 31.38 -44.04
CA PRO E 25 13.38 32.16 -43.47
C PRO E 25 13.81 33.51 -42.91
N SER E 26 12.87 34.25 -42.35
CA SER E 26 13.10 35.59 -41.83
C SER E 26 13.05 35.57 -40.29
N LEU E 27 13.28 36.74 -39.71
CA LEU E 27 13.25 36.87 -38.25
C LEU E 27 11.85 36.59 -37.72
N GLU E 28 10.82 37.14 -38.37
CA GLU E 28 9.45 36.89 -37.93
C GLU E 28 9.07 35.43 -38.08
N GLU E 29 9.63 34.74 -39.08
CA GLU E 29 9.37 33.32 -39.23
C GLU E 29 9.97 32.51 -38.08
N ILE E 30 11.12 32.92 -37.58
CA ILE E 30 11.74 32.22 -36.45
C ILE E 30 10.99 32.54 -35.16
N GLN E 31 10.60 33.80 -34.97
CA GLN E 31 9.90 34.18 -33.75
C GLN E 31 8.50 33.60 -33.69
N LYS E 32 7.90 33.30 -34.85
CA LYS E 32 6.57 32.70 -34.85
C LYS E 32 6.60 31.29 -34.30
N LYS E 33 7.64 30.52 -34.63
CA LYS E 33 7.75 29.15 -34.13
C LYS E 33 8.13 29.12 -32.65
N LEU E 34 8.88 30.12 -32.18
CA LEU E 34 9.24 30.16 -30.76
C LEU E 34 8.06 30.55 -29.90
N GLU E 35 7.17 31.41 -30.39
CA GLU E 35 5.99 31.79 -29.63
C GLU E 35 4.88 30.75 -29.74
N ALA E 36 4.83 30.03 -30.86
CA ALA E 36 3.87 28.94 -30.98
C ALA E 36 4.16 27.83 -29.98
N ALA E 37 5.44 27.59 -29.67
CA ALA E 37 5.80 26.60 -28.67
C ALA E 37 5.51 27.09 -27.26
N GLU E 38 5.74 28.39 -27.00
CA GLU E 38 5.41 28.94 -25.69
C GLU E 38 3.91 28.97 -25.45
N GLU E 39 3.12 29.07 -26.51
CA GLU E 39 1.67 29.02 -26.36
C GLU E 39 1.20 27.64 -25.93
N ARG E 40 1.86 26.58 -26.42
CA ARG E 40 1.48 25.23 -26.03
C ARG E 40 1.95 24.90 -24.62
N ARG E 41 3.09 25.46 -24.20
CA ARG E 41 3.51 25.30 -22.80
C ARG E 41 2.54 26.03 -21.86
N LYS E 42 2.13 27.24 -22.23
CA LYS E 42 1.15 27.96 -21.41
C LYS E 42 -0.17 27.21 -21.36
N TYR E 43 -0.57 26.57 -22.47
CA TYR E 43 -1.83 25.84 -22.48
C TYR E 43 -1.75 24.59 -21.61
N GLN E 44 -0.64 23.85 -21.69
CA GLN E 44 -0.49 22.64 -20.88
C GLN E 44 -0.43 22.97 -19.39
N GLU E 45 0.21 24.08 -19.04
CA GLU E 45 0.25 24.49 -17.64
C GLU E 45 -1.12 24.94 -17.14
N ALA E 46 -1.90 25.57 -18.01
CA ALA E 46 -3.25 26.00 -17.61
C ALA E 46 -4.16 24.80 -17.38
N GLU E 47 -4.02 23.76 -18.19
CA GLU E 47 -4.83 22.56 -18.00
C GLU E 47 -4.44 21.83 -16.72
N LEU E 48 -3.16 21.85 -16.37
CA LEU E 48 -2.72 21.20 -15.13
C LEU E 48 -3.19 21.98 -13.91
N LEU E 49 -3.18 23.32 -14.00
CA LEU E 49 -3.66 24.14 -12.88
C LEU E 49 -5.17 24.08 -12.76
N LYS E 50 -5.88 23.87 -13.89
CA LYS E 50 -7.33 23.74 -13.84
C LYS E 50 -7.74 22.43 -13.18
N HIS E 51 -7.11 21.33 -13.58
CA HIS E 51 -7.40 20.04 -12.96
C HIS E 51 -7.02 20.04 -11.49
N LEU E 52 -5.97 20.78 -11.12
CA LEU E 52 -5.59 20.87 -9.72
C LEU E 52 -6.58 21.71 -8.92
N ALA E 53 -7.18 22.71 -9.55
CA ALA E 53 -8.21 23.50 -8.88
C ALA E 53 -9.46 22.68 -8.60
N GLU E 54 -9.78 21.72 -9.49
CA GLU E 54 -10.90 20.83 -9.23
C GLU E 54 -10.64 19.93 -8.04
N LYS E 55 -9.38 19.56 -7.80
CA LYS E 55 -9.04 18.79 -6.61
C LYS E 55 -9.34 19.59 -5.34
N ARG E 56 -9.10 20.90 -5.39
CA ARG E 56 -9.37 21.73 -4.22
C ARG E 56 -10.87 21.83 -3.93
N GLU E 57 -11.69 21.88 -4.98
CA GLU E 57 -13.14 21.90 -4.76
C GLU E 57 -13.63 20.58 -4.19
N HIS E 58 -13.08 19.46 -4.66
CA HIS E 58 -13.47 18.17 -4.12
C HIS E 58 -13.00 18.01 -2.67
N GLU E 59 -11.79 18.50 -2.37
CA GLU E 59 -11.31 18.47 -0.99
C GLU E 59 -12.24 19.26 -0.07
N ARG E 60 -12.88 20.32 -0.59
CA ARG E 60 -13.84 21.06 0.19
C ARG E 60 -15.15 20.31 0.34
N GLU E 61 -15.57 19.59 -0.71
CA GLU E 61 -16.81 18.84 -0.64
C GLU E 61 -16.73 17.71 0.39
N VAL E 62 -15.57 17.09 0.51
CA VAL E 62 -15.42 15.94 1.41
C VAL E 62 -15.51 16.39 2.87
N ILE E 63 -14.82 17.48 3.21
CA ILE E 63 -14.83 17.94 4.60
C ILE E 63 -16.20 18.50 4.96
N GLN E 64 -16.88 19.15 4.01
CA GLN E 64 -18.22 19.67 4.30
C GLN E 64 -19.22 18.53 4.47
N LYS E 65 -19.07 17.45 3.69
CA LYS E 65 -19.94 16.30 3.87
C LYS E 65 -19.67 15.60 5.20
N ALA E 66 -18.40 15.57 5.62
CA ALA E 66 -18.07 15.01 6.92
C ALA E 66 -18.72 15.82 8.04
N ILE E 67 -18.70 17.15 7.92
CA ILE E 67 -19.35 18.00 8.92
C ILE E 67 -20.86 17.77 8.91
N GLU E 68 -21.46 17.69 7.72
CA GLU E 68 -22.90 17.50 7.62
C GLU E 68 -23.32 16.16 8.18
N GLU E 69 -22.53 15.11 7.94
CA GLU E 69 -22.88 13.80 8.47
C GLU E 69 -22.76 13.75 9.98
N ASN E 70 -21.80 14.49 10.55
CA ASN E 70 -21.69 14.55 12.00
C ASN E 70 -22.86 15.32 12.61
N ASN E 71 -23.26 16.43 11.98
CA ASN E 71 -24.34 17.24 12.52
C ASN E 71 -25.69 16.54 12.37
N ASN E 72 -25.88 15.81 11.27
CA ASN E 72 -27.13 15.08 11.09
C ASN E 72 -27.29 13.96 12.12
N PHE E 73 -26.18 13.36 12.54
CA PHE E 73 -26.25 12.34 13.58
C PHE E 73 -26.63 12.94 14.92
N ILE E 74 -26.07 14.11 15.26
CA ILE E 74 -26.45 14.79 16.49
C ILE E 74 -27.91 15.24 16.42
N LYS E 75 -28.34 15.74 15.26
CA LYS E 75 -29.72 16.19 15.12
C LYS E 75 -30.71 15.04 15.24
N MET E 76 -30.39 13.90 14.62
CA MET E 76 -31.30 12.76 14.68
C MET E 76 -31.37 12.18 16.08
N ALA E 77 -30.23 12.16 16.80
CA ALA E 77 -30.24 11.64 18.17
C ALA E 77 -30.97 12.59 19.11
N LYS E 78 -30.78 13.90 18.93
CA LYS E 78 -31.43 14.86 19.81
C LYS E 78 -32.95 14.83 19.65
N GLU E 79 -33.43 14.68 18.41
CA GLU E 79 -34.87 14.69 18.17
C GLU E 79 -35.52 13.37 18.56
N LYS E 80 -34.84 12.25 18.33
CA LYS E 80 -35.40 10.96 18.73
C LYS E 80 -35.50 10.84 20.24
N LEU E 81 -34.56 11.46 20.97
CA LEU E 81 -34.59 11.39 22.43
C LEU E 81 -35.70 12.28 23.00
N ALA E 82 -35.87 13.48 22.45
CA ALA E 82 -36.93 14.36 22.93
C ALA E 82 -38.31 13.81 22.64
N GLN E 83 -38.46 13.07 21.54
CA GLN E 83 -39.77 12.49 21.21
C GLN E 83 -40.13 11.38 22.19
N LYS E 84 -39.18 10.48 22.47
CA LYS E 84 -39.42 9.42 23.44
C LYS E 84 -39.62 10.00 24.84
N MET E 85 -38.86 11.03 25.17
CA MET E 85 -39.05 11.72 26.46
C MET E 85 -40.47 12.24 26.58
N GLU E 86 -40.95 12.95 25.56
CA GLU E 86 -42.31 13.49 25.58
C GLU E 86 -43.36 12.39 25.47
N SER E 87 -43.05 11.30 24.76
CA SER E 87 -44.03 10.24 24.57
C SER E 87 -44.26 9.46 25.86
N ASN E 88 -43.19 9.21 26.62
CA ASN E 88 -43.35 8.46 27.87
C ASN E 88 -44.05 9.29 28.92
N LYS E 89 -43.84 10.61 28.93
CA LYS E 89 -44.50 11.46 29.93
C LYS E 89 -46.01 11.43 29.77
N GLU E 90 -46.50 11.45 28.52
CA GLU E 90 -47.94 11.42 28.30
C GLU E 90 -48.51 10.03 28.59
N ASN E 91 -47.75 8.97 28.28
CA ASN E 91 -48.26 7.62 28.49
C ASN E 91 -48.35 7.29 29.97
N ARG E 92 -47.29 7.61 30.74
CA ARG E 92 -47.32 7.33 32.16
C ARG E 92 -48.34 8.19 32.89
N GLU E 93 -48.51 9.44 32.44
CA GLU E 93 -49.55 10.28 33.02
C GLU E 93 -50.94 9.74 32.70
N ALA E 94 -51.14 9.29 31.46
CA ALA E 94 -52.43 8.70 31.09
C ALA E 94 -52.70 7.41 31.85
N HIS E 95 -51.64 6.68 32.21
CA HIS E 95 -51.82 5.47 33.01
C HIS E 95 -52.26 5.81 34.43
N LEU E 96 -51.65 6.83 35.03
CA LEU E 96 -52.05 7.25 36.38
C LEU E 96 -53.41 7.92 36.37
N ALA E 97 -53.75 8.65 35.29
CA ALA E 97 -55.04 9.31 35.22
C ALA E 97 -56.18 8.30 35.14
N ALA E 98 -56.01 7.25 34.32
CA ALA E 98 -57.04 6.22 34.23
C ALA E 98 -57.21 5.49 35.55
N MET E 99 -56.13 5.35 36.32
CA MET E 99 -56.23 4.71 37.64
C MET E 99 -56.99 5.60 38.61
N LEU E 100 -56.67 6.89 38.65
CA LEU E 100 -57.38 7.81 39.53
C LEU E 100 -58.85 7.95 39.12
N GLU E 101 -59.11 7.98 37.82
CA GLU E 101 -60.49 8.05 37.35
C GLU E 101 -61.30 6.84 37.79
N ARG E 102 -60.65 5.67 37.88
CA ARG E 102 -61.34 4.48 38.36
C ARG E 102 -61.52 4.53 39.87
N LEU E 103 -60.52 5.02 40.59
CA LEU E 103 -60.62 5.09 42.05
C LEU E 103 -61.64 6.14 42.49
N GLN E 104 -61.69 7.27 41.79
CA GLN E 104 -62.64 8.32 42.15
C GLN E 104 -64.05 7.98 41.72
N GLU E 105 -64.22 7.19 40.65
CA GLU E 105 -65.54 6.71 40.28
C GLU E 105 -66.10 5.78 41.35
N LYS E 106 -65.24 5.01 42.01
CA LYS E 106 -65.67 4.20 43.13
C LYS E 106 -66.11 5.05 44.32
N ASP E 107 -65.49 6.23 44.50
CA ASP E 107 -65.91 7.13 45.56
C ASP E 107 -67.30 7.70 45.29
N LYS E 108 -67.65 7.90 44.02
CA LYS E 108 -69.00 8.34 43.69
C LYS E 108 -70.03 7.27 44.05
N HIS E 109 -69.66 6.00 43.97
CA HIS E 109 -70.58 4.93 44.36
C HIS E 109 -70.70 4.82 45.87
N ALA E 110 -69.65 5.22 46.61
CA ALA E 110 -69.71 5.14 48.07
C ALA E 110 -70.67 6.16 48.65
N GLU E 111 -70.64 7.40 48.15
CA GLU E 111 -71.58 8.41 48.62
C GLU E 111 -73.00 8.12 48.16
N GLU E 112 -73.15 7.40 47.04
CA GLU E 112 -74.47 6.98 46.59
C GLU E 112 -75.04 5.88 47.46
N VAL E 113 -74.20 5.12 48.17
CA VAL E 113 -74.68 4.09 49.07
C VAL E 113 -75.18 4.70 50.37
N ARG E 114 -74.44 5.69 50.90
CA ARG E 114 -74.89 6.36 52.12
C ARG E 114 -76.21 7.08 51.89
N LYS E 115 -76.36 7.76 50.76
CA LYS E 115 -77.63 8.38 50.41
C LYS E 115 -78.72 7.36 50.19
N ASN E 116 -78.37 6.12 49.83
CA ASN E 116 -79.34 5.04 49.73
C ASN E 116 -79.73 4.49 51.09
N LYS E 117 -78.89 4.68 52.11
CA LYS E 117 -79.23 4.23 53.46
C LYS E 117 -80.17 5.20 54.16
N GLU E 118 -79.96 6.51 53.95
CA GLU E 118 -80.86 7.49 54.54
C GLU E 118 -82.26 7.40 53.95
N LEU E 119 -82.36 7.05 52.66
CA LEU E 119 -83.67 6.93 52.02
C LEU E 119 -84.41 5.66 52.45
N LYS E 120 -83.70 4.68 53.01
CA LYS E 120 -84.37 3.52 53.59
C LYS E 120 -84.77 3.80 55.03
N GLU E 121 -83.87 4.37 55.82
CA GLU E 121 -84.14 4.62 57.23
C GLU E 121 -85.30 5.59 57.44
N GLU E 122 -85.71 6.32 56.40
CA GLU E 122 -86.86 7.21 56.47
C GLU E 122 -88.16 6.49 56.16
N ALA E 123 -88.35 5.33 56.79
CA ALA E 123 -89.54 4.52 56.56
C ALA E 123 -89.90 3.72 57.81
N MET F 1 27.92 -17.73 -22.81
CA MET F 1 27.82 -18.34 -24.13
C MET F 1 27.77 -17.27 -25.22
N TYR F 2 27.72 -17.71 -26.47
CA TYR F 2 27.64 -16.82 -27.61
C TYR F 2 26.20 -16.71 -28.11
N THR F 3 25.92 -15.64 -28.85
CA THR F 3 24.59 -15.33 -29.34
C THR F 3 24.62 -15.14 -30.84
N PHE F 4 23.51 -15.48 -31.49
CA PHE F 4 23.39 -15.31 -32.93
C PHE F 4 21.93 -15.06 -33.30
N VAL F 5 21.72 -14.57 -34.52
CA VAL F 5 20.39 -14.29 -35.04
C VAL F 5 20.30 -14.88 -36.45
N VAL F 6 19.07 -15.16 -36.86
CA VAL F 6 18.78 -15.73 -38.18
C VAL F 6 17.86 -14.76 -38.92
N ARG F 7 18.29 -14.32 -40.10
CA ARG F 7 17.51 -13.38 -40.89
C ARG F 7 17.29 -13.86 -42.33
N ASP F 8 17.64 -15.10 -42.64
CA ASP F 8 17.34 -15.70 -43.94
C ASP F 8 16.65 -17.04 -43.67
N GLU F 9 15.32 -17.04 -43.73
CA GLU F 9 14.55 -18.25 -43.45
C GLU F 9 14.60 -19.26 -44.58
N ASN F 10 15.05 -18.86 -45.77
CA ASN F 10 15.11 -19.75 -46.93
C ASN F 10 16.52 -20.27 -47.19
N SER F 11 17.46 -20.03 -46.29
CA SER F 11 18.83 -20.52 -46.44
C SER F 11 18.86 -21.96 -45.93
N SER F 12 18.82 -22.92 -46.85
CA SER F 12 18.82 -24.33 -46.46
C SER F 12 20.17 -24.75 -45.88
N VAL F 13 21.26 -24.12 -46.34
CA VAL F 13 22.58 -24.48 -45.83
C VAL F 13 22.75 -23.99 -44.40
N TYR F 14 22.47 -22.71 -44.16
CA TYR F 14 22.64 -22.14 -42.83
C TYR F 14 21.52 -22.49 -41.87
N ALA F 15 20.42 -23.09 -42.36
CA ALA F 15 19.43 -23.65 -41.46
C ALA F 15 20.02 -24.80 -40.67
N GLU F 16 20.82 -25.65 -41.32
CA GLU F 16 21.51 -26.71 -40.61
C GLU F 16 22.61 -26.15 -39.72
N VAL F 17 23.31 -25.10 -40.17
CA VAL F 17 24.34 -24.46 -39.36
C VAL F 17 23.76 -23.93 -38.06
N SER F 18 22.50 -23.45 -38.11
CA SER F 18 21.87 -22.93 -36.90
C SER F 18 21.60 -24.04 -35.89
N ARG F 19 21.15 -25.22 -36.37
CA ARG F 19 20.87 -26.32 -35.46
C ARG F 19 22.14 -26.85 -34.80
N LEU F 20 23.27 -26.83 -35.51
CA LEU F 20 24.52 -27.32 -34.92
C LEU F 20 25.03 -26.39 -33.83
N LEU F 21 24.78 -25.08 -33.97
CA LEU F 21 25.21 -24.13 -32.94
C LEU F 21 24.45 -24.34 -31.64
N LEU F 22 23.13 -24.54 -31.73
CA LEU F 22 22.33 -24.79 -30.53
C LEU F 22 22.68 -26.14 -29.92
N ALA F 23 23.10 -27.11 -30.73
CA ALA F 23 23.43 -28.43 -30.22
C ALA F 23 24.71 -28.43 -29.39
N THR F 24 25.57 -27.44 -29.57
CA THR F 24 26.81 -27.36 -28.79
C THR F 24 26.58 -26.89 -27.36
N GLY F 25 25.37 -26.43 -27.03
CA GLY F 25 25.10 -25.96 -25.69
C GLY F 25 25.81 -24.67 -25.31
N GLN F 26 26.40 -23.97 -26.28
CA GLN F 26 27.09 -22.71 -26.02
C GLN F 26 26.66 -21.61 -26.97
N TRP F 27 25.51 -21.78 -27.64
CA TRP F 27 24.97 -20.78 -28.54
C TRP F 27 23.48 -20.62 -28.27
N LYS F 28 23.00 -19.38 -28.33
CA LYS F 28 21.60 -19.08 -28.10
C LYS F 28 21.11 -18.09 -29.14
N ARG F 29 20.03 -18.44 -29.83
CA ARG F 29 19.47 -17.56 -30.84
C ARG F 29 18.59 -16.50 -30.21
N LEU F 30 18.67 -15.28 -30.71
CA LEU F 30 17.89 -14.16 -30.24
C LEU F 30 16.88 -13.75 -31.32
N ARG F 31 16.14 -12.67 -31.03
CA ARG F 31 15.20 -12.14 -31.99
C ARG F 31 15.94 -11.59 -33.21
N LYS F 32 15.25 -11.55 -34.35
CA LYS F 32 15.87 -11.11 -35.59
C LYS F 32 16.34 -9.65 -35.50
N ASP F 33 15.66 -8.83 -34.72
CA ASP F 33 16.01 -7.43 -34.57
C ASP F 33 16.81 -7.15 -33.31
N ASN F 34 17.26 -8.18 -32.62
CA ASN F 34 18.11 -8.00 -31.44
C ASN F 34 19.50 -7.59 -31.89
N PRO F 35 20.01 -6.43 -31.46
CA PRO F 35 21.33 -5.98 -31.94
C PRO F 35 22.51 -6.58 -31.19
N ARG F 36 22.30 -7.14 -30.00
CA ARG F 36 23.40 -7.63 -29.18
C ARG F 36 23.69 -9.10 -29.51
N PHE F 37 24.24 -9.30 -30.71
CA PHE F 37 24.54 -10.64 -31.22
C PHE F 37 26.04 -10.76 -31.50
N ASN F 38 26.54 -12.00 -31.40
CA ASN F 38 27.91 -12.30 -31.78
C ASN F 38 28.01 -12.70 -33.24
N LEU F 39 27.00 -13.42 -33.76
CA LEU F 39 26.99 -13.89 -35.13
C LEU F 39 25.70 -13.45 -35.80
N MET F 40 25.78 -13.13 -37.09
CA MET F 40 24.62 -12.75 -37.89
C MET F 40 24.57 -13.60 -39.14
N LEU F 41 23.55 -14.44 -39.23
CA LEU F 41 23.26 -15.18 -40.47
C LEU F 41 22.29 -14.32 -41.28
N GLY F 42 22.85 -13.33 -41.97
CA GLY F 42 22.06 -12.29 -42.60
C GLY F 42 21.33 -12.75 -43.85
N GLU F 43 20.53 -11.84 -44.38
CA GLU F 43 19.73 -12.08 -45.57
C GLU F 43 20.60 -12.00 -46.83
N ARG F 44 20.01 -12.40 -47.95
CA ARG F 44 20.73 -12.38 -49.21
C ARG F 44 20.98 -10.96 -49.70
N ASN F 45 19.91 -10.23 -49.99
CA ASN F 45 20.01 -8.88 -50.51
C ASN F 45 19.69 -7.85 -49.43
N ARG F 46 20.30 -6.67 -49.56
CA ARG F 46 20.09 -5.55 -48.65
C ARG F 46 20.42 -5.92 -47.20
N LEU F 47 21.62 -6.45 -47.01
CA LEU F 47 22.12 -6.75 -45.68
C LEU F 47 22.62 -5.46 -45.03
N PRO F 48 22.18 -5.13 -43.82
CA PRO F 48 22.62 -3.87 -43.18
C PRO F 48 24.04 -3.95 -42.65
N PHE F 49 25.00 -3.91 -43.59
CA PHE F 49 26.41 -3.98 -43.21
C PHE F 49 26.84 -2.77 -42.39
N GLY F 50 26.26 -1.60 -42.66
CA GLY F 50 26.63 -0.40 -41.93
C GLY F 50 26.27 -0.43 -40.45
N ARG F 51 25.36 -1.29 -40.06
CA ARG F 51 24.96 -1.42 -38.66
C ARG F 51 25.80 -2.43 -37.90
N LEU F 52 26.72 -3.13 -38.55
CA LEU F 52 27.53 -4.16 -37.92
C LEU F 52 28.79 -3.57 -37.33
N GLY F 53 29.27 -4.20 -36.25
CA GLY F 53 30.50 -3.80 -35.63
C GLY F 53 30.45 -2.47 -34.89
N HIS F 54 29.30 -2.14 -34.31
CA HIS F 54 29.16 -0.89 -33.57
C HIS F 54 28.61 -1.08 -32.17
N GLU F 55 28.39 -2.32 -31.73
CA GLU F 55 27.95 -2.57 -30.36
C GLU F 55 29.16 -2.66 -29.44
N PRO F 56 29.22 -1.88 -28.36
CA PRO F 56 30.42 -1.86 -27.52
C PRO F 56 30.66 -3.20 -26.84
N GLY F 57 31.91 -3.67 -26.91
CA GLY F 57 32.30 -4.88 -26.22
C GLY F 57 31.81 -6.17 -26.85
N LEU F 58 31.36 -6.13 -28.10
CA LEU F 58 30.80 -7.29 -28.78
C LEU F 58 31.55 -7.52 -30.08
N VAL F 59 32.17 -8.68 -30.23
CA VAL F 59 32.77 -9.09 -31.49
C VAL F 59 31.67 -9.68 -32.36
N GLN F 60 31.48 -9.11 -33.55
CA GLN F 60 30.38 -9.47 -34.41
C GLN F 60 30.90 -10.07 -35.71
N LEU F 61 30.25 -11.15 -36.16
CA LEU F 61 30.63 -11.87 -37.37
C LEU F 61 29.39 -12.05 -38.24
N VAL F 62 29.57 -11.94 -39.56
CA VAL F 62 28.47 -12.08 -40.51
C VAL F 62 28.86 -13.10 -41.57
N ASN F 63 27.86 -13.79 -42.11
CA ASN F 63 28.08 -14.84 -43.10
C ASN F 63 28.03 -14.34 -44.53
N TYR F 64 28.45 -13.10 -44.78
CA TYR F 64 28.50 -12.57 -46.13
C TYR F 64 29.62 -11.54 -46.22
N TYR F 65 30.34 -11.56 -47.34
CA TYR F 65 31.40 -10.61 -47.61
C TYR F 65 30.82 -9.43 -48.38
N ARG F 66 30.83 -8.25 -47.77
CA ARG F 66 30.32 -7.05 -48.43
C ARG F 66 31.16 -6.76 -49.67
N GLY F 67 30.51 -6.74 -50.83
CA GLY F 67 31.17 -6.50 -52.09
C GLY F 67 31.44 -7.74 -52.92
N ALA F 68 31.16 -8.92 -52.38
CA ALA F 68 31.37 -10.16 -53.12
C ALA F 68 30.39 -10.35 -54.27
N ASP F 69 29.37 -9.48 -54.38
CA ASP F 69 28.43 -9.58 -55.49
C ASP F 69 29.09 -9.26 -56.82
N LYS F 70 30.17 -8.47 -56.80
CA LYS F 70 30.91 -8.20 -58.03
C LYS F 70 31.45 -9.48 -58.66
N LEU F 71 31.58 -10.55 -57.88
CA LEU F 71 31.99 -11.85 -58.39
C LEU F 71 30.82 -12.79 -58.63
N CYS F 72 29.65 -12.52 -58.06
CA CYS F 72 28.54 -13.46 -58.06
C CYS F 72 27.40 -13.04 -58.99
N ARG F 73 27.52 -11.92 -59.68
CA ARG F 73 26.51 -11.50 -60.66
C ARG F 73 27.09 -11.62 -62.06
N LYS F 74 26.27 -12.07 -63.00
CA LYS F 74 26.73 -12.33 -64.37
C LYS F 74 27.32 -11.07 -64.99
N ALA F 75 26.57 -9.96 -64.96
CA ALA F 75 27.01 -8.74 -65.62
C ALA F 75 28.26 -8.16 -64.97
N SER F 76 28.43 -8.34 -63.67
CA SER F 76 29.59 -7.79 -62.98
C SER F 76 30.79 -8.74 -62.98
N LEU F 77 30.55 -10.05 -63.10
CA LEU F 77 31.67 -10.98 -63.19
C LEU F 77 32.41 -10.81 -64.51
N VAL F 78 31.68 -10.64 -65.62
CA VAL F 78 32.32 -10.37 -66.90
C VAL F 78 33.01 -9.01 -66.87
N LYS F 79 32.43 -8.03 -66.17
CA LYS F 79 33.06 -6.72 -66.06
C LYS F 79 34.35 -6.79 -65.26
N LEU F 80 34.40 -7.64 -64.23
CA LEU F 80 35.60 -7.75 -63.41
C LEU F 80 36.72 -8.44 -64.17
N ILE F 81 36.40 -9.48 -64.93
CA ILE F 81 37.44 -10.22 -65.66
C ILE F 81 38.03 -9.36 -66.76
N LYS F 82 37.19 -8.59 -67.47
CA LYS F 82 37.64 -7.81 -68.60
C LYS F 82 38.41 -6.55 -68.20
N THR F 83 38.21 -6.04 -66.99
CA THR F 83 38.81 -4.79 -66.58
C THR F 83 39.90 -4.93 -65.53
N SER F 84 40.11 -6.13 -64.98
CA SER F 84 41.17 -6.28 -63.98
C SER F 84 42.46 -6.75 -64.65
N PRO F 85 43.59 -6.10 -64.35
CA PRO F 85 44.85 -6.57 -64.95
C PRO F 85 45.28 -7.93 -64.45
N GLU F 86 44.94 -8.29 -63.21
CA GLU F 86 45.28 -9.61 -62.69
C GLU F 86 44.51 -10.72 -63.40
N LEU F 87 43.42 -10.38 -64.06
CA LEU F 87 42.57 -11.41 -64.73
C LEU F 87 42.83 -11.42 -66.24
N SER F 88 43.02 -10.25 -66.85
CA SER F 88 43.36 -10.15 -68.30
C SER F 88 42.12 -10.41 -69.17
N GLU F 89 41.93 -9.55 -70.17
CA GLU F 89 40.80 -9.75 -71.12
C GLU F 89 41.08 -11.01 -71.94
N SER F 90 42.33 -11.49 -71.92
CA SER F 90 42.66 -12.72 -72.64
C SER F 90 42.71 -13.92 -71.71
N CYS F 91 41.90 -13.86 -70.64
CA CYS F 91 41.82 -15.00 -69.68
C CYS F 91 41.43 -16.25 -70.46
N THR F 92 42.11 -17.36 -70.22
CA THR F 92 41.87 -18.58 -70.98
C THR F 92 40.81 -19.48 -70.37
N TRP F 93 40.57 -19.39 -69.06
CA TRP F 93 39.63 -20.29 -68.41
C TRP F 93 38.21 -19.71 -68.31
N PHE F 94 37.96 -18.57 -68.93
CA PHE F 94 36.63 -17.97 -68.94
C PHE F 94 36.14 -17.85 -70.38
N PRO F 95 34.93 -18.35 -70.68
CA PRO F 95 34.42 -18.23 -72.05
C PRO F 95 34.20 -16.77 -72.44
N GLU F 96 34.42 -16.49 -73.73
CA GLU F 96 34.26 -15.14 -74.27
C GLU F 96 32.83 -14.64 -74.06
N SER F 97 32.67 -13.65 -73.19
CA SER F 97 31.36 -13.13 -72.83
C SER F 97 31.25 -11.66 -73.19
N TYR F 98 30.01 -11.19 -73.30
CA TYR F 98 29.72 -9.79 -73.59
C TYR F 98 28.46 -9.39 -72.86
N VAL F 99 28.48 -8.20 -72.25
CA VAL F 99 27.32 -7.67 -71.55
C VAL F 99 26.46 -6.87 -72.53
N ILE F 100 25.16 -7.10 -72.50
CA ILE F 100 24.21 -6.52 -73.45
C ILE F 100 23.11 -5.81 -72.69
N TYR F 101 22.83 -4.55 -73.07
CA TYR F 101 21.77 -3.76 -72.47
C TYR F 101 20.57 -3.72 -73.41
N PRO F 102 19.37 -4.08 -72.94
CA PRO F 102 18.17 -4.06 -73.78
C PRO F 102 17.64 -2.64 -74.01
N THR F 103 28.96 1.81 -72.21
CA THR F 103 29.13 0.72 -71.28
C THR F 103 28.49 -0.57 -71.80
N ASP F 104 27.93 -0.49 -73.00
CA ASP F 104 27.31 -1.63 -73.67
C ASP F 104 28.27 -2.22 -74.68
N GLU F 105 28.32 -3.55 -74.74
CA GLU F 105 29.24 -4.23 -75.64
C GLU F 105 28.48 -4.89 -76.79
N ARG F 106 27.55 -4.15 -77.39
CA ARG F 106 26.78 -4.68 -78.51
C ARG F 106 27.59 -4.66 -79.80
N GLU F 107 28.39 -3.62 -80.01
CA GLU F 107 29.17 -3.53 -81.23
C GLU F 107 30.49 -4.29 -81.13
N VAL F 108 30.98 -4.53 -79.92
CA VAL F 108 32.13 -5.42 -79.76
C VAL F 108 31.73 -6.86 -80.09
N PHE F 109 30.46 -7.21 -79.88
CA PHE F 109 29.94 -8.49 -80.34
C PHE F 109 29.99 -8.56 -81.86
N LEU F 110 29.33 -7.60 -82.53
CA LEU F 110 29.19 -7.66 -83.98
C LEU F 110 30.53 -7.70 -84.69
N ALA F 111 31.57 -7.12 -84.08
CA ALA F 111 32.91 -7.22 -84.65
C ALA F 111 33.52 -8.60 -84.42
N ALA F 112 33.15 -9.27 -83.32
CA ALA F 112 33.63 -10.62 -83.05
C ALA F 112 32.72 -11.70 -83.59
N TYR F 113 31.47 -11.37 -83.93
CA TYR F 113 30.56 -12.34 -84.52
C TYR F 113 30.86 -12.54 -86.00
N ASN F 114 31.02 -11.43 -86.74
CA ASN F 114 31.35 -11.53 -88.15
C ASN F 114 32.74 -12.11 -88.37
N ARG F 115 33.66 -11.88 -87.43
CA ARG F 115 35.00 -12.44 -87.54
C ARG F 115 34.95 -13.96 -87.46
N ARG F 116 34.20 -14.50 -86.51
CA ARG F 116 34.06 -15.95 -86.42
C ARG F 116 33.24 -16.52 -87.57
N ARG F 117 32.32 -15.72 -88.12
CA ARG F 117 31.49 -16.19 -89.23
C ARG F 117 32.29 -16.29 -90.52
N GLU F 118 33.11 -15.27 -90.81
CA GLU F 118 33.95 -15.33 -92.01
C GLU F 118 35.01 -16.41 -91.90
N GLY F 119 35.48 -16.70 -90.69
CA GLY F 119 36.46 -17.74 -90.50
C GLY F 119 35.94 -19.15 -90.56
N ARG F 120 34.63 -19.33 -90.78
CA ARG F 120 33.99 -20.63 -90.86
C ARG F 120 34.28 -21.44 -89.59
N GLU F 121 33.84 -20.88 -88.46
CA GLU F 121 34.08 -21.45 -87.14
C GLU F 121 32.75 -21.73 -86.45
N GLY F 122 32.83 -22.41 -85.30
CA GLY F 122 31.65 -22.69 -84.51
C GLY F 122 31.09 -21.41 -83.93
N ASN F 123 29.85 -21.06 -84.30
CA ASN F 123 29.25 -19.81 -83.86
C ASN F 123 27.96 -20.06 -83.10
N VAL F 124 28.02 -20.83 -82.02
CA VAL F 124 26.88 -21.09 -81.16
C VAL F 124 27.11 -20.39 -79.83
N TRP F 125 26.22 -19.47 -79.48
CA TRP F 125 26.32 -18.70 -78.25
C TRP F 125 25.13 -18.99 -77.36
N ILE F 126 25.22 -18.54 -76.12
CA ILE F 126 24.13 -18.62 -75.15
C ILE F 126 24.00 -17.27 -74.45
N ALA F 127 22.78 -16.74 -74.40
CA ALA F 127 22.51 -15.45 -73.81
C ALA F 127 21.47 -15.62 -72.70
N LYS F 128 21.90 -15.41 -71.46
CA LYS F 128 21.02 -15.50 -70.30
C LYS F 128 21.36 -14.39 -69.33
N SER F 129 20.43 -14.10 -68.43
CA SER F 129 20.52 -12.97 -67.51
C SER F 129 20.79 -13.45 -66.09
N SER F 130 20.89 -12.48 -65.18
CA SER F 130 21.10 -12.75 -63.76
C SER F 130 19.80 -13.02 -63.02
N ALA F 131 18.66 -12.95 -63.69
CA ALA F 131 17.38 -13.19 -63.04
C ALA F 131 16.65 -14.36 -63.70
N GLY F 132 17.34 -15.48 -63.88
CA GLY F 132 16.75 -16.65 -64.48
C GLY F 132 17.14 -17.94 -63.79
N ALA F 133 16.17 -18.66 -63.27
CA ALA F 133 16.43 -19.92 -62.58
C ALA F 133 15.52 -21.02 -63.13
N ILE F 134 20.44 -19.85 -75.97
CA ILE F 134 21.22 -20.64 -76.92
C ILE F 134 20.72 -20.42 -78.33
N SER F 135 21.63 -20.09 -79.24
CA SER F 135 21.26 -19.83 -80.65
C SER F 135 22.53 -19.78 -81.51
N SER F 136 22.36 -19.66 -82.83
CA SER F 136 23.53 -19.53 -83.73
C SER F 136 23.41 -18.20 -84.50
N GLU F 137 22.24 -17.57 -84.42
CA GLU F 137 22.05 -16.30 -85.11
C GLU F 137 22.19 -15.16 -84.10
N ALA F 138 22.99 -14.15 -84.46
CA ALA F 138 23.15 -13.00 -83.59
C ALA F 138 21.85 -12.19 -83.50
N SER F 139 21.07 -12.16 -84.57
CA SER F 139 19.79 -11.46 -84.54
C SER F 139 18.79 -12.17 -83.63
N GLU F 140 18.75 -13.50 -83.69
CA GLU F 140 17.85 -14.26 -82.82
C GLU F 140 18.27 -14.14 -81.36
N LEU F 141 19.58 -14.08 -81.09
CA LEU F 141 20.05 -13.87 -79.73
C LEU F 141 19.68 -12.49 -79.22
N LEU F 142 19.90 -11.46 -80.04
CA LEU F 142 19.72 -10.09 -79.57
C LEU F 142 18.24 -9.75 -79.46
N ASP F 143 17.46 -10.04 -80.51
CA ASP F 143 16.04 -9.71 -80.50
C ASP F 143 15.33 -10.31 -79.29
N PHE F 144 15.85 -11.40 -78.75
CA PHE F 144 15.35 -11.91 -77.47
C PHE F 144 15.61 -10.92 -76.35
N ILE F 145 16.84 -10.41 -76.27
CA ILE F 145 17.26 -9.64 -75.11
C ILE F 145 16.44 -8.35 -74.98
N ASP F 146 16.12 -7.72 -76.11
CA ASP F 146 15.28 -6.51 -76.05
C ASP F 146 13.86 -6.82 -75.57
N GLU F 147 13.40 -8.06 -75.74
CA GLU F 147 12.10 -8.47 -75.21
C GLU F 147 12.13 -8.74 -73.72
N GLN F 148 13.28 -8.55 -73.07
CA GLN F 148 13.42 -8.70 -71.63
C GLN F 148 13.94 -7.39 -71.05
N GLY F 149 13.28 -6.92 -69.98
CA GLY F 149 13.69 -5.68 -69.35
C GLY F 149 14.81 -5.84 -68.35
N GLN F 150 15.73 -6.77 -68.63
CA GLN F 150 16.86 -7.03 -67.75
C GLN F 150 18.14 -7.16 -68.56
N VAL F 151 19.27 -7.00 -67.88
CA VAL F 151 20.57 -7.03 -68.52
C VAL F 151 20.99 -8.48 -68.72
N HIS F 152 21.48 -8.81 -69.91
CA HIS F 152 21.91 -10.16 -70.25
C HIS F 152 23.39 -10.16 -70.62
N VAL F 153 24.01 -11.33 -70.45
CA VAL F 153 25.37 -11.58 -70.90
C VAL F 153 25.33 -12.66 -71.96
N ILE F 154 26.04 -12.45 -73.06
CA ILE F 154 26.08 -13.39 -74.17
C ILE F 154 27.42 -14.12 -74.11
N GLN F 155 27.36 -15.41 -73.79
CA GLN F 155 28.55 -16.22 -73.55
C GLN F 155 28.71 -17.25 -74.66
N LYS F 156 29.97 -17.57 -74.97
CA LYS F 156 30.27 -18.61 -75.96
C LYS F 156 29.86 -19.96 -75.39
N TYR F 157 28.93 -20.63 -76.06
CA TYR F 157 28.51 -21.97 -75.68
C TYR F 157 29.56 -22.98 -76.14
N LEU F 158 30.15 -23.69 -75.18
CA LEU F 158 31.18 -24.69 -75.48
C LEU F 158 30.54 -25.84 -76.25
N GLU F 159 30.76 -25.86 -77.56
CA GLU F 159 30.12 -26.86 -78.42
C GLU F 159 30.72 -28.24 -78.26
N LYS F 160 31.90 -28.36 -77.65
CA LYS F 160 32.60 -29.63 -77.47
C LYS F 160 32.80 -29.87 -75.97
N PRO F 161 31.79 -30.35 -75.26
CA PRO F 161 31.97 -30.68 -73.84
C PRO F 161 32.39 -32.13 -73.66
N LEU F 162 32.96 -32.40 -72.48
CA LEU F 162 33.34 -33.77 -72.14
C LEU F 162 32.09 -34.58 -71.82
N LEU F 163 31.84 -35.60 -72.62
CA LEU F 163 30.65 -36.42 -72.47
C LEU F 163 30.94 -37.64 -71.60
N LEU F 164 29.87 -38.18 -71.02
CA LEU F 164 29.95 -39.23 -70.02
C LEU F 164 29.35 -40.50 -70.59
N GLU F 165 30.15 -41.58 -70.65
CA GLU F 165 29.69 -42.82 -71.23
C GLU F 165 29.53 -43.89 -70.16
N PRO F 166 28.47 -44.72 -70.24
CA PRO F 166 27.41 -44.72 -71.25
C PRO F 166 26.41 -43.58 -71.04
N GLY F 167 25.83 -43.05 -72.12
CA GLY F 167 24.85 -41.99 -71.99
C GLY F 167 25.05 -40.87 -73.00
N HIS F 168 26.30 -40.50 -73.28
CA HIS F 168 26.63 -39.44 -74.22
C HIS F 168 25.98 -38.12 -73.79
N ARG F 169 26.18 -37.77 -72.52
CA ARG F 169 25.51 -36.64 -71.90
C ARG F 169 26.52 -35.61 -71.42
N LYS F 170 26.02 -34.41 -71.16
CA LYS F 170 26.83 -33.30 -70.67
C LYS F 170 26.61 -33.10 -69.18
N PHE F 171 27.57 -32.41 -68.55
CA PHE F 171 27.55 -32.22 -67.10
C PHE F 171 28.43 -31.02 -66.76
N ASP F 172 28.14 -30.44 -65.59
CA ASP F 172 29.00 -29.42 -65.00
C ASP F 172 29.48 -29.89 -63.63
N ILE F 173 30.41 -29.12 -63.05
CA ILE F 173 30.97 -29.43 -61.74
C ILE F 173 30.69 -28.26 -60.81
N ARG F 174 30.27 -28.57 -59.60
CA ARG F 174 30.02 -27.59 -58.55
C ARG F 174 31.02 -27.80 -57.42
N SER F 175 31.72 -26.73 -57.05
CA SER F 175 32.68 -26.75 -55.96
C SER F 175 32.29 -25.71 -54.93
N TRP F 176 32.35 -26.10 -53.66
CA TRP F 176 32.00 -25.23 -52.55
C TRP F 176 33.28 -24.68 -51.92
N VAL F 177 33.36 -23.35 -51.81
CA VAL F 177 34.55 -22.67 -51.30
C VAL F 177 34.12 -21.82 -50.10
N LEU F 178 34.88 -21.92 -49.02
CA LEU F 178 34.62 -21.14 -47.81
C LEU F 178 35.80 -20.21 -47.55
N VAL F 179 35.52 -18.92 -47.42
CA VAL F 179 36.50 -17.92 -47.07
C VAL F 179 36.16 -17.40 -45.68
N ASP F 180 37.15 -17.41 -44.78
CA ASP F 180 36.93 -17.00 -43.40
C ASP F 180 37.35 -15.55 -43.19
N HIS F 181 37.32 -15.11 -41.94
CA HIS F 181 37.63 -13.71 -41.61
C HIS F 181 39.07 -13.35 -41.93
N LEU F 182 39.97 -14.32 -41.99
CA LEU F 182 41.37 -14.07 -42.33
C LEU F 182 41.64 -14.22 -43.83
N TYR F 183 40.58 -14.32 -44.63
CA TYR F 183 40.68 -14.54 -46.08
C TYR F 183 41.50 -15.80 -46.40
N ASN F 184 41.34 -16.83 -45.59
CA ASN F 184 41.79 -18.16 -45.97
C ASN F 184 40.80 -18.76 -46.95
N ILE F 185 41.31 -19.41 -47.98
CA ILE F 185 40.47 -19.99 -49.03
C ILE F 185 40.48 -21.50 -48.84
N TYR F 186 39.38 -22.01 -48.28
CA TYR F 186 39.22 -23.45 -48.06
C TYR F 186 38.34 -24.02 -49.17
N LEU F 187 38.85 -25.04 -49.86
CA LEU F 187 38.09 -25.74 -50.88
C LEU F 187 37.56 -27.04 -50.29
N TYR F 188 36.24 -27.21 -50.32
CA TYR F 188 35.63 -28.44 -49.83
C TYR F 188 36.09 -29.61 -50.68
N ARG F 189 36.59 -30.65 -50.03
CA ARG F 189 37.14 -31.81 -50.73
C ARG F 189 36.11 -32.54 -51.57
N GLU F 190 34.83 -32.32 -51.31
CA GLU F 190 33.76 -33.01 -52.02
C GLU F 190 33.11 -32.09 -53.03
N GLY F 191 32.92 -32.60 -54.25
CA GLY F 191 32.25 -31.81 -55.30
C GLY F 191 31.12 -32.63 -55.90
N VAL F 192 30.23 -31.97 -56.63
CA VAL F 192 29.06 -32.67 -57.21
C VAL F 192 29.10 -32.55 -58.74
N LEU F 193 28.43 -33.47 -59.42
CA LEU F 193 28.38 -33.44 -60.87
C LEU F 193 26.91 -33.42 -61.28
N ARG F 194 26.41 -32.25 -61.66
CA ARG F 194 25.04 -32.11 -62.15
C ARG F 194 25.01 -32.63 -63.59
N THR F 195 24.80 -33.93 -63.74
CA THR F 195 24.82 -34.57 -65.04
C THR F 195 23.45 -34.50 -65.71
N SER F 196 23.46 -34.70 -67.02
CA SER F 196 22.23 -34.78 -67.82
C SER F 196 21.91 -36.24 -68.11
N SER F 197 20.62 -36.49 -68.38
CA SER F 197 20.16 -37.82 -68.75
C SER F 197 19.84 -37.95 -70.23
N GLU F 198 19.68 -36.84 -70.95
CA GLU F 198 19.39 -36.88 -72.38
C GLU F 198 20.70 -36.85 -73.16
N PRO F 199 20.89 -37.78 -74.09
CA PRO F 199 22.09 -37.74 -74.94
C PRO F 199 22.29 -36.37 -75.58
N TYR F 200 23.49 -35.83 -75.42
CA TYR F 200 23.82 -34.50 -75.95
C TYR F 200 23.69 -34.46 -77.47
N ASN F 201 22.66 -33.80 -77.97
CA ASN F 201 22.43 -33.65 -79.40
C ASN F 201 22.91 -32.27 -79.84
N SER F 202 23.94 -32.25 -80.69
CA SER F 202 24.52 -30.99 -81.17
C SER F 202 23.70 -30.46 -82.34
N ALA F 203 22.48 -30.05 -82.01
CA ALA F 203 21.56 -29.49 -83.01
C ALA F 203 20.49 -28.64 -82.34
N ASP F 204 15.75 -27.55 -78.55
CA ASP F 204 15.96 -28.41 -77.39
C ASP F 204 16.65 -27.63 -76.27
N LYS F 205 16.11 -27.75 -75.05
CA LYS F 205 16.62 -27.03 -73.89
C LYS F 205 16.62 -27.93 -72.67
N THR F 206 17.01 -29.19 -72.85
CA THR F 206 17.05 -30.14 -71.73
C THR F 206 18.42 -30.81 -71.65
N CYS F 207 18.89 -31.36 -72.77
CA CYS F 207 20.21 -31.95 -72.82
C CYS F 207 21.33 -30.91 -72.87
N HIS F 208 20.98 -29.62 -72.97
CA HIS F 208 21.96 -28.55 -72.99
C HIS F 208 22.09 -27.83 -71.65
N LEU F 209 21.03 -27.79 -70.85
CA LEU F 209 21.03 -27.15 -69.54
C LEU F 209 20.86 -28.22 -68.47
N THR F 210 21.80 -28.26 -67.51
CA THR F 210 21.78 -29.32 -66.45
C THR F 210 21.86 -28.66 -65.06
N ASN F 211 20.91 -27.75 -64.77
CA ASN F 211 20.90 -27.00 -63.49
C ASN F 211 19.89 -27.60 -62.52
N HIS F 212 19.72 -28.92 -62.52
CA HIS F 212 18.84 -29.65 -61.62
C HIS F 212 17.36 -29.31 -61.81
N CYS F 213 17.03 -28.02 -61.81
CA CYS F 213 15.63 -27.60 -61.94
C CYS F 213 15.04 -28.06 -63.27
N ILE F 214 15.85 -28.05 -64.33
CA ILE F 214 15.36 -28.48 -65.64
C ILE F 214 15.23 -30.00 -65.71
N GLN F 215 15.93 -30.73 -64.84
CA GLN F 215 15.89 -32.18 -64.85
C GLN F 215 15.45 -32.74 -63.51
N TYR F 216 20.49 -42.93 -65.03
CA TYR F 216 21.88 -43.34 -64.87
C TYR F 216 22.29 -43.33 -63.40
N GLU F 217 22.54 -42.13 -62.87
CA GLU F 217 22.89 -41.95 -61.47
C GLU F 217 21.71 -41.32 -60.72
N GLU F 218 21.70 -41.54 -59.41
CA GLU F 218 20.60 -41.08 -58.57
C GLU F 218 20.63 -39.56 -58.44
N GLY F 219 19.50 -38.92 -58.72
CA GLY F 219 19.43 -37.48 -58.76
C GLY F 219 20.30 -36.79 -59.79
N ASN F 220 20.85 -37.53 -60.76
CA ASN F 220 21.78 -36.97 -61.76
C ASN F 220 22.95 -36.28 -61.08
N GLU F 221 23.40 -36.86 -59.97
CA GLU F 221 24.49 -36.31 -59.15
C GLU F 221 25.52 -37.41 -58.93
N MET F 222 26.63 -37.34 -59.66
CA MET F 222 27.78 -38.20 -59.44
C MET F 222 28.81 -37.46 -58.60
N PHE F 223 29.44 -38.17 -57.67
CA PHE F 223 30.35 -37.56 -56.72
C PHE F 223 31.79 -37.80 -57.17
N PHE F 224 32.72 -37.30 -56.37
CA PHE F 224 34.12 -37.25 -56.81
C PHE F 224 34.78 -38.63 -56.81
N GLU F 225 34.39 -39.51 -55.89
CA GLU F 225 34.99 -40.85 -55.86
C GLU F 225 34.62 -41.65 -57.09
N GLU F 226 33.36 -41.55 -57.53
CA GLU F 226 32.92 -42.29 -58.71
C GLU F 226 33.47 -41.67 -59.98
N PHE F 227 33.47 -40.33 -60.06
CA PHE F 227 33.97 -39.66 -61.26
C PHE F 227 35.46 -39.87 -61.44
N ASN F 228 36.21 -39.98 -60.33
CA ASN F 228 37.65 -40.23 -60.44
C ASN F 228 37.93 -41.59 -61.06
N GLN F 229 37.12 -42.60 -60.72
CA GLN F 229 37.31 -43.92 -61.28
C GLN F 229 36.99 -43.95 -62.77
N TYR F 230 36.02 -43.14 -63.21
CA TYR F 230 35.70 -43.08 -64.63
C TYR F 230 36.86 -42.54 -65.44
N LEU F 231 37.47 -41.45 -64.97
CA LEU F 231 38.64 -40.89 -65.65
C LEU F 231 39.80 -41.86 -65.63
N MET F 232 39.92 -42.68 -64.58
CA MET F 232 41.01 -43.63 -64.49
C MET F 232 40.85 -44.77 -65.49
N ASP F 233 39.60 -45.20 -65.73
CA ASP F 233 39.35 -46.32 -66.62
C ASP F 233 39.20 -45.90 -68.08
N ALA F 234 38.50 -44.78 -68.33
CA ALA F 234 38.20 -44.37 -69.69
C ALA F 234 39.32 -43.54 -70.30
N LEU F 235 39.70 -42.44 -69.65
CA LEU F 235 40.68 -41.51 -70.18
C LEU F 235 42.09 -41.74 -69.65
N ASN F 236 42.28 -42.68 -68.72
CA ASN F 236 43.58 -43.00 -68.15
C ASN F 236 44.20 -41.76 -67.49
N THR F 237 43.46 -41.15 -66.57
CA THR F 237 43.92 -39.98 -65.85
C THR F 237 43.18 -39.92 -64.51
N THR F 238 43.61 -38.99 -63.66
CA THR F 238 43.01 -38.80 -62.36
C THR F 238 42.30 -37.45 -62.30
N LEU F 239 41.31 -37.36 -61.39
CA LEU F 239 40.58 -36.12 -61.21
C LEU F 239 41.48 -35.01 -60.69
N GLU F 240 42.48 -35.36 -59.87
CA GLU F 240 43.38 -34.35 -59.33
C GLU F 240 44.23 -33.71 -60.41
N ASN F 241 44.73 -34.51 -61.34
CA ASN F 241 45.67 -34.00 -62.34
C ASN F 241 44.96 -33.24 -63.46
N SER F 242 43.86 -33.77 -63.96
CA SER F 242 43.24 -33.24 -65.17
C SER F 242 42.17 -32.18 -64.91
N ILE F 243 41.69 -32.03 -63.69
CA ILE F 243 40.57 -31.13 -63.43
C ILE F 243 40.83 -30.26 -62.20
N LEU F 244 41.27 -30.89 -61.11
CA LEU F 244 41.39 -30.17 -59.84
C LEU F 244 42.51 -29.16 -59.85
N LEU F 245 43.58 -29.40 -60.63
CA LEU F 245 44.64 -28.42 -60.73
C LEU F 245 44.13 -27.10 -61.31
N GLN F 246 43.23 -27.19 -62.30
CA GLN F 246 42.68 -25.98 -62.91
C GLN F 246 41.60 -25.35 -62.02
N ILE F 247 40.79 -26.18 -61.36
CA ILE F 247 39.73 -25.65 -60.50
C ILE F 247 40.34 -24.86 -59.34
N LYS F 248 41.37 -25.43 -58.71
CA LYS F 248 42.02 -24.72 -57.61
C LYS F 248 42.69 -23.44 -58.07
N HIS F 249 43.10 -23.39 -59.35
CA HIS F 249 43.71 -22.18 -59.88
C HIS F 249 42.68 -21.10 -60.16
N ILE F 250 41.51 -21.48 -60.68
CA ILE F 250 40.48 -20.51 -60.99
C ILE F 250 39.90 -19.90 -59.71
N ILE F 251 39.69 -20.73 -58.68
CA ILE F 251 39.16 -20.23 -57.42
C ILE F 251 40.15 -19.25 -56.79
N ARG F 252 41.45 -19.57 -56.87
CA ARG F 252 42.46 -18.68 -56.30
C ARG F 252 42.48 -17.34 -57.04
N SER F 253 42.45 -17.37 -58.36
CA SER F 253 42.60 -16.14 -59.14
C SER F 253 41.42 -15.20 -58.94
N CYS F 254 40.21 -15.74 -58.78
CA CYS F 254 39.03 -14.89 -58.63
C CYS F 254 38.99 -14.24 -57.26
N LEU F 255 39.25 -15.01 -56.21
CA LEU F 255 39.15 -14.47 -54.86
C LEU F 255 40.32 -13.55 -54.52
N MET F 256 41.50 -13.86 -55.03
CA MET F 256 42.65 -12.99 -54.78
CA MET F 256 42.65 -12.99 -54.79
C MET F 256 42.50 -11.64 -55.48
N CYS F 257 41.75 -11.61 -56.59
CA CYS F 257 41.58 -10.37 -57.33
C CYS F 257 40.78 -9.35 -56.52
N ILE F 258 39.77 -9.80 -55.78
CA ILE F 258 38.88 -8.90 -55.04
C ILE F 258 39.24 -8.85 -53.56
N GLU F 259 40.34 -9.45 -53.15
CA GLU F 259 40.72 -9.42 -51.73
C GLU F 259 40.89 -8.00 -51.20
N PRO F 260 41.65 -7.10 -51.85
CA PRO F 260 41.81 -5.75 -51.28
C PRO F 260 40.51 -4.95 -51.24
N ALA F 261 39.44 -5.42 -51.88
CA ALA F 261 38.18 -4.70 -51.92
C ALA F 261 37.16 -5.19 -50.91
N ILE F 262 37.21 -6.47 -50.53
CA ILE F 262 36.20 -7.04 -49.65
C ILE F 262 36.75 -7.56 -48.34
N SER F 263 38.08 -7.64 -48.19
CA SER F 263 38.65 -8.21 -46.97
C SER F 263 38.24 -7.39 -45.75
N THR F 264 37.88 -8.09 -44.67
CA THR F 264 37.45 -7.45 -43.44
C THR F 264 38.54 -7.43 -42.38
N LYS F 265 39.78 -7.73 -42.74
CA LYS F 265 40.90 -7.51 -41.83
C LYS F 265 41.04 -6.01 -41.56
N HIS F 266 41.27 -5.67 -40.30
CA HIS F 266 41.35 -4.30 -39.78
C HIS F 266 40.00 -3.59 -39.79
N LEU F 267 38.91 -4.30 -40.06
CA LEU F 267 37.57 -3.73 -40.01
C LEU F 267 36.95 -3.94 -38.64
N HIS F 268 35.94 -3.12 -38.33
CA HIS F 268 35.26 -3.23 -37.04
C HIS F 268 34.34 -4.44 -36.96
N TYR F 269 34.09 -5.12 -38.07
CA TYR F 269 33.36 -6.38 -38.08
C TYR F 269 34.07 -7.34 -39.04
N GLN F 270 33.84 -8.63 -38.83
CA GLN F 270 34.46 -9.67 -39.63
C GLN F 270 33.42 -10.38 -40.47
N SER F 271 33.86 -10.87 -41.63
CA SER F 271 32.97 -11.56 -42.56
C SER F 271 33.57 -12.90 -42.97
N PHE F 272 32.68 -13.85 -43.26
CA PHE F 272 33.02 -15.07 -43.97
C PHE F 272 31.91 -15.35 -44.96
N GLN F 273 32.16 -16.25 -45.91
CA GLN F 273 31.14 -16.55 -46.89
C GLN F 273 31.40 -17.90 -47.53
N LEU F 274 30.32 -18.65 -47.75
CA LEU F 274 30.37 -19.89 -48.51
C LEU F 274 30.05 -19.59 -49.97
N PHE F 275 30.94 -19.99 -50.87
CA PHE F 275 30.79 -19.71 -52.29
C PHE F 275 30.52 -21.00 -53.06
N GLY F 276 29.87 -20.85 -54.21
CA GLY F 276 29.63 -21.96 -55.11
C GLY F 276 30.13 -21.68 -56.50
N PHE F 277 31.09 -22.47 -56.97
CA PHE F 277 31.70 -22.30 -58.27
C PHE F 277 31.20 -23.39 -59.22
N ASP F 278 30.73 -22.99 -60.39
CA ASP F 278 30.26 -23.91 -61.41
C ASP F 278 31.27 -23.96 -62.54
N PHE F 279 31.65 -25.16 -62.97
CA PHE F 279 32.70 -25.36 -63.94
C PHE F 279 32.22 -26.21 -65.10
N MET F 280 32.82 -25.99 -66.26
CA MET F 280 32.63 -26.81 -67.45
C MET F 280 33.94 -27.50 -67.80
N VAL F 281 33.85 -28.75 -68.23
CA VAL F 281 35.01 -29.50 -68.70
C VAL F 281 34.78 -29.84 -70.17
N ASP F 282 35.60 -29.29 -71.05
CA ASP F 282 35.43 -29.50 -72.48
C ASP F 282 36.07 -30.82 -72.89
N GLU F 283 36.06 -31.08 -74.20
CA GLU F 283 36.59 -32.33 -74.73
C GLU F 283 38.09 -32.47 -74.48
N GLU F 284 38.81 -31.37 -74.31
CA GLU F 284 40.26 -31.39 -74.13
C GLU F 284 40.66 -31.47 -72.66
N LEU F 285 39.72 -31.78 -71.76
CA LEU F 285 39.99 -31.79 -70.32
C LEU F 285 40.50 -30.43 -69.84
N LYS F 286 39.91 -29.37 -70.36
CA LYS F 286 40.18 -28.01 -69.94
C LYS F 286 38.97 -27.48 -69.18
N VAL F 287 39.22 -26.87 -68.03
CA VAL F 287 38.15 -26.42 -67.14
C VAL F 287 37.79 -24.98 -67.47
N TRP F 288 36.49 -24.71 -67.57
CA TRP F 288 35.97 -23.38 -67.82
C TRP F 288 35.08 -22.95 -66.67
N LEU F 289 35.12 -21.67 -66.32
CA LEU F 289 34.30 -21.12 -65.24
C LEU F 289 32.97 -20.66 -65.80
N ILE F 290 31.88 -21.22 -65.28
CA ILE F 290 30.54 -20.79 -65.68
C ILE F 290 30.15 -19.52 -64.92
N GLU F 291 30.07 -19.62 -63.59
CA GLU F 291 29.61 -18.53 -62.75
C GLU F 291 29.99 -18.84 -61.31
N VAL F 292 29.76 -17.86 -60.44
CA VAL F 292 29.98 -17.99 -59.01
C VAL F 292 28.67 -17.66 -58.31
N ASN F 293 28.31 -18.48 -57.33
CA ASN F 293 27.06 -18.33 -56.58
C ASN F 293 27.35 -17.84 -55.18
N GLY F 294 26.72 -16.74 -54.78
CA GLY F 294 26.92 -16.18 -53.45
C GLY F 294 26.14 -16.86 -52.36
N ALA F 295 25.04 -17.53 -52.69
CA ALA F 295 24.22 -18.27 -51.74
C ALA F 295 23.94 -19.66 -52.31
N PRO F 296 24.93 -20.54 -52.31
CA PRO F 296 24.74 -21.84 -52.94
C PRO F 296 24.01 -22.82 -52.05
N ALA F 297 23.30 -23.73 -52.69
CA ALA F 297 22.67 -24.87 -52.01
C ALA F 297 23.58 -26.08 -52.12
N CYS F 298 23.63 -26.88 -51.07
CA CYS F 298 24.52 -28.02 -51.02
C CYS F 298 23.82 -29.28 -51.50
N ALA F 299 24.59 -30.36 -51.60
CA ALA F 299 24.04 -31.67 -51.94
C ALA F 299 23.48 -32.32 -50.69
N GLN F 300 22.35 -33.02 -50.84
CA GLN F 300 21.64 -33.57 -49.69
C GLN F 300 22.48 -34.55 -48.90
N LYS F 301 23.36 -35.30 -49.59
CA LYS F 301 24.23 -36.23 -48.89
C LYS F 301 25.40 -35.52 -48.20
N LEU F 302 25.75 -34.31 -48.63
CA LEU F 302 26.86 -33.57 -48.06
C LEU F 302 26.40 -32.36 -47.24
N TYR F 303 25.14 -32.34 -46.81
CA TYR F 303 24.66 -31.20 -46.03
C TYR F 303 25.30 -31.17 -44.65
N ALA F 304 25.41 -32.31 -43.99
CA ALA F 304 26.25 -32.41 -42.81
C ALA F 304 27.71 -32.29 -43.22
N GLU F 305 28.61 -32.44 -42.24
CA GLU F 305 30.05 -32.37 -42.48
C GLU F 305 30.45 -31.00 -43.02
N LEU F 306 29.93 -30.62 -44.20
CA LEU F 306 30.20 -29.29 -44.74
C LEU F 306 29.66 -28.21 -43.80
N CYS F 307 28.40 -28.34 -43.38
CA CYS F 307 27.87 -27.41 -42.39
C CYS F 307 28.62 -27.53 -41.07
N GLN F 308 29.03 -28.76 -40.72
CA GLN F 308 29.92 -28.94 -39.58
C GLN F 308 31.26 -28.26 -39.81
N GLY F 309 31.81 -28.40 -41.02
CA GLY F 309 33.07 -27.75 -41.33
C GLY F 309 32.98 -26.23 -41.30
N ILE F 310 31.81 -25.68 -41.64
CA ILE F 310 31.63 -24.23 -41.57
C ILE F 310 31.70 -23.75 -40.13
N VAL F 311 31.08 -24.49 -39.20
CA VAL F 311 31.13 -24.13 -37.79
C VAL F 311 32.56 -24.22 -37.26
N ASP F 312 33.34 -25.15 -37.79
CA ASP F 312 34.69 -25.36 -37.28
C ASP F 312 35.63 -24.21 -37.64
N VAL F 313 35.86 -24.00 -38.94
CA VAL F 313 36.91 -23.08 -39.37
C VAL F 313 36.42 -21.65 -39.58
N ALA F 314 35.12 -21.40 -39.53
CA ALA F 314 34.59 -20.06 -39.74
C ALA F 314 33.93 -19.46 -38.51
N ILE F 315 33.15 -20.23 -37.76
CA ILE F 315 32.43 -19.70 -36.61
C ILE F 315 33.24 -19.93 -35.35
N SER F 316 33.61 -21.19 -35.08
CA SER F 316 34.40 -21.49 -33.90
C SER F 316 35.82 -20.93 -33.99
N SER F 317 36.24 -20.48 -35.18
CA SER F 317 37.55 -19.85 -35.30
C SER F 317 37.61 -18.52 -34.53
N VAL F 318 36.55 -17.72 -34.64
CA VAL F 318 36.49 -16.46 -33.91
C VAL F 318 35.77 -16.59 -32.57
N PHE F 319 34.95 -17.62 -32.39
CA PHE F 319 34.22 -17.85 -31.14
C PHE F 319 34.52 -19.27 -30.67
N PRO F 320 35.67 -19.49 -30.05
CA PRO F 320 36.02 -20.85 -29.61
C PRO F 320 35.14 -21.32 -28.47
N LEU F 321 34.92 -22.62 -28.43
CA LEU F 321 34.08 -23.24 -27.40
C LEU F 321 34.92 -24.19 -26.56
N ALA F 322 34.38 -24.55 -25.40
CA ALA F 322 35.07 -25.45 -24.48
C ALA F 322 35.04 -26.88 -24.99
N THR F 323 40.11 -34.93 -38.73
CA THR F 323 40.60 -34.66 -40.09
C THR F 323 39.96 -33.40 -40.66
N SER F 324 40.60 -32.81 -41.66
CA SER F 324 40.12 -31.61 -42.32
C SER F 324 39.38 -31.98 -43.59
N ILE F 325 38.14 -31.47 -43.71
CA ILE F 325 37.35 -31.70 -44.92
C ILE F 325 37.54 -30.61 -45.96
N PHE F 326 38.45 -29.66 -45.71
CA PHE F 326 38.74 -28.58 -46.63
C PHE F 326 40.19 -28.65 -47.09
N ILE F 327 40.44 -28.15 -48.30
CA ILE F 327 41.77 -28.01 -48.85
C ILE F 327 42.13 -26.53 -48.81
N LYS F 328 43.14 -26.18 -48.03
CA LYS F 328 43.56 -24.79 -47.92
C LYS F 328 44.30 -24.38 -49.19
N LEU F 329 43.77 -23.37 -49.88
CA LEU F 329 44.39 -22.86 -51.11
C LEU F 329 45.41 -21.80 -50.72
N HIS F 330 46.69 -22.19 -50.71
CA HIS F 330 47.76 -21.28 -50.30
C HIS F 330 47.83 -20.06 -51.22
N HIS F 331 47.52 -18.89 -50.67
CA HIS F 331 47.50 -17.64 -51.42
C HIS F 331 48.47 -16.65 -50.80
N HIS F 332 48.55 -15.47 -51.41
CA HIS F 332 49.44 -14.40 -50.96
C HIS F 332 50.89 -14.86 -50.89
PG GTP G . 22.54 19.85 -21.87
O1G GTP G . 22.00 21.25 -21.75
O2G GTP G . 23.50 19.50 -20.78
O3G GTP G . 21.45 18.83 -22.05
O3B GTP G . 23.38 19.81 -23.24
PB GTP G . 24.94 19.89 -23.58
O1B GTP G . 25.66 20.41 -22.38
O2B GTP G . 25.10 20.57 -24.89
O3A GTP G . 25.30 18.35 -23.76
PA GTP G . 26.67 17.57 -24.00
O1A GTP G . 27.07 16.89 -22.73
O2A GTP G . 27.64 18.50 -24.64
O5' GTP G . 26.20 16.46 -25.05
C5' GTP G . 26.23 15.07 -24.67
C4' GTP G . 26.92 14.26 -25.74
O4' GTP G . 28.19 14.88 -26.03
C3' GTP G . 27.24 12.81 -25.38
O3' GTP G . 27.25 11.98 -26.54
C2' GTP G . 28.64 12.94 -24.77
O2' GTP G . 29.38 11.74 -24.86
C1' GTP G . 29.25 14.03 -25.65
N9 GTP G . 30.26 14.83 -24.97
C8 GTP G . 30.07 15.62 -23.87
N7 GTP G . 31.15 16.24 -23.48
C5 GTP G . 32.12 15.83 -24.38
C6 GTP G . 33.49 16.17 -24.47
O6 GTP G . 34.15 16.92 -23.74
N1 GTP G . 34.10 15.53 -25.55
C2 GTP G . 33.48 14.68 -26.43
N2 GTP G . 34.24 14.16 -27.40
N3 GTP G . 32.19 14.35 -26.35
C4 GTP G . 31.58 14.97 -25.31
MG MG H . 25.74 19.95 -20.38
CA CA I . 50.34 41.89 -34.65
PB GDP J . 1.38 7.24 9.26
O1B GDP J . 2.22 7.59 10.46
O2B GDP J . 1.91 7.84 8.00
O3B GDP J . -0.07 7.53 9.47
O3A GDP J . 1.50 5.65 9.11
PA GDP J . 2.73 4.63 9.07
O1A GDP J . 2.83 3.93 10.38
O2A GDP J . 3.93 5.35 8.56
O5' GDP J . 2.22 3.61 7.94
C5' GDP J . 2.06 2.21 8.28
C4' GDP J . 2.67 1.38 7.17
O4' GDP J . 4.07 1.73 7.04
C3' GDP J . 2.66 -0.14 7.39
O3' GDP J . 2.66 -0.83 6.15
C2' GDP J . 3.97 -0.34 8.14
O2' GDP J . 4.45 -1.67 8.01
C1' GDP J . 4.88 0.65 7.44
N9 GDP J . 5.94 1.18 8.28
C8 GDP J . 5.80 1.91 9.43
N7 GDP J . 6.94 2.25 9.97
C5 GDP J . 7.90 1.71 9.11
C6 GDP J . 9.31 1.77 9.18
O6 GDP J . 10.02 2.31 10.03
N1 GDP J . 9.89 1.09 8.10
C2 GDP J . 9.21 0.44 7.11
N2 GDP J . 9.94 -0.15 6.16
N3 GDP J . 7.87 0.40 7.04
C4 GDP J . 7.29 1.05 8.07
MG MG K . 1.84 3.22 12.55
PG GTP L . -31.36 -1.32 39.49
O1G GTP L . -30.82 -1.67 40.84
O2G GTP L . -31.69 0.12 39.35
O3G GTP L . -32.48 -2.21 39.07
O3B GTP L . -30.17 -1.60 38.45
PB GTP L . -28.60 -1.84 38.61
O1B GTP L . -28.17 -1.37 39.96
O2B GTP L . -27.91 -1.32 37.41
O3A GTP L . -28.55 -3.43 38.58
PA GTP L . -27.35 -4.51 38.58
O1A GTP L . -27.38 -5.24 39.88
O2A GTP L . -26.09 -3.83 38.18
O5' GTP L . -27.83 -5.48 37.41
C5' GTP L . -28.20 -6.85 37.73
C4' GTP L . -27.42 -7.79 36.85
O4' GTP L . -26.01 -7.46 36.93
C3' GTP L . -27.51 -9.28 37.20
O3' GTP L . -27.39 -10.08 36.04
C2' GTP L . -26.31 -9.46 38.13
O2' GTP L . -25.83 -10.78 38.15
C1' GTP L . -25.29 -8.51 37.52
N9 GTP L . -24.36 -7.94 38.48
C8 GTP L . -24.68 -7.15 39.56
N7 GTP L . -23.63 -6.78 40.26
C5 GTP L . -22.56 -7.37 39.60
C6 GTP L . -21.18 -7.32 39.89
O6 GTP L . -20.60 -6.74 40.82
N1 GTP L . -20.44 -8.06 38.97
C2 GTP L . -20.96 -8.75 37.91
N2 GTP L . -20.09 -9.40 37.13
N3 GTP L . -22.26 -8.80 37.62
C4 GTP L . -22.99 -8.09 38.50
MG MG M . -29.54 -1.20 42.22
CA CA N . 3.00 13.86 36.56
PB GDP O . -62.68 -7.33 62.34
O1B GDP O . -62.28 -7.22 63.78
O2B GDP O . -61.98 -6.34 61.47
O3B GDP O . -64.17 -7.32 62.14
O3A GDP O . -62.17 -8.78 61.87
PA GDP O . -62.12 -10.18 62.63
O1A GDP O . -63.36 -10.28 63.45
O2A GDP O . -60.80 -10.31 63.31
O5' GDP O . -62.20 -11.21 61.41
C5' GDP O . -62.87 -12.48 61.62
C4' GDP O . -62.12 -13.55 60.87
O4' GDP O . -60.71 -13.44 61.20
C3' GDP O . -62.50 -15.01 61.20
O3' GDP O . -62.35 -15.84 60.07
C2' GDP O . -61.51 -15.36 62.31
O2' GDP O . -61.26 -16.74 62.39
C1' GDP O . -60.27 -14.60 61.86
N9 GDP O . -59.41 -14.19 62.96
C8 GDP O . -59.73 -13.35 64.00
N7 GDP O . -58.75 -13.16 64.84
C5 GDP O . -57.70 -13.91 64.32
C6 GDP O . -56.39 -14.09 64.80
O6 GDP O . -55.87 -13.60 65.81
N1 GDP O . -55.66 -14.93 63.98
C2 GDP O . -56.13 -15.54 62.83
N2 GDP O . -55.27 -16.32 62.18
N3 GDP O . -57.37 -15.38 62.38
C4 GDP O . -58.10 -14.55 63.17
PG ACP P . 23.43 -22.67 -61.63
O1G ACP P . 23.60 -21.97 -60.32
O2G ACP P . 23.14 -24.13 -61.46
O3G ACP P . 24.61 -22.44 -62.54
PB ACP P . 22.33 -20.55 -63.53
O1B ACP P . 22.89 -19.43 -62.72
O2B ACP P . 21.08 -20.25 -64.30
C3B ACP P . 21.98 -21.95 -62.41
PA ACP P . 23.95 -20.68 -65.97
O1A ACP P . 22.84 -19.98 -66.67
O2A ACP P . 25.26 -19.98 -65.82
O3A ACP P . 23.44 -21.12 -64.52
O5' ACP P . 24.18 -22.11 -66.64
C5' ACP P . 23.20 -23.15 -66.40
C4' ACP P . 23.59 -24.37 -67.20
O4' ACP P . 23.68 -24.01 -68.60
C3' ACP P . 24.96 -24.99 -66.86
O3' ACP P . 24.83 -25.96 -65.84
C2' ACP P . 25.37 -25.61 -68.19
O2' ACP P . 24.82 -26.90 -68.37
C1' ACP P . 24.79 -24.64 -69.20
N9 ACP P . 25.71 -23.62 -69.66
C8 ACP P . 25.80 -22.32 -69.18
N7 ACP P . 26.72 -21.61 -69.79
C5 ACP P . 27.27 -22.48 -70.72
C6 ACP P . 28.29 -22.32 -71.67
N6 ACP P . 28.97 -21.19 -71.85
N1 ACP P . 28.60 -23.38 -72.45
C2 ACP P . 27.92 -24.52 -72.27
N3 ACP P . 26.93 -24.78 -71.41
C4 ACP P . 26.65 -23.71 -70.65
#